data_5Z06
#
_entry.id   5Z06
#
_cell.length_a   130.080
_cell.length_b   123.337
_cell.length_c   101.376
_cell.angle_alpha   90.00
_cell.angle_beta   107.88
_cell.angle_gamma   90.00
#
_symmetry.space_group_name_H-M   'C 1 2 1'
#
loop_
_entity.id
_entity.type
_entity.pdbx_description
1 polymer 'BDI_3064 protein'
2 non-polymer 'CALCIUM ION'
3 non-polymer GLYCEROL
4 water water
#
_entity_poly.entity_id   1
_entity_poly.type   'polypeptide(L)'
_entity_poly.pdbx_seq_one_letter_code
;MVEKPYDYVFFENSLMKGDYFYSQAKYTSPSWIKNARHHLPVAGSVAFTPGNSLELTYVSAPGGDWYSEIQYCPVRGNDF
FREPSTLSMQVRLRESMNAAALPNIAIRYADSTYTQYLNLRNYLKDTRPGVWHPVSIPLEDFGLNAVNDTNIKKLAAVAL
RPGTADGNEYTIYLDDIELLPASLPSVSALNAPVLQEAKAYERHIDIKWIPQSKEDIKYYRIYRSFDGITYQPVAVRRPW
MNRYTDFLGEVGKKAYYKVTAVDYALNESNDSQTVSATTYPMTDEQLLDMVQEANFRYYWEGAEPNSGLARENIPGRNDM
IATGASGFGIMAIVAGIERGFITREEGVQRFLKITSFLEKADKFHGAVSHFIDGTTGKTVAFFGPKDNGGDLVETSFLFQ
GLLTARQYFNQENDKEKQIRKSIDNLWKNVEWSWYKQFKDSPYLYWHWSPDQAWVINHKLIGWNETMITYMLAIMGPKYG
ISPEMYYSGWASQEEYAQEYRADWGRVEDGKMYTNGNTYYGENLKVGVSNGGPLFFIHYSYLGLDPHKFTDKYTNYFENN
QKMAKINQRYCIENQGGYVGYGEDCWGLTASDFAWNYQAQEPMPHRDNGTMAPTGALASFPYTPDASMKALRNYYRNHGS
FLWGEYGFRDAFNLTVNWVSPLFMGLNQAPVTVMIENYRTNLLWNLFMSHPDVQKGIQKIQSIKLEHHHHHH
;
_entity_poly.pdbx_strand_id   A,B
#
# COMPACT_ATOMS: atom_id res chain seq x y z
N LYS A 4 -33.27 19.60 2.50
CA LYS A 4 -33.50 18.35 3.33
C LYS A 4 -32.56 18.30 4.52
N PRO A 5 -33.06 17.83 5.67
CA PRO A 5 -32.14 17.71 6.78
C PRO A 5 -31.35 16.38 6.73
N TYR A 6 -30.07 16.48 7.03
CA TYR A 6 -29.27 15.29 7.31
C TYR A 6 -29.51 14.78 8.73
N ASP A 7 -29.20 13.52 8.94
CA ASP A 7 -28.92 13.07 10.30
C ASP A 7 -27.47 13.43 10.59
N TYR A 8 -27.22 13.91 11.80
CA TYR A 8 -25.88 14.17 12.27
C TYR A 8 -25.26 12.87 12.77
N VAL A 9 -24.50 12.26 11.87
CA VAL A 9 -23.98 10.90 12.03
C VAL A 9 -22.52 10.96 12.46
N PHE A 10 -22.16 10.23 13.49
CA PHE A 10 -20.77 10.07 13.89
C PHE A 10 -20.12 8.89 13.17
N PHE A 11 -20.89 7.84 12.94
CA PHE A 11 -20.40 6.73 12.15
C PHE A 11 -21.54 5.94 11.56
N GLU A 12 -21.47 5.73 10.26
CA GLU A 12 -22.31 4.74 9.58
C GLU A 12 -21.45 3.62 9.02
N ASN A 13 -20.46 3.98 8.23
CA ASN A 13 -19.55 3.05 7.58
C ASN A 13 -18.24 3.76 7.31
N SER A 14 -17.15 3.02 7.40
CA SER A 14 -15.84 3.52 7.00
C SER A 14 -15.70 3.21 5.53
N LEU A 15 -15.44 4.23 4.72
CA LEU A 15 -15.14 4.03 3.31
C LEU A 15 -13.77 3.38 3.12
N MET A 16 -12.90 3.49 4.12
CA MET A 16 -11.63 2.77 4.11
C MET A 16 -11.70 1.54 5.00
N LYS A 17 -10.96 0.50 4.63
CA LYS A 17 -10.80 -0.66 5.47
C LYS A 17 -9.80 -0.37 6.54
N GLY A 18 -9.71 -1.30 7.48
CA GLY A 18 -8.63 -1.38 8.45
C GLY A 18 -8.87 -0.55 9.68
N ASP A 19 -8.94 0.76 9.50
CA ASP A 19 -9.13 1.68 10.58
C ASP A 19 -9.88 2.92 10.12
N TYR A 20 -10.36 3.70 11.08
CA TYR A 20 -11.31 4.76 10.82
C TYR A 20 -10.68 6.11 11.14
N PHE A 21 -10.55 6.91 10.10
CA PHE A 21 -9.80 8.11 10.19
C PHE A 21 -10.37 8.98 11.28
N TYR A 22 -11.70 9.12 11.30
CA TYR A 22 -12.38 10.01 12.23
C TYR A 22 -12.66 9.34 13.56
N SER A 23 -11.62 8.80 14.15
CA SER A 23 -11.71 8.23 15.47
C SER A 23 -10.38 8.38 16.13
N GLN A 24 -10.40 8.22 17.43
CA GLN A 24 -9.20 8.25 18.21
C GLN A 24 -9.32 7.06 19.15
N ALA A 25 -8.19 6.46 19.45
CA ALA A 25 -8.13 5.43 20.48
C ALA A 25 -6.75 5.47 21.07
N LYS A 26 -6.69 5.62 22.38
CA LYS A 26 -5.43 5.76 23.07
C LYS A 26 -5.59 5.18 24.43
N TYR A 27 -4.47 4.91 25.07
CA TYR A 27 -4.49 4.21 26.34
C TYR A 27 -3.23 4.48 27.11
N THR A 28 -3.34 4.24 28.40
CA THR A 28 -2.23 4.26 29.32
C THR A 28 -2.20 2.84 29.88
N SER A 29 -1.12 2.15 29.60
CA SER A 29 -0.87 0.83 30.17
C SER A 29 -0.99 0.93 31.72
N PRO A 30 -1.56 -0.06 32.41
CA PRO A 30 -1.81 -1.42 31.91
C PRO A 30 -3.12 -1.62 31.17
N SER A 31 -3.86 -0.55 30.94
CA SER A 31 -5.03 -0.64 30.08
C SER A 31 -4.61 -0.68 28.62
N TRP A 32 -5.55 -1.06 27.77
CA TRP A 32 -5.29 -1.16 26.38
C TRP A 32 -6.55 -0.92 25.61
N ILE A 33 -6.39 -0.29 24.45
CA ILE A 33 -7.43 -0.29 23.44
C ILE A 33 -6.80 -0.53 22.07
N LYS A 34 -7.45 -1.38 21.29
CA LYS A 34 -6.95 -1.76 20.01
C LYS A 34 -7.08 -0.57 19.11
N ASN A 35 -6.00 -0.27 18.38
CA ASN A 35 -5.95 0.89 17.51
C ASN A 35 -4.89 0.71 16.45
N ALA A 36 -5.09 1.38 15.33
CA ALA A 36 -4.10 1.51 14.28
C ALA A 36 -3.80 2.99 14.22
N ARG A 37 -2.59 3.37 14.58
CA ARG A 37 -2.17 4.78 14.60
C ARG A 37 -3.17 5.64 15.35
N HIS A 38 -3.64 5.11 16.47
CA HIS A 38 -4.57 5.78 17.35
C HIS A 38 -5.93 6.03 16.73
N HIS A 39 -6.30 5.17 15.79
CA HIS A 39 -7.63 5.17 15.20
C HIS A 39 -8.22 3.83 15.58
N LEU A 40 -9.53 3.80 15.64
CA LEU A 40 -10.28 2.61 15.93
C LEU A 40 -10.20 1.69 14.75
N PRO A 41 -10.15 0.37 14.99
CA PRO A 41 -10.20 -0.54 13.87
C PRO A 41 -11.58 -0.58 13.27
N VAL A 42 -11.62 -0.89 11.98
CA VAL A 42 -12.87 -1.07 11.29
C VAL A 42 -13.05 -2.55 11.16
N ALA A 43 -14.13 -3.06 11.73
CA ALA A 43 -14.48 -4.45 11.57
C ALA A 43 -15.32 -4.58 10.32
N GLY A 44 -14.81 -5.35 9.36
CA GLY A 44 -15.49 -5.59 8.10
C GLY A 44 -16.35 -6.84 8.12
N SER A 45 -16.22 -7.67 9.15
CA SER A 45 -16.98 -8.93 9.22
C SER A 45 -18.27 -8.82 10.05
N VAL A 46 -18.46 -7.73 10.79
CA VAL A 46 -19.69 -7.51 11.51
C VAL A 46 -20.11 -6.09 11.35
N ALA A 47 -21.39 -5.93 11.10
CA ALA A 47 -21.96 -4.62 10.89
C ALA A 47 -23.47 -4.74 11.03
N PHE A 48 -24.05 -3.69 11.61
CA PHE A 48 -25.48 -3.50 11.46
C PHE A 48 -25.80 -2.93 10.06
N THR A 49 -25.39 -1.70 9.77
CA THR A 49 -25.41 -1.24 8.37
C THR A 49 -24.19 -1.84 7.69
N PRO A 50 -24.42 -2.73 6.73
CA PRO A 50 -23.33 -3.40 6.10
C PRO A 50 -22.33 -2.48 5.45
N GLY A 51 -21.23 -3.15 5.17
CA GLY A 51 -19.95 -2.58 5.08
C GLY A 51 -19.36 -3.06 6.40
N ASN A 52 -19.39 -2.16 7.38
CA ASN A 52 -18.51 -2.32 8.51
C ASN A 52 -19.01 -1.61 9.74
N SER A 53 -18.30 -1.88 10.81
CA SER A 53 -18.54 -1.25 12.08
C SER A 53 -17.20 -0.92 12.68
N LEU A 54 -17.24 -0.22 13.80
CA LEU A 54 -16.05 0.12 14.52
C LEU A 54 -15.83 -0.90 15.61
N GLU A 55 -14.57 -1.32 15.73
CA GLU A 55 -14.20 -2.31 16.71
C GLU A 55 -13.70 -1.57 17.92
N LEU A 56 -14.30 -1.89 19.06
CA LEU A 56 -13.86 -1.32 20.30
C LEU A 56 -13.37 -2.46 21.18
N THR A 57 -12.07 -2.75 21.09
CA THR A 57 -11.47 -3.85 21.85
C THR A 57 -10.55 -3.21 22.85
N TYR A 58 -10.83 -3.50 24.11
CA TYR A 58 -10.14 -2.83 25.21
C TYR A 58 -9.92 -3.72 26.41
N VAL A 59 -8.95 -3.28 27.22
CA VAL A 59 -8.70 -3.79 28.55
C VAL A 59 -8.73 -2.59 29.48
N SER A 60 -9.68 -2.59 30.39
CA SER A 60 -9.78 -1.58 31.42
C SER A 60 -9.08 -2.18 32.63
N ALA A 61 -7.83 -1.80 32.86
CA ALA A 61 -7.03 -2.35 33.94
C ALA A 61 -6.90 -1.34 35.08
N PRO A 62 -6.91 -1.82 36.34
CA PRO A 62 -6.74 -0.90 37.44
C PRO A 62 -5.44 -0.15 37.28
N GLY A 63 -5.48 1.15 37.52
CA GLY A 63 -4.30 2.01 37.38
C GLY A 63 -3.99 2.46 35.96
N GLY A 64 -4.76 1.99 34.99
CA GLY A 64 -4.54 2.36 33.60
C GLY A 64 -5.74 3.15 33.14
N ASP A 65 -5.67 3.61 31.90
CA ASP A 65 -6.78 4.30 31.31
C ASP A 65 -6.80 4.05 29.82
N TRP A 66 -7.97 4.17 29.22
CA TRP A 66 -8.07 4.28 27.79
C TRP A 66 -9.13 5.30 27.42
N TYR A 67 -8.99 5.82 26.21
CA TYR A 67 -9.90 6.80 25.67
C TYR A 67 -10.15 6.44 24.21
N SER A 68 -11.40 6.55 23.80
CA SER A 68 -11.72 6.50 22.41
C SER A 68 -12.74 7.55 22.10
N GLU A 69 -12.70 8.05 20.87
CA GLU A 69 -13.80 8.85 20.38
C GLU A 69 -14.04 8.62 18.91
N ILE A 70 -15.31 8.75 18.54
CA ILE A 70 -15.75 8.66 17.18
C ILE A 70 -16.14 10.08 16.79
N GLN A 71 -15.40 10.63 15.85
CA GLN A 71 -15.51 12.03 15.47
C GLN A 71 -16.50 12.23 14.34
N TYR A 72 -17.34 13.24 14.51
CA TYR A 72 -18.22 13.67 13.43
C TYR A 72 -17.32 14.13 12.28
N CYS A 73 -17.62 13.66 11.08
CA CYS A 73 -16.84 13.96 9.87
C CYS A 73 -17.51 15.13 9.18
N PRO A 74 -16.95 16.35 9.28
CA PRO A 74 -17.61 17.46 8.59
C PRO A 74 -17.59 17.29 7.09
N VAL A 75 -18.69 17.66 6.46
CA VAL A 75 -18.79 17.51 5.03
C VAL A 75 -19.33 18.83 4.53
N ARG A 76 -18.65 19.37 3.51
CA ARG A 76 -19.03 20.62 2.88
C ARG A 76 -20.53 20.63 2.63
N GLY A 77 -21.18 21.71 3.04
CA GLY A 77 -22.62 21.87 2.82
C GLY A 77 -23.55 20.98 3.65
N ASN A 78 -22.99 20.18 4.56
CA ASN A 78 -23.77 19.40 5.53
C ASN A 78 -23.94 20.32 6.74
N ASP A 79 -24.99 21.11 6.67
CA ASP A 79 -25.26 22.19 7.62
C ASP A 79 -26.63 22.12 8.23
N PHE A 80 -27.56 21.45 7.55
CA PHE A 80 -28.93 21.34 7.98
C PHE A 80 -29.17 19.92 8.41
N PHE A 81 -29.63 19.78 9.63
CA PHE A 81 -29.82 18.51 10.29
C PHE A 81 -31.17 18.50 10.99
N ARG A 82 -31.65 17.30 11.21
CA ARG A 82 -32.82 17.09 12.04
C ARG A 82 -32.44 17.51 13.43
N GLU A 83 -33.39 18.08 14.16
CA GLU A 83 -33.12 18.45 15.55
C GLU A 83 -33.11 17.14 16.31
N PRO A 84 -31.96 16.81 16.94
CA PRO A 84 -31.88 15.52 17.54
C PRO A 84 -32.24 15.58 19.02
N SER A 85 -32.79 14.48 19.52
CA SER A 85 -32.99 14.28 20.96
C SER A 85 -32.18 13.14 21.51
N THR A 86 -31.66 12.27 20.65
CA THR A 86 -31.07 11.01 21.09
C THR A 86 -29.75 10.75 20.37
N LEU A 87 -28.81 10.14 21.10
CA LEU A 87 -27.66 9.50 20.50
C LEU A 87 -28.03 8.05 20.33
N SER A 88 -28.30 7.66 19.10
CA SER A 88 -28.57 6.27 18.78
C SER A 88 -27.28 5.58 18.28
N MET A 89 -27.07 4.34 18.74
CA MET A 89 -26.01 3.47 18.22
C MET A 89 -26.55 2.06 18.07
N GLN A 90 -25.76 1.25 17.38
CA GLN A 90 -25.95 -0.19 17.36
C GLN A 90 -24.71 -0.72 18.06
N VAL A 91 -24.92 -1.59 19.06
CA VAL A 91 -23.85 -2.10 19.91
C VAL A 91 -23.93 -3.61 19.89
N ARG A 92 -22.80 -4.25 19.65
CA ARG A 92 -22.73 -5.69 19.61
C ARG A 92 -21.57 -6.13 20.49
N LEU A 93 -21.82 -7.11 21.34
CA LEU A 93 -20.81 -7.61 22.23
C LEU A 93 -20.32 -8.92 21.63
N ARG A 94 -19.00 -9.06 21.53
CA ARG A 94 -18.45 -10.29 21.01
C ARG A 94 -18.70 -11.45 21.99
N GLU A 95 -18.50 -11.19 23.28
CA GLU A 95 -18.70 -12.19 24.36
C GLU A 95 -19.68 -11.65 25.39
N SER A 96 -20.26 -12.57 26.16
CA SER A 96 -20.97 -12.21 27.39
C SER A 96 -19.99 -11.54 28.29
N MET A 97 -20.48 -10.57 29.03
CA MET A 97 -19.63 -9.79 29.90
C MET A 97 -20.45 -9.14 30.97
N ASN A 98 -19.79 -8.82 32.06
CA ASN A 98 -20.36 -7.95 33.05
C ASN A 98 -20.69 -6.61 32.37
N ALA A 99 -21.98 -6.28 32.32
CA ALA A 99 -22.46 -4.99 31.80
C ALA A 99 -21.72 -3.75 32.34
N ALA A 100 -21.29 -3.79 33.60
CA ALA A 100 -20.52 -2.68 34.18
C ALA A 100 -19.13 -2.45 33.55
N ALA A 101 -18.59 -3.46 32.87
CA ALA A 101 -17.28 -3.36 32.21
C ALA A 101 -17.38 -2.65 30.85
N LEU A 102 -18.61 -2.55 30.33
CA LEU A 102 -18.93 -1.74 29.17
C LEU A 102 -18.47 -0.31 29.37
N PRO A 103 -18.25 0.43 28.26
CA PRO A 103 -17.68 1.75 28.40
C PRO A 103 -18.61 2.79 29.01
N ASN A 104 -18.01 3.81 29.60
CA ASN A 104 -18.71 5.05 29.84
C ASN A 104 -18.65 5.87 28.55
N ILE A 105 -19.67 6.69 28.35
CA ILE A 105 -19.88 7.36 27.11
C ILE A 105 -20.30 8.79 27.39
N ALA A 106 -19.76 9.69 26.57
CA ALA A 106 -19.91 11.11 26.70
C ALA A 106 -19.86 11.69 25.30
N ILE A 107 -20.07 13.00 25.23
CA ILE A 107 -19.95 13.69 23.96
C ILE A 107 -18.86 14.73 24.19
N ARG A 108 -17.90 14.77 23.28
CA ARG A 108 -16.87 15.76 23.32
C ARG A 108 -17.33 16.93 22.48
N TYR A 109 -17.23 18.13 23.08
CA TYR A 109 -17.56 19.37 22.40
C TYR A 109 -16.43 19.76 21.48
N ALA A 110 -16.73 20.66 20.54
CA ALA A 110 -15.71 21.20 19.63
C ALA A 110 -14.53 21.88 20.36
N ASP A 111 -14.80 22.44 21.54
CA ASP A 111 -13.74 23.04 22.40
C ASP A 111 -12.94 22.03 23.27
N SER A 112 -13.21 20.73 23.10
CA SER A 112 -12.51 19.65 23.82
C SER A 112 -12.92 19.49 25.28
N THR A 113 -13.98 20.19 25.69
CA THR A 113 -14.66 19.88 26.94
C THR A 113 -15.69 18.83 26.62
N TYR A 114 -16.20 18.24 27.68
CA TYR A 114 -17.02 17.07 27.58
C TYR A 114 -18.34 17.26 28.30
N THR A 115 -19.29 16.44 27.91
CA THR A 115 -20.47 16.26 28.69
C THR A 115 -20.06 15.33 29.84
N GLN A 116 -21.00 15.13 30.76
CA GLN A 116 -20.87 14.06 31.73
C GLN A 116 -20.89 12.70 31.00
N TYR A 117 -20.18 11.74 31.59
CA TYR A 117 -20.16 10.37 31.11
C TYR A 117 -21.31 9.56 31.70
N LEU A 118 -21.93 8.75 30.86
CA LEU A 118 -22.98 7.87 31.26
C LEU A 118 -22.47 6.46 31.11
N ASN A 119 -22.94 5.55 31.96
CA ASN A 119 -22.61 4.15 31.86
C ASN A 119 -23.45 3.61 30.72
N LEU A 120 -22.80 2.94 29.79
CA LEU A 120 -23.48 2.44 28.62
C LEU A 120 -24.45 1.30 28.94
N ARG A 121 -24.20 0.60 30.06
CA ARG A 121 -25.07 -0.46 30.58
C ARG A 121 -26.52 -0.02 30.80
N ASN A 122 -26.68 1.25 31.19
CA ASN A 122 -28.00 1.82 31.46
C ASN A 122 -28.91 1.97 30.26
N TYR A 123 -28.37 1.81 29.06
CA TYR A 123 -29.13 1.92 27.81
C TYR A 123 -29.11 0.65 26.99
N LEU A 124 -28.68 -0.43 27.60
CA LEU A 124 -28.54 -1.72 26.97
C LEU A 124 -29.49 -2.62 27.76
N LYS A 125 -30.67 -2.84 27.21
CA LYS A 125 -31.63 -3.75 27.83
C LYS A 125 -30.99 -5.13 27.88
N ASP A 126 -30.50 -5.55 26.73
CA ASP A 126 -30.05 -6.89 26.47
C ASP A 126 -28.54 -6.86 26.17
N THR A 127 -27.74 -7.49 27.03
CA THR A 127 -26.30 -7.64 26.82
C THR A 127 -25.89 -9.04 26.29
N ARG A 128 -26.82 -9.75 25.65
CA ARG A 128 -26.46 -10.99 24.98
C ARG A 128 -25.45 -10.68 23.86
N PRO A 129 -24.38 -11.48 23.76
CA PRO A 129 -23.40 -11.27 22.70
C PRO A 129 -23.86 -11.77 21.32
N GLY A 130 -23.11 -11.37 20.28
CA GLY A 130 -23.34 -11.83 18.92
C GLY A 130 -24.62 -11.34 18.26
N VAL A 131 -25.17 -10.25 18.78
CA VAL A 131 -26.36 -9.62 18.18
C VAL A 131 -26.24 -8.11 18.33
N TRP A 132 -26.82 -7.39 17.39
CA TRP A 132 -26.82 -5.94 17.41
C TRP A 132 -27.92 -5.46 18.32
N HIS A 133 -27.56 -4.62 19.27
CA HIS A 133 -28.49 -4.02 20.22
C HIS A 133 -28.67 -2.56 19.92
N PRO A 134 -29.91 -2.15 19.55
CA PRO A 134 -30.10 -0.71 19.46
C PRO A 134 -29.94 -0.06 20.82
N VAL A 135 -29.21 1.04 20.86
CA VAL A 135 -29.06 1.85 22.05
C VAL A 135 -29.53 3.25 21.70
N SER A 136 -30.32 3.86 22.58
CA SER A 136 -30.72 5.26 22.48
C SER A 136 -30.41 5.92 23.80
N ILE A 137 -29.58 6.94 23.75
CA ILE A 137 -29.26 7.71 24.92
C ILE A 137 -29.90 9.04 24.67
N PRO A 138 -30.91 9.40 25.49
CA PRO A 138 -31.42 10.75 25.39
C PRO A 138 -30.28 11.74 25.57
N LEU A 139 -30.22 12.73 24.69
CA LEU A 139 -29.22 13.76 24.78
C LEU A 139 -29.34 14.52 26.10
N GLU A 140 -30.58 14.71 26.52
CA GLU A 140 -30.94 15.10 27.90
C GLU A 140 -30.01 14.50 28.98
N ASP A 141 -29.80 13.17 28.92
CA ASP A 141 -28.94 12.46 29.92
C ASP A 141 -27.48 12.93 29.92
N PHE A 142 -26.98 13.42 28.78
CA PHE A 142 -25.66 14.08 28.71
C PHE A 142 -25.68 15.51 29.26
N GLY A 143 -26.88 16.00 29.60
CA GLY A 143 -27.03 17.35 30.10
C GLY A 143 -26.96 18.32 28.96
N LEU A 144 -27.38 17.87 27.77
CA LEU A 144 -27.44 18.72 26.58
C LEU A 144 -28.79 19.38 26.50
N ASN A 145 -28.75 20.70 26.40
CA ASN A 145 -29.93 21.53 26.14
C ASN A 145 -30.33 21.28 24.67
N ALA A 146 -31.38 21.96 24.20
CA ALA A 146 -31.88 21.83 22.82
C ALA A 146 -30.74 21.88 21.76
N VAL A 147 -30.69 20.86 20.92
CA VAL A 147 -29.68 20.76 19.87
C VAL A 147 -30.36 21.12 18.56
N ASN A 148 -29.74 21.99 17.78
CA ASN A 148 -30.28 22.37 16.47
C ASN A 148 -29.12 22.81 15.58
N ASP A 149 -29.44 23.26 14.37
CA ASP A 149 -28.43 23.63 13.36
C ASP A 149 -27.39 24.65 13.83
N THR A 150 -27.82 25.56 14.71
CA THR A 150 -26.92 26.59 15.22
C THR A 150 -25.86 26.05 16.20
N ASN A 151 -26.10 24.90 16.82
CA ASN A 151 -25.14 24.36 17.82
C ASN A 151 -24.72 22.89 17.67
N ILE A 152 -25.36 22.15 16.75
CA ILE A 152 -25.13 20.70 16.62
C ILE A 152 -23.67 20.36 16.29
N LYS A 153 -23.02 21.21 15.50
CA LYS A 153 -21.63 21.02 15.14
C LYS A 153 -20.65 21.17 16.28
N LYS A 154 -21.11 21.70 17.41
CA LYS A 154 -20.30 21.65 18.64
C LYS A 154 -20.25 20.24 19.28
N LEU A 155 -21.10 19.33 18.81
CA LEU A 155 -21.06 17.94 19.24
C LEU A 155 -20.05 17.24 18.34
N ALA A 156 -18.79 17.38 18.71
CA ALA A 156 -17.67 16.98 17.85
C ALA A 156 -17.48 15.48 17.81
N ALA A 157 -17.66 14.81 18.95
CA ALA A 157 -17.36 13.39 19.00
C ALA A 157 -18.14 12.70 20.09
N VAL A 158 -18.39 11.41 19.86
CA VAL A 158 -18.86 10.51 20.89
C VAL A 158 -17.60 9.94 21.55
N ALA A 159 -17.46 10.20 22.85
CA ALA A 159 -16.31 9.81 23.64
C ALA A 159 -16.60 8.55 24.44
N LEU A 160 -15.59 7.70 24.57
CA LEU A 160 -15.72 6.45 25.28
C LEU A 160 -14.58 6.29 26.24
N ARG A 161 -14.92 5.79 27.43
CA ARG A 161 -13.99 5.62 28.52
C ARG A 161 -14.27 4.30 29.19
N PRO A 162 -13.30 3.82 30.00
CA PRO A 162 -13.50 2.55 30.70
C PRO A 162 -14.77 2.55 31.56
N GLY A 163 -15.38 1.38 31.65
CA GLY A 163 -16.30 1.10 32.72
C GLY A 163 -15.46 0.57 33.86
N THR A 164 -15.96 -0.48 34.50
CA THR A 164 -15.23 -1.16 35.56
C THR A 164 -13.88 -1.59 35.03
N ALA A 165 -12.82 -1.16 35.72
CA ALA A 165 -11.48 -1.66 35.45
C ALA A 165 -11.32 -3.08 36.02
N ASP A 166 -11.95 -4.05 35.37
CA ASP A 166 -11.85 -5.47 35.76
C ASP A 166 -10.66 -6.20 35.11
N GLY A 167 -9.91 -5.52 34.24
CA GLY A 167 -8.70 -6.09 33.63
C GLY A 167 -8.90 -7.11 32.52
N ASN A 168 -10.14 -7.35 32.10
CA ASN A 168 -10.42 -8.30 31.03
C ASN A 168 -10.49 -7.62 29.67
N GLU A 169 -10.18 -8.40 28.65
CA GLU A 169 -10.29 -7.96 27.28
C GLU A 169 -11.71 -8.17 26.82
N TYR A 170 -12.30 -7.11 26.29
CA TYR A 170 -13.62 -7.17 25.69
C TYR A 170 -13.51 -6.59 24.32
N THR A 171 -14.33 -7.11 23.42
CA THR A 171 -14.47 -6.56 22.11
C THR A 171 -15.94 -6.27 21.99
N ILE A 172 -16.26 -5.00 21.77
CA ILE A 172 -17.60 -4.65 21.32
C ILE A 172 -17.48 -3.96 19.97
N TYR A 173 -18.53 -4.06 19.19
CA TYR A 173 -18.63 -3.38 17.93
C TYR A 173 -19.67 -2.28 18.03
N LEU A 174 -19.34 -1.13 17.46
CA LEU A 174 -20.20 0.03 17.44
C LEU A 174 -20.45 0.37 15.99
N ASP A 175 -21.72 0.52 15.66
CA ASP A 175 -22.15 0.91 14.36
C ASP A 175 -23.29 1.93 14.47
N ASP A 176 -23.50 2.68 13.40
CA ASP A 176 -24.64 3.58 13.27
C ASP A 176 -24.79 4.53 14.43
N ILE A 177 -23.68 5.17 14.75
CA ILE A 177 -23.58 6.14 15.81
C ILE A 177 -24.04 7.44 15.21
N GLU A 178 -25.16 7.93 15.70
CA GLU A 178 -25.82 9.07 15.12
C GLU A 178 -26.78 9.72 16.09
N LEU A 179 -27.04 11.00 15.83
CA LEU A 179 -28.07 11.74 16.50
C LEU A 179 -29.34 11.59 15.70
N LEU A 180 -30.44 11.28 16.40
CA LEU A 180 -31.76 11.09 15.79
C LEU A 180 -32.78 11.93 16.55
N PRO A 181 -33.90 12.27 15.89
CA PRO A 181 -34.91 13.04 16.59
C PRO A 181 -35.69 12.14 17.53
N ALA A 182 -36.33 12.74 18.55
CA ALA A 182 -37.17 12.00 19.49
C ALA A 182 -38.28 11.26 18.75
N SER A 183 -38.96 11.99 17.87
CA SER A 183 -39.94 11.39 16.96
C SER A 183 -39.21 10.95 15.70
N LEU A 184 -39.06 9.63 15.52
CA LEU A 184 -38.46 9.11 14.31
C LEU A 184 -39.37 9.45 13.13
N PRO A 185 -38.79 9.97 12.03
CA PRO A 185 -39.59 10.12 10.80
C PRO A 185 -40.26 8.80 10.45
N SER A 186 -41.53 8.84 10.08
CA SER A 186 -42.20 7.63 9.61
C SER A 186 -42.64 7.84 8.18
N VAL A 187 -43.10 6.75 7.58
CA VAL A 187 -43.60 6.73 6.23
C VAL A 187 -44.97 6.07 6.29
N SER A 188 -45.92 6.56 5.50
CA SER A 188 -47.25 5.92 5.43
C SER A 188 -47.13 4.52 4.81
N ALA A 189 -46.38 4.40 3.72
CA ALA A 189 -46.09 3.12 3.04
C ALA A 189 -44.60 3.00 2.70
N LEU A 190 -44.05 1.80 2.90
CA LEU A 190 -42.63 1.53 2.69
C LEU A 190 -42.46 0.58 1.50
N ASN A 191 -42.29 1.17 0.33
CA ASN A 191 -42.26 0.44 -0.91
C ASN A 191 -40.83 0.21 -1.36
N ALA A 192 -40.63 -0.89 -2.05
CA ALA A 192 -39.38 -1.17 -2.71
C ALA A 192 -39.16 -0.09 -3.76
N PRO A 193 -37.92 0.39 -3.88
CA PRO A 193 -37.64 1.19 -5.05
C PRO A 193 -37.72 0.31 -6.30
N VAL A 194 -38.05 0.93 -7.42
CA VAL A 194 -37.90 0.27 -8.71
C VAL A 194 -36.40 0.19 -9.01
N LEU A 195 -35.83 -1.00 -8.94
CA LEU A 195 -34.45 -1.26 -9.36
C LEU A 195 -34.39 -1.44 -10.88
N GLN A 196 -33.70 -0.51 -11.54
CA GLN A 196 -33.81 -0.33 -12.98
C GLN A 196 -32.89 -1.26 -13.69
N GLU A 197 -31.63 -1.28 -13.26
CA GLU A 197 -30.67 -2.18 -13.86
C GLU A 197 -29.41 -2.26 -13.06
N ALA A 198 -28.64 -3.25 -13.47
CA ALA A 198 -27.28 -3.48 -13.06
C ALA A 198 -26.50 -3.19 -14.31
N LYS A 199 -25.40 -2.50 -14.16
CA LYS A 199 -24.52 -2.25 -15.27
C LYS A 199 -23.13 -2.64 -14.81
N ALA A 200 -22.60 -3.70 -15.40
CA ALA A 200 -21.29 -4.19 -15.02
C ALA A 200 -20.25 -3.45 -15.82
N TYR A 201 -19.09 -3.32 -15.20
CA TYR A 201 -17.89 -2.87 -15.84
C TYR A 201 -16.85 -3.95 -15.54
N GLU A 202 -15.60 -3.60 -15.30
CA GLU A 202 -14.58 -4.62 -15.11
C GLU A 202 -14.47 -5.08 -13.68
N ARG A 203 -14.50 -4.13 -12.76
CA ARG A 203 -14.29 -4.41 -11.35
C ARG A 203 -15.50 -4.09 -10.52
N HIS A 204 -16.57 -3.62 -11.16
CA HIS A 204 -17.72 -3.21 -10.40
C HIS A 204 -18.98 -3.32 -11.18
N ILE A 205 -20.07 -3.35 -10.42
CA ILE A 205 -21.40 -3.30 -10.96
C ILE A 205 -22.10 -2.11 -10.33
N ASP A 206 -22.69 -1.32 -11.20
CA ASP A 206 -23.50 -0.19 -10.77
C ASP A 206 -24.94 -0.59 -10.81
N ILE A 207 -25.64 -0.40 -9.71
CA ILE A 207 -27.08 -0.52 -9.72
C ILE A 207 -27.68 0.85 -9.48
N LYS A 208 -28.89 1.02 -9.99
CA LYS A 208 -29.62 2.25 -9.91
C LYS A 208 -31.09 1.91 -9.74
N TRP A 209 -31.76 2.73 -8.97
CA TRP A 209 -33.16 2.55 -8.68
C TRP A 209 -33.89 3.91 -8.66
N ILE A 210 -35.22 3.86 -8.72
CA ILE A 210 -36.08 5.04 -8.63
C ILE A 210 -36.92 4.83 -7.39
N PRO A 211 -36.98 5.84 -6.49
CA PRO A 211 -37.81 5.75 -5.27
C PRO A 211 -39.31 5.45 -5.51
N GLU A 215 -41.22 9.96 0.38
CA GLU A 215 -41.32 9.39 1.72
C GLU A 215 -39.98 9.39 2.49
N ASP A 216 -40.02 9.75 3.77
CA ASP A 216 -38.81 10.04 4.53
C ASP A 216 -38.18 8.76 5.13
N ILE A 217 -37.58 7.97 4.23
CA ILE A 217 -36.92 6.73 4.61
C ILE A 217 -35.50 6.99 5.12
N LYS A 218 -34.97 6.01 5.84
CA LYS A 218 -33.65 6.16 6.48
C LYS A 218 -32.56 5.91 5.42
N TYR A 219 -32.67 4.79 4.74
CA TYR A 219 -31.70 4.41 3.75
C TYR A 219 -32.25 3.29 2.92
N TYR A 220 -31.59 3.03 1.82
CA TYR A 220 -31.82 1.84 1.04
C TYR A 220 -30.82 0.80 1.49
N ARG A 221 -31.26 -0.43 1.66
CA ARG A 221 -30.36 -1.53 1.93
C ARG A 221 -30.20 -2.26 0.65
N ILE A 222 -28.95 -2.55 0.29
CA ILE A 222 -28.65 -3.27 -0.94
C ILE A 222 -28.23 -4.70 -0.56
N TYR A 223 -28.84 -5.66 -1.25
CA TYR A 223 -28.56 -7.09 -1.08
C TYR A 223 -27.92 -7.66 -2.32
N ARG A 224 -26.95 -8.52 -2.12
CA ARG A 224 -26.23 -9.12 -3.21
C ARG A 224 -26.24 -10.64 -3.10
N SER A 225 -26.32 -11.28 -4.26
CA SER A 225 -26.17 -12.72 -4.34
C SER A 225 -25.17 -13.03 -5.44
N PHE A 226 -24.30 -13.99 -5.19
CA PHE A 226 -23.45 -14.55 -6.22
C PHE A 226 -24.04 -15.79 -6.90
N ASP A 227 -25.12 -16.34 -6.34
CA ASP A 227 -25.80 -17.50 -6.94
C ASP A 227 -27.28 -17.27 -7.30
N GLY A 228 -27.83 -16.11 -6.92
CA GLY A 228 -29.24 -15.82 -7.16
C GLY A 228 -30.21 -16.41 -6.14
N ILE A 229 -29.68 -17.13 -5.15
CA ILE A 229 -30.49 -17.85 -4.18
C ILE A 229 -30.36 -17.12 -2.85
N THR A 230 -29.16 -17.16 -2.27
CA THR A 230 -28.90 -16.56 -0.97
C THR A 230 -28.34 -15.14 -1.14
N TYR A 231 -29.01 -14.17 -0.51
CA TYR A 231 -28.57 -12.79 -0.55
C TYR A 231 -28.00 -12.40 0.80
N GLN A 232 -26.94 -11.59 0.78
CA GLN A 232 -26.42 -10.94 1.98
C GLN A 232 -26.52 -9.40 1.81
N PRO A 233 -26.73 -8.66 2.91
CA PRO A 233 -26.78 -7.20 2.81
C PRO A 233 -25.36 -6.67 2.61
N VAL A 234 -25.10 -6.00 1.50
CA VAL A 234 -23.74 -5.53 1.21
C VAL A 234 -23.51 -4.06 1.42
N ALA A 235 -24.57 -3.26 1.43
CA ALA A 235 -24.42 -1.82 1.55
C ALA A 235 -25.71 -1.16 1.92
N VAL A 236 -25.60 0.08 2.40
CA VAL A 236 -26.74 0.94 2.55
C VAL A 236 -26.46 2.21 1.78
N ARG A 237 -27.52 2.79 1.25
CA ARG A 237 -27.39 4.05 0.60
C ARG A 237 -28.47 4.95 1.13
N ARG A 238 -28.05 6.11 1.58
CA ARG A 238 -28.93 7.14 2.02
C ARG A 238 -29.79 7.61 0.84
N PRO A 239 -30.98 8.18 1.12
CA PRO A 239 -31.96 8.58 0.07
C PRO A 239 -31.48 9.58 -1.01
N TRP A 240 -30.46 10.37 -0.68
CA TRP A 240 -29.77 11.28 -1.62
C TRP A 240 -28.90 10.57 -2.67
N MET A 241 -28.72 9.26 -2.52
CA MET A 241 -28.03 8.47 -3.53
C MET A 241 -28.97 7.32 -3.97
N ASN A 242 -29.55 7.43 -5.16
CA ASN A 242 -30.38 6.37 -5.78
C ASN A 242 -29.57 5.40 -6.63
N ARG A 243 -28.41 5.04 -6.09
CA ARG A 243 -27.40 4.42 -6.86
C ARG A 243 -26.46 3.72 -5.95
N TYR A 244 -25.97 2.56 -6.36
CA TYR A 244 -24.97 1.88 -5.58
C TYR A 244 -23.91 1.27 -6.49
N THR A 245 -22.67 1.48 -6.11
CA THR A 245 -21.53 0.99 -6.82
C THR A 245 -20.92 -0.14 -6.02
N ASP A 246 -21.05 -1.35 -6.56
CA ASP A 246 -20.56 -2.51 -5.90
C ASP A 246 -19.23 -2.86 -6.51
N PHE A 247 -18.17 -2.53 -5.80
CA PHE A 247 -16.85 -2.85 -6.29
C PHE A 247 -16.51 -4.29 -5.93
N LEU A 248 -16.63 -5.19 -6.89
CA LEU A 248 -16.28 -6.60 -6.69
C LEU A 248 -14.80 -6.84 -6.74
N GLY A 249 -14.09 -6.02 -7.50
CA GLY A 249 -12.64 -6.18 -7.65
C GLY A 249 -12.22 -7.40 -8.44
N GLU A 250 -13.15 -8.01 -9.17
CA GLU A 250 -12.96 -9.29 -9.82
C GLU A 250 -13.66 -9.28 -11.16
N VAL A 251 -12.97 -9.79 -12.17
CA VAL A 251 -13.46 -9.81 -13.53
C VAL A 251 -14.17 -11.14 -13.80
N GLY A 252 -15.21 -11.09 -14.60
CA GLY A 252 -15.99 -12.28 -14.95
C GLY A 252 -16.88 -12.73 -13.82
N LYS A 253 -17.23 -11.83 -12.93
CA LYS A 253 -17.96 -12.16 -11.74
C LYS A 253 -19.37 -11.72 -11.91
N LYS A 254 -20.29 -12.68 -11.77
CA LYS A 254 -21.70 -12.42 -11.86
C LYS A 254 -22.22 -12.10 -10.47
N ALA A 255 -23.04 -11.08 -10.39
CA ALA A 255 -23.72 -10.75 -9.13
C ALA A 255 -25.15 -10.31 -9.39
N TYR A 256 -26.01 -10.62 -8.44
CA TYR A 256 -27.41 -10.31 -8.50
C TYR A 256 -27.64 -9.34 -7.37
N TYR A 257 -28.57 -8.42 -7.58
CA TYR A 257 -28.83 -7.36 -6.63
C TYR A 257 -30.31 -7.12 -6.41
N LYS A 258 -30.61 -6.73 -5.18
CA LYS A 258 -31.94 -6.58 -4.69
C LYS A 258 -31.83 -5.42 -3.72
N VAL A 259 -32.77 -4.50 -3.79
CA VAL A 259 -32.72 -3.34 -2.92
C VAL A 259 -34.02 -3.21 -2.16
N THR A 260 -33.92 -2.91 -0.87
CA THR A 260 -35.08 -2.59 -0.05
C THR A 260 -34.96 -1.15 0.46
N ALA A 261 -36.09 -0.57 0.86
CA ALA A 261 -36.13 0.71 1.59
C ALA A 261 -36.34 0.45 3.07
N VAL A 262 -35.59 1.15 3.90
CA VAL A 262 -35.62 0.98 5.35
C VAL A 262 -36.04 2.32 5.94
N ASP A 263 -37.04 2.31 6.81
CA ASP A 263 -37.50 3.54 7.48
C ASP A 263 -36.71 3.73 8.77
N TYR A 264 -36.94 4.85 9.43
CA TYR A 264 -36.21 5.14 10.67
C TYR A 264 -36.51 4.19 11.84
N ALA A 265 -37.67 3.52 11.79
CA ALA A 265 -37.97 2.45 12.74
C ALA A 265 -37.25 1.14 12.39
N LEU A 266 -36.50 1.15 11.27
CA LEU A 266 -35.79 0.00 10.73
C LEU A 266 -36.73 -1.09 10.24
N ASN A 267 -37.93 -0.71 9.83
CA ASN A 267 -38.77 -1.63 9.06
C ASN A 267 -38.23 -1.64 7.66
N GLU A 268 -38.43 -2.74 6.97
CA GLU A 268 -37.87 -2.96 5.66
C GLU A 268 -38.99 -3.18 4.66
N SER A 269 -38.91 -2.48 3.54
CA SER A 269 -39.81 -2.72 2.44
C SER A 269 -39.68 -4.15 1.94
N ASN A 270 -40.58 -4.49 1.04
CA ASN A 270 -40.39 -5.68 0.25
C ASN A 270 -39.17 -5.50 -0.67
N ASP A 271 -38.77 -6.59 -1.31
CA ASP A 271 -37.67 -6.58 -2.27
C ASP A 271 -38.03 -5.84 -3.54
N SER A 272 -37.05 -5.17 -4.12
CA SER A 272 -37.13 -4.71 -5.50
C SER A 272 -37.09 -5.94 -6.40
N GLN A 273 -37.31 -5.77 -7.71
CA GLN A 273 -36.98 -6.86 -8.62
C GLN A 273 -35.46 -7.11 -8.50
N THR A 274 -35.05 -8.31 -8.88
CA THR A 274 -33.65 -8.68 -8.86
C THR A 274 -33.05 -8.32 -10.20
N VAL A 275 -31.87 -7.72 -10.17
CA VAL A 275 -31.09 -7.45 -11.38
C VAL A 275 -29.77 -8.14 -11.23
N SER A 276 -29.13 -8.45 -12.35
CA SER A 276 -27.81 -9.03 -12.32
C SER A 276 -26.92 -8.50 -13.43
N ALA A 277 -25.63 -8.70 -13.25
CA ALA A 277 -24.68 -8.41 -14.29
C ALA A 277 -23.41 -9.14 -14.01
N THR A 278 -22.57 -9.21 -15.02
CA THR A 278 -21.30 -9.90 -14.91
C THR A 278 -20.23 -8.96 -15.38
N THR A 279 -19.19 -8.78 -14.55
CA THR A 279 -18.03 -7.99 -14.93
C THR A 279 -17.26 -8.63 -16.05
N TYR A 280 -16.53 -7.82 -16.81
CA TYR A 280 -15.84 -8.28 -18.01
C TYR A 280 -14.57 -7.44 -18.15
N PRO A 281 -13.55 -7.98 -18.85
CA PRO A 281 -12.36 -7.19 -19.08
C PRO A 281 -12.66 -5.96 -19.92
N MET A 282 -12.02 -4.86 -19.56
CA MET A 282 -12.21 -3.59 -20.24
C MET A 282 -10.91 -3.09 -20.85
N THR A 283 -11.02 -2.60 -22.06
CA THR A 283 -9.96 -1.88 -22.71
C THR A 283 -9.88 -0.48 -22.08
N ASP A 284 -8.81 0.23 -22.41
CA ASP A 284 -8.68 1.62 -22.01
C ASP A 284 -9.83 2.47 -22.53
N GLU A 285 -10.28 2.19 -23.76
CA GLU A 285 -11.39 2.92 -24.37
C GLU A 285 -12.63 2.77 -23.51
N GLN A 286 -12.94 1.54 -23.14
CA GLN A 286 -14.06 1.26 -22.26
C GLN A 286 -13.89 1.93 -20.91
N LEU A 287 -12.66 1.91 -20.39
CA LEU A 287 -12.39 2.63 -19.14
C LEU A 287 -12.65 4.13 -19.24
N LEU A 288 -12.19 4.75 -20.34
CA LEU A 288 -12.50 6.14 -20.59
C LEU A 288 -13.98 6.40 -20.62
N ASP A 289 -14.74 5.56 -21.35
CA ASP A 289 -16.19 5.67 -21.41
C ASP A 289 -16.82 5.64 -20.04
N MET A 290 -16.40 4.68 -19.24
CA MET A 290 -16.95 4.46 -17.91
C MET A 290 -16.63 5.67 -17.02
N VAL A 291 -15.39 6.11 -17.04
CA VAL A 291 -14.98 7.23 -16.20
C VAL A 291 -15.75 8.49 -16.60
N GLN A 292 -15.83 8.75 -17.90
CA GLN A 292 -16.56 9.88 -18.38
C GLN A 292 -18.01 9.79 -17.95
N GLU A 293 -18.60 8.60 -18.07
CA GLU A 293 -20.00 8.39 -17.76
C GLU A 293 -20.27 8.57 -16.28
N ALA A 294 -19.50 7.90 -15.45
CA ALA A 294 -19.72 8.01 -14.01
C ALA A 294 -19.65 9.46 -13.53
N ASN A 295 -18.69 10.21 -14.06
CA ASN A 295 -18.54 11.61 -13.69
C ASN A 295 -19.70 12.42 -14.24
N PHE A 296 -20.11 12.12 -15.46
CA PHE A 296 -21.28 12.75 -16.06
C PHE A 296 -22.53 12.62 -15.18
N ARG A 297 -22.70 11.46 -14.54
CA ARG A 297 -23.86 11.21 -13.69
C ARG A 297 -24.06 12.32 -12.67
N TYR A 298 -22.97 12.81 -12.12
CA TYR A 298 -23.03 13.89 -11.16
C TYR A 298 -23.86 15.10 -11.64
N TYR A 299 -23.76 15.41 -12.91
CA TYR A 299 -24.34 16.60 -13.52
C TYR A 299 -25.64 16.28 -14.21
N TRP A 300 -25.87 14.98 -14.46
CA TRP A 300 -27.11 14.55 -15.06
C TRP A 300 -28.12 14.18 -13.97
N GLU A 301 -28.16 12.92 -13.53
CA GLU A 301 -29.09 12.52 -12.49
C GLU A 301 -28.77 13.20 -11.15
N GLY A 302 -27.50 13.55 -10.95
CA GLY A 302 -27.11 14.26 -9.76
C GLY A 302 -27.40 15.74 -9.74
N ALA A 303 -27.90 16.30 -10.84
CA ALA A 303 -28.15 17.73 -10.88
C ALA A 303 -29.22 18.11 -9.87
N GLU A 304 -29.08 19.32 -9.33
CA GLU A 304 -30.17 19.95 -8.62
C GLU A 304 -31.31 19.98 -9.63
N PRO A 305 -32.47 19.32 -9.32
CA PRO A 305 -33.52 19.08 -10.34
C PRO A 305 -34.24 20.31 -10.88
N ASN A 306 -34.31 21.39 -10.11
CA ASN A 306 -35.10 22.55 -10.56
C ASN A 306 -34.30 23.32 -11.59
N SER A 307 -33.01 23.53 -11.29
CA SER A 307 -32.10 24.26 -12.19
C SER A 307 -31.50 23.40 -13.29
N GLY A 308 -31.34 22.12 -13.02
CA GLY A 308 -30.57 21.25 -13.92
C GLY A 308 -29.06 21.42 -13.76
N LEU A 309 -28.63 22.18 -12.75
CA LEU A 309 -27.25 22.57 -12.62
C LEU A 309 -26.54 21.80 -11.50
N ALA A 310 -25.25 22.05 -11.40
CA ALA A 310 -24.38 21.22 -10.61
C ALA A 310 -24.38 21.64 -9.18
N ARG A 311 -24.60 20.68 -8.31
CA ARG A 311 -24.45 20.90 -6.91
C ARG A 311 -22.99 21.13 -6.57
N GLU A 312 -22.76 21.94 -5.56
CA GLU A 312 -21.41 22.15 -5.07
C GLU A 312 -20.75 20.82 -4.77
N ASN A 313 -21.47 19.97 -4.07
CA ASN A 313 -20.95 18.65 -3.72
C ASN A 313 -22.10 17.77 -3.29
N ILE A 314 -21.86 16.46 -3.37
CA ILE A 314 -22.79 15.41 -2.94
C ILE A 314 -22.00 14.43 -2.05
N PRO A 315 -22.46 14.18 -0.82
CA PRO A 315 -23.63 14.82 -0.23
C PRO A 315 -23.28 16.21 0.26
N GLY A 316 -24.11 17.18 -0.11
CA GLY A 316 -23.92 18.56 0.32
C GLY A 316 -25.28 19.22 0.50
N ARG A 317 -25.34 20.52 0.20
CA ARG A 317 -26.61 21.21 0.11
C ARG A 317 -27.41 20.58 -0.98
N ASN A 318 -28.66 20.32 -0.70
CA ASN A 318 -29.55 19.72 -1.65
C ASN A 318 -29.88 20.71 -2.79
N ASP A 319 -29.97 21.99 -2.46
CA ASP A 319 -30.51 22.98 -3.39
C ASP A 319 -29.48 23.91 -3.98
N MET A 320 -28.28 23.93 -3.43
CA MET A 320 -27.32 24.92 -3.82
C MET A 320 -26.51 24.41 -4.98
N ILE A 321 -26.53 25.16 -6.07
CA ILE A 321 -25.69 24.89 -7.22
C ILE A 321 -24.50 25.82 -7.25
N ALA A 322 -23.42 25.31 -7.80
CA ALA A 322 -22.18 26.07 -7.95
C ALA A 322 -22.12 26.40 -9.44
N THR A 323 -21.99 27.68 -9.75
CA THR A 323 -22.08 28.12 -11.12
C THR A 323 -20.87 27.77 -11.94
N GLY A 324 -19.68 27.81 -11.35
CA GLY A 324 -18.48 27.35 -12.11
C GLY A 324 -18.49 25.87 -12.43
N ALA A 325 -18.75 25.05 -11.41
CA ALA A 325 -18.92 23.63 -11.60
C ALA A 325 -20.03 23.32 -12.59
N SER A 326 -21.03 24.19 -12.60
CA SER A 326 -22.14 24.03 -13.50
C SER A 326 -21.74 24.24 -14.93
N GLY A 327 -20.87 25.21 -15.15
CA GLY A 327 -20.27 25.40 -16.46
C GLY A 327 -19.48 24.18 -16.88
N PHE A 328 -18.71 23.62 -15.95
CA PHE A 328 -17.94 22.42 -16.26
C PHE A 328 -18.91 21.30 -16.62
N GLY A 329 -20.01 21.21 -15.86
CA GLY A 329 -20.95 20.14 -15.97
C GLY A 329 -21.74 20.22 -17.25
N ILE A 330 -22.10 21.44 -17.61
CA ILE A 330 -22.69 21.76 -18.89
C ILE A 330 -21.87 21.14 -20.01
N MET A 331 -20.56 21.29 -19.90
CA MET A 331 -19.63 20.71 -20.87
C MET A 331 -19.57 19.19 -20.78
N ALA A 332 -19.60 18.66 -19.55
CA ALA A 332 -19.74 17.23 -19.34
C ALA A 332 -21.01 16.71 -19.97
N ILE A 333 -22.10 17.48 -19.87
CA ILE A 333 -23.35 17.04 -20.47
C ILE A 333 -23.26 17.04 -22.00
N VAL A 334 -22.66 18.06 -22.58
CA VAL A 334 -22.47 18.07 -24.03
C VAL A 334 -21.68 16.84 -24.47
N ALA A 335 -20.57 16.56 -23.77
CA ALA A 335 -19.78 15.37 -24.05
C ALA A 335 -20.64 14.13 -23.94
N GLY A 336 -21.46 14.08 -22.88
CA GLY A 336 -22.31 12.94 -22.58
C GLY A 336 -23.32 12.70 -23.68
N ILE A 337 -23.77 13.77 -24.32
CA ILE A 337 -24.67 13.65 -25.47
C ILE A 337 -23.90 13.02 -26.65
N GLU A 338 -22.72 13.56 -26.93
CA GLU A 338 -21.89 13.03 -28.01
C GLU A 338 -21.53 11.58 -27.78
N ARG A 339 -21.18 11.24 -26.55
CA ARG A 339 -20.87 9.83 -26.20
C ARG A 339 -22.08 8.92 -26.09
N GLY A 340 -23.28 9.46 -26.28
CA GLY A 340 -24.50 8.69 -26.24
C GLY A 340 -24.91 8.20 -24.87
N PHE A 341 -24.45 8.86 -23.80
CA PHE A 341 -24.95 8.56 -22.44
C PHE A 341 -26.39 9.01 -22.28
N ILE A 342 -26.76 10.06 -23.01
CA ILE A 342 -28.14 10.52 -23.07
C ILE A 342 -28.39 10.89 -24.50
N THR A 343 -29.65 11.08 -24.83
CA THR A 343 -29.99 11.56 -26.15
C THR A 343 -29.83 13.06 -26.22
N ARG A 344 -29.66 13.56 -27.44
CA ARG A 344 -29.68 14.98 -27.70
C ARG A 344 -30.96 15.63 -27.18
N GLU A 345 -32.10 15.02 -27.42
CA GLU A 345 -33.37 15.59 -26.93
C GLU A 345 -33.40 15.74 -25.41
N GLU A 346 -32.95 14.71 -24.69
CA GLU A 346 -32.77 14.79 -23.25
C GLU A 346 -31.90 16.01 -22.92
N GLY A 347 -30.75 16.10 -23.59
CA GLY A 347 -29.83 17.20 -23.44
C GLY A 347 -30.47 18.56 -23.69
N VAL A 348 -31.21 18.65 -24.78
CA VAL A 348 -31.94 19.84 -25.14
C VAL A 348 -32.93 20.22 -24.05
N GLN A 349 -33.66 19.24 -23.52
CA GLN A 349 -34.62 19.51 -22.43
C GLN A 349 -33.91 20.05 -21.19
N ARG A 350 -32.81 19.40 -20.84
CA ARG A 350 -31.98 19.89 -19.75
C ARG A 350 -31.55 21.35 -19.98
N PHE A 351 -31.08 21.65 -21.18
CA PHE A 351 -30.54 22.99 -21.47
C PHE A 351 -31.61 24.07 -21.52
N LEU A 352 -32.82 23.70 -21.88
CA LEU A 352 -33.97 24.60 -21.75
C LEU A 352 -34.22 24.96 -20.29
N LYS A 353 -34.21 23.94 -19.44
CA LYS A 353 -34.29 24.18 -18.01
C LYS A 353 -33.11 25.02 -17.50
N ILE A 354 -31.88 24.63 -17.85
CA ILE A 354 -30.69 25.36 -17.43
C ILE A 354 -30.77 26.83 -17.82
N THR A 355 -31.04 27.07 -19.09
CA THR A 355 -31.14 28.43 -19.60
C THR A 355 -32.30 29.23 -19.00
N SER A 356 -33.47 28.62 -18.78
CA SER A 356 -34.58 29.35 -18.14
C SER A 356 -34.22 29.70 -16.71
N PHE A 357 -33.61 28.76 -16.02
CA PHE A 357 -33.16 29.03 -14.66
C PHE A 357 -32.13 30.17 -14.61
N LEU A 358 -31.14 30.11 -15.48
CA LEU A 358 -30.08 31.12 -15.48
C LEU A 358 -30.64 32.46 -15.89
N GLU A 359 -31.60 32.47 -16.79
CA GLU A 359 -32.32 33.71 -17.08
C GLU A 359 -32.91 34.32 -15.84
N LYS A 360 -33.52 33.51 -14.99
CA LYS A 360 -34.16 33.99 -13.78
C LYS A 360 -33.21 34.20 -12.61
N ALA A 361 -32.02 33.63 -12.64
CA ALA A 361 -31.13 33.74 -11.51
C ALA A 361 -30.70 35.20 -11.28
N ASP A 362 -30.44 35.57 -10.02
CA ASP A 362 -29.84 36.88 -9.70
C ASP A 362 -28.63 37.14 -10.58
N LYS A 363 -28.56 38.36 -11.11
CA LYS A 363 -27.39 38.84 -11.81
C LYS A 363 -26.78 39.97 -11.01
N PHE A 364 -25.49 40.15 -11.23
CA PHE A 364 -24.69 41.17 -10.54
C PHE A 364 -23.85 41.78 -11.61
N HIS A 365 -24.40 42.84 -12.20
CA HIS A 365 -23.94 43.38 -13.47
C HIS A 365 -23.80 42.25 -14.53
N GLY A 366 -24.86 41.47 -14.62
CA GLY A 366 -24.93 40.38 -15.58
C GLY A 366 -24.16 39.12 -15.23
N ALA A 367 -23.24 39.22 -14.27
CA ALA A 367 -22.50 38.06 -13.80
C ALA A 367 -23.38 37.32 -12.83
N VAL A 368 -23.00 36.07 -12.55
CA VAL A 368 -23.69 35.28 -11.56
C VAL A 368 -22.82 35.16 -10.34
N SER A 369 -23.46 34.83 -9.24
CA SER A 369 -22.76 34.44 -8.04
C SER A 369 -22.21 33.02 -8.16
N HIS A 370 -21.33 32.69 -7.23
CA HIS A 370 -20.73 31.39 -7.14
C HIS A 370 -21.81 30.37 -6.87
N PHE A 371 -22.66 30.67 -5.90
CA PHE A 371 -23.67 29.75 -5.46
C PHE A 371 -25.03 30.35 -5.64
N ILE A 372 -25.94 29.53 -6.15
CA ILE A 372 -27.32 29.90 -6.32
C ILE A 372 -28.18 28.77 -5.77
N ASP A 373 -29.30 29.14 -5.19
CA ASP A 373 -30.28 28.17 -4.76
C ASP A 373 -31.05 27.81 -6.01
N GLY A 374 -30.91 26.55 -6.44
CA GLY A 374 -31.51 26.05 -7.66
C GLY A 374 -33.02 26.11 -7.69
N THR A 375 -33.65 26.11 -6.52
CA THR A 375 -35.08 26.17 -6.41
C THR A 375 -35.61 27.60 -6.48
N THR A 376 -34.76 28.60 -6.22
CA THR A 376 -35.22 30.00 -6.20
C THR A 376 -34.55 30.99 -7.16
N GLY A 377 -33.37 30.65 -7.69
CA GLY A 377 -32.57 31.60 -8.46
C GLY A 377 -31.83 32.59 -7.58
N LYS A 378 -31.93 32.44 -6.25
CA LYS A 378 -31.36 33.42 -5.32
C LYS A 378 -29.94 32.98 -4.98
N THR A 379 -29.05 33.95 -4.96
CA THR A 379 -27.68 33.75 -4.54
C THR A 379 -27.64 33.22 -3.11
N VAL A 380 -26.71 32.31 -2.87
CA VAL A 380 -26.45 31.78 -1.55
C VAL A 380 -25.06 32.27 -1.21
N ALA A 381 -24.94 32.92 -0.06
CA ALA A 381 -23.68 33.45 0.43
C ALA A 381 -22.95 32.36 1.22
N PHE A 382 -22.67 31.27 0.50
CA PHE A 382 -22.13 30.07 1.10
C PHE A 382 -20.76 30.27 1.73
N PHE A 383 -19.92 31.08 1.09
CA PHE A 383 -18.58 31.37 1.60
C PHE A 383 -18.51 32.52 2.61
N GLY A 384 -19.66 33.09 2.95
CA GLY A 384 -19.75 34.12 3.95
C GLY A 384 -20.54 35.28 3.41
N PRO A 385 -20.96 36.18 4.30
CA PRO A 385 -21.86 37.28 3.95
C PRO A 385 -21.26 38.31 2.98
N LYS A 386 -19.94 38.36 2.85
CA LYS A 386 -19.32 39.23 1.84
C LYS A 386 -19.47 38.71 0.43
N ASP A 387 -19.56 37.40 0.29
CA ASP A 387 -19.58 36.80 -1.04
C ASP A 387 -21.00 36.51 -1.39
N ASN A 388 -21.75 37.59 -1.57
CA ASN A 388 -23.20 37.50 -1.71
C ASN A 388 -23.66 38.10 -3.03
N GLY A 389 -22.74 38.23 -3.98
CA GLY A 389 -23.03 38.87 -5.25
C GLY A 389 -22.27 38.18 -6.34
N GLY A 390 -21.81 38.93 -7.33
CA GLY A 390 -21.10 38.33 -8.45
C GLY A 390 -19.76 37.68 -8.08
N ASP A 391 -19.52 36.53 -8.68
CA ASP A 391 -18.21 35.90 -8.70
C ASP A 391 -17.83 35.77 -10.16
N LEU A 392 -16.93 36.63 -10.59
CA LEU A 392 -16.62 36.75 -12.00
C LEU A 392 -15.91 35.50 -12.51
N VAL A 393 -15.17 34.82 -11.65
CA VAL A 393 -14.41 33.68 -12.09
C VAL A 393 -15.37 32.54 -12.34
N GLU A 394 -16.32 32.36 -11.42
CA GLU A 394 -17.35 31.34 -11.51
C GLU A 394 -18.24 31.64 -12.71
N THR A 395 -18.56 32.91 -12.87
CA THR A 395 -19.28 33.40 -14.05
C THR A 395 -18.55 33.02 -15.31
N SER A 396 -17.24 33.26 -15.35
CA SER A 396 -16.45 32.86 -16.52
C SER A 396 -16.47 31.35 -16.77
N PHE A 397 -16.40 30.55 -15.70
CA PHE A 397 -16.46 29.10 -15.85
C PHE A 397 -17.83 28.70 -16.37
N LEU A 398 -18.87 29.36 -15.87
CA LEU A 398 -20.20 29.08 -16.30
C LEU A 398 -20.35 29.37 -17.77
N PHE A 399 -19.88 30.54 -18.16
CA PHE A 399 -20.00 30.98 -19.55
C PHE A 399 -19.05 30.32 -20.53
N GLN A 400 -17.90 29.85 -20.06
CA GLN A 400 -17.13 28.95 -20.90
C GLN A 400 -17.98 27.72 -21.29
N GLY A 401 -18.72 27.22 -20.33
CA GLY A 401 -19.62 26.10 -20.56
C GLY A 401 -20.74 26.49 -21.48
N LEU A 402 -21.37 27.64 -21.23
CA LEU A 402 -22.55 28.03 -21.99
C LEU A 402 -22.25 28.32 -23.43
N LEU A 403 -21.13 28.98 -23.70
CA LEU A 403 -20.74 29.25 -25.07
C LEU A 403 -20.40 27.96 -25.80
N THR A 404 -19.84 27.00 -25.08
CA THR A 404 -19.61 25.67 -25.64
C THR A 404 -20.94 25.04 -26.01
N ALA A 405 -21.86 25.03 -25.08
CA ALA A 405 -23.17 24.48 -25.32
C ALA A 405 -23.84 25.18 -26.48
N ARG A 406 -23.70 26.50 -26.55
CA ARG A 406 -24.34 27.30 -27.58
C ARG A 406 -23.87 26.92 -28.98
N GLN A 407 -22.59 26.56 -29.11
CA GLN A 407 -22.06 26.08 -30.36
C GLN A 407 -22.51 24.68 -30.65
N TYR A 408 -22.69 23.87 -29.61
CA TYR A 408 -23.16 22.51 -29.75
C TYR A 408 -24.59 22.45 -30.26
N PHE A 409 -25.48 23.21 -29.63
CA PHE A 409 -26.91 23.16 -29.93
C PHE A 409 -27.20 24.11 -31.08
N ASN A 410 -26.75 23.71 -32.26
CA ASN A 410 -26.73 24.54 -33.46
C ASN A 410 -27.82 24.16 -34.45
N GLN A 411 -28.76 23.32 -34.05
CA GLN A 411 -29.79 22.86 -34.98
C GLN A 411 -30.83 23.96 -35.15
N GLU A 412 -31.44 23.96 -36.34
CA GLU A 412 -32.48 24.90 -36.68
C GLU A 412 -33.80 24.29 -36.30
N ASN A 413 -34.06 24.29 -35.00
CA ASN A 413 -35.38 23.95 -34.46
C ASN A 413 -35.68 24.92 -33.34
N ASP A 414 -36.92 24.93 -32.87
CA ASP A 414 -37.34 26.00 -31.96
C ASP A 414 -36.60 25.91 -30.63
N LYS A 415 -36.36 24.68 -30.17
CA LYS A 415 -35.73 24.47 -28.86
C LYS A 415 -34.27 24.87 -28.83
N GLU A 416 -33.52 24.45 -29.84
CA GLU A 416 -32.10 24.81 -29.89
C GLU A 416 -31.92 26.29 -30.21
N LYS A 417 -32.78 26.83 -31.05
CA LYS A 417 -32.88 28.27 -31.25
C LYS A 417 -33.07 29.01 -29.91
N GLN A 418 -33.99 28.53 -29.08
CA GLN A 418 -34.25 29.14 -27.76
C GLN A 418 -33.04 29.02 -26.81
N ILE A 419 -32.42 27.84 -26.78
CA ILE A 419 -31.17 27.64 -26.03
C ILE A 419 -30.15 28.70 -26.46
N ARG A 420 -29.92 28.80 -27.77
CA ARG A 420 -28.96 29.73 -28.34
C ARG A 420 -29.30 31.18 -28.02
N LYS A 421 -30.55 31.57 -28.29
CA LYS A 421 -31.09 32.90 -27.96
C LYS A 421 -30.77 33.28 -26.52
N SER A 422 -31.12 32.38 -25.62
CA SER A 422 -31.00 32.61 -24.21
C SER A 422 -29.55 32.79 -23.79
N ILE A 423 -28.71 31.89 -24.25
CA ILE A 423 -27.29 31.99 -23.99
C ILE A 423 -26.69 33.26 -24.61
N ASP A 424 -27.05 33.62 -25.83
CA ASP A 424 -26.46 34.81 -26.43
C ASP A 424 -26.77 36.01 -25.58
N ASN A 425 -28.01 36.10 -25.09
CA ASN A 425 -28.44 37.24 -24.28
C ASN A 425 -27.82 37.26 -22.88
N LEU A 426 -27.81 36.09 -22.22
CA LEU A 426 -27.09 35.94 -20.95
C LEU A 426 -25.62 36.34 -21.11
N TRP A 427 -24.98 35.79 -22.14
CA TRP A 427 -23.59 36.09 -22.47
C TRP A 427 -23.31 37.58 -22.75
N LYS A 428 -24.09 38.17 -23.65
CA LYS A 428 -23.91 39.58 -23.99
C LYS A 428 -24.05 40.48 -22.79
N ASN A 429 -24.91 40.09 -21.86
CA ASN A 429 -25.21 40.93 -20.70
C ASN A 429 -24.31 40.75 -19.51
N VAL A 430 -23.32 39.87 -19.58
CA VAL A 430 -22.32 39.81 -18.50
C VAL A 430 -21.47 41.07 -18.64
N GLU A 431 -21.63 41.98 -17.69
CA GLU A 431 -20.86 43.23 -17.72
C GLU A 431 -19.45 43.03 -17.17
N TRP A 432 -18.61 42.37 -17.97
CA TRP A 432 -17.21 42.11 -17.59
C TRP A 432 -16.49 43.39 -17.15
N SER A 433 -16.69 44.45 -17.92
CA SER A 433 -16.05 45.75 -17.66
C SER A 433 -16.38 46.29 -16.30
N TRP A 434 -17.59 46.05 -15.82
CA TRP A 434 -17.98 46.42 -14.49
C TRP A 434 -17.01 45.89 -13.46
N TYR A 435 -16.55 44.65 -13.65
CA TYR A 435 -15.67 44.00 -12.67
C TYR A 435 -14.21 44.51 -12.68
N LYS A 436 -13.93 45.50 -13.52
CA LYS A 436 -12.72 46.29 -13.40
C LYS A 436 -12.69 47.15 -12.15
N GLN A 437 -13.87 47.52 -11.62
CA GLN A 437 -14.02 48.34 -10.42
C GLN A 437 -13.71 49.79 -10.70
N PHE A 438 -12.56 50.05 -11.32
CA PHE A 438 -12.21 51.39 -11.80
C PHE A 438 -12.07 51.33 -13.30
N LYS A 439 -12.37 52.46 -13.94
CA LYS A 439 -12.27 52.60 -15.39
C LYS A 439 -10.86 52.29 -15.86
N ASP A 440 -9.87 52.71 -15.09
CA ASP A 440 -8.48 52.53 -15.47
C ASP A 440 -7.81 51.37 -14.71
N SER A 441 -8.60 50.46 -14.12
CA SER A 441 -8.01 49.32 -13.40
C SER A 441 -7.25 48.44 -14.38
N PRO A 442 -5.99 48.13 -14.06
CA PRO A 442 -5.30 47.10 -14.84
C PRO A 442 -5.87 45.67 -14.64
N TYR A 443 -6.69 45.49 -13.59
CA TYR A 443 -7.17 44.20 -13.16
C TYR A 443 -8.68 44.09 -13.23
N LEU A 444 -9.12 42.86 -13.50
CA LEU A 444 -10.46 42.46 -13.14
C LEU A 444 -10.47 42.13 -11.68
N TYR A 445 -11.64 42.30 -11.06
CA TYR A 445 -11.88 41.81 -9.71
C TYR A 445 -12.75 40.55 -9.72
N TRP A 446 -12.49 39.72 -8.72
CA TRP A 446 -13.15 38.44 -8.55
C TRP A 446 -14.62 38.64 -8.22
N HIS A 447 -14.91 39.56 -7.30
CA HIS A 447 -16.25 39.65 -6.73
C HIS A 447 -16.83 41.02 -6.80
N TRP A 448 -18.16 41.10 -6.85
CA TRP A 448 -18.85 42.36 -6.58
C TRP A 448 -20.11 42.06 -5.83
N SER A 449 -20.30 42.72 -4.68
CA SER A 449 -21.46 42.51 -3.82
C SER A 449 -22.49 43.61 -4.04
N PRO A 450 -23.79 43.26 -4.18
CA PRO A 450 -24.82 44.28 -4.36
C PRO A 450 -24.91 45.27 -3.21
N ASP A 451 -24.56 44.84 -1.99
CA ASP A 451 -24.66 45.71 -0.83
C ASP A 451 -23.33 46.12 -0.20
N GLN A 452 -22.27 45.37 -0.50
CA GLN A 452 -20.95 45.62 0.03
C GLN A 452 -19.94 45.92 -1.06
N ALA A 453 -20.40 46.10 -2.29
CA ALA A 453 -19.56 46.56 -3.38
C ALA A 453 -18.28 45.71 -3.47
N TRP A 454 -17.10 46.34 -3.43
CA TRP A 454 -15.82 45.69 -3.69
C TRP A 454 -15.09 45.30 -2.40
N VAL A 455 -15.84 44.99 -1.35
CA VAL A 455 -15.25 44.66 -0.07
C VAL A 455 -14.24 43.50 -0.16
N ILE A 456 -14.51 42.46 -0.96
CA ILE A 456 -13.59 41.31 -0.98
C ILE A 456 -12.31 41.68 -1.68
N ASN A 457 -12.43 42.41 -2.79
CA ASN A 457 -11.31 43.15 -3.37
C ASN A 457 -10.12 42.26 -3.79
N HIS A 458 -10.46 41.16 -4.43
CA HIS A 458 -9.48 40.19 -4.85
C HIS A 458 -9.25 40.43 -6.34
N LYS A 459 -8.04 40.88 -6.68
CA LYS A 459 -7.67 41.10 -8.07
C LYS A 459 -7.47 39.77 -8.75
N LEU A 460 -7.82 39.68 -10.03
CA LEU A 460 -7.57 38.48 -10.79
C LEU A 460 -6.19 38.55 -11.36
N ILE A 461 -5.30 37.72 -10.83
CA ILE A 461 -3.90 37.75 -11.20
C ILE A 461 -3.43 36.34 -11.43
N GLY A 462 -2.98 36.08 -12.66
CA GLY A 462 -2.39 34.79 -13.04
C GLY A 462 -0.90 34.78 -12.70
N TRP A 463 -0.21 33.65 -12.77
CA TRP A 463 -0.79 32.34 -13.09
C TRP A 463 -1.66 31.82 -11.97
N ASN A 464 -2.91 31.59 -12.31
CA ASN A 464 -3.81 30.80 -11.50
C ASN A 464 -4.91 30.26 -12.42
N GLU A 465 -6.09 29.98 -11.88
CA GLU A 465 -7.15 29.33 -12.66
C GLU A 465 -7.98 30.25 -13.51
N THR A 466 -7.71 31.56 -13.42
CA THR A 466 -8.63 32.57 -13.89
C THR A 466 -8.32 33.10 -15.27
N MET A 467 -7.50 32.41 -16.09
CA MET A 467 -7.23 32.92 -17.44
C MET A 467 -8.50 33.15 -18.27
N ILE A 468 -9.45 32.22 -18.15
CA ILE A 468 -10.67 32.24 -18.94
C ILE A 468 -11.56 33.40 -18.54
N THR A 469 -11.43 33.86 -17.29
CA THR A 469 -12.10 35.06 -16.81
C THR A 469 -11.66 36.29 -17.62
N TYR A 470 -10.36 36.39 -17.85
CA TYR A 470 -9.85 37.45 -18.72
C TYR A 470 -10.19 37.21 -20.16
N MET A 471 -10.09 35.96 -20.58
CA MET A 471 -10.41 35.62 -21.94
C MET A 471 -11.84 36.05 -22.24
N LEU A 472 -12.78 35.60 -21.41
CA LEU A 472 -14.17 35.86 -21.68
C LEU A 472 -14.51 37.32 -21.53
N ALA A 473 -13.89 37.97 -20.54
CA ALA A 473 -14.04 39.40 -20.38
C ALA A 473 -13.68 40.16 -21.64
N ILE A 474 -12.61 39.74 -22.29
CA ILE A 474 -12.11 40.34 -23.52
C ILE A 474 -12.95 39.91 -24.75
N MET A 475 -13.58 38.75 -24.68
CA MET A 475 -14.43 38.25 -25.76
C MET A 475 -15.82 38.81 -25.69
N GLY A 476 -16.21 39.30 -24.51
CA GLY A 476 -17.54 39.87 -24.31
C GLY A 476 -17.81 40.89 -25.39
N PRO A 477 -18.89 40.71 -26.17
CA PRO A 477 -19.10 41.57 -27.33
C PRO A 477 -19.63 42.95 -26.97
N LYS A 478 -20.37 43.06 -25.89
CA LYS A 478 -20.95 44.34 -25.49
C LYS A 478 -20.14 45.02 -24.38
N TYR A 479 -19.78 44.27 -23.35
CA TYR A 479 -19.16 44.83 -22.15
C TYR A 479 -17.76 44.30 -22.00
N GLY A 480 -17.08 44.12 -23.14
CA GLY A 480 -15.76 43.61 -23.16
C GLY A 480 -14.80 44.56 -22.52
N ILE A 481 -13.68 44.02 -22.12
CA ILE A 481 -12.57 44.80 -21.63
C ILE A 481 -11.51 44.73 -22.72
N SER A 482 -10.57 45.64 -22.63
CA SER A 482 -9.50 45.75 -23.59
C SER A 482 -8.63 44.50 -23.54
N PRO A 483 -8.18 44.01 -24.70
CA PRO A 483 -7.27 42.85 -24.66
C PRO A 483 -5.98 43.11 -23.88
N GLU A 484 -5.60 44.38 -23.71
CA GLU A 484 -4.43 44.75 -22.88
C GLU A 484 -4.56 44.29 -21.44
N MET A 485 -5.79 44.17 -20.95
N MET A 485 -5.79 44.17 -20.95
CA MET A 485 -6.08 43.68 -19.62
CA MET A 485 -6.08 43.68 -19.62
C MET A 485 -5.51 42.29 -19.34
C MET A 485 -5.51 42.29 -19.34
N TYR A 486 -5.36 41.50 -20.39
CA TYR A 486 -4.63 40.25 -20.31
C TYR A 486 -3.21 40.43 -19.79
N TYR A 487 -2.51 41.48 -20.22
CA TYR A 487 -1.12 41.73 -19.73
C TYR A 487 -1.05 42.58 -18.50
N SER A 488 -1.95 43.54 -18.39
CA SER A 488 -1.92 44.51 -17.30
C SER A 488 -2.50 43.88 -16.03
N GLY A 489 -3.42 42.91 -16.20
CA GLY A 489 -4.11 42.26 -15.10
C GLY A 489 -3.66 40.84 -14.88
N TRP A 490 -4.21 39.93 -15.67
CA TRP A 490 -3.84 38.53 -15.64
C TRP A 490 -2.31 38.35 -15.53
N ALA A 491 -1.55 38.91 -16.48
CA ALA A 491 -0.09 38.76 -16.48
C ALA A 491 0.63 40.03 -16.00
N SER A 492 -0.01 40.76 -15.09
CA SER A 492 0.51 41.99 -14.54
C SER A 492 1.96 41.83 -14.12
N GLN A 493 2.79 42.79 -14.54
CA GLN A 493 4.16 42.88 -14.08
C GLN A 493 4.33 43.76 -12.84
N GLU A 494 3.24 44.29 -12.29
CA GLU A 494 3.32 45.18 -11.14
C GLU A 494 3.85 44.48 -9.91
N GLU A 495 4.51 45.28 -9.08
CA GLU A 495 4.97 44.89 -7.75
C GLU A 495 3.90 44.18 -6.93
N TYR A 496 2.68 44.74 -6.93
CA TYR A 496 1.57 44.19 -6.19
C TYR A 496 1.28 42.76 -6.68
N ALA A 497 1.29 42.56 -7.99
CA ALA A 497 0.94 41.25 -8.57
C ALA A 497 2.04 40.24 -8.29
N GLN A 498 3.28 40.74 -8.27
CA GLN A 498 4.43 39.92 -7.88
C GLN A 498 4.27 39.44 -6.44
N GLU A 499 3.95 40.37 -5.55
CA GLU A 499 3.71 40.05 -4.15
C GLU A 499 2.53 39.08 -3.95
N TYR A 500 1.46 39.28 -4.71
CA TYR A 500 0.30 38.40 -4.67
C TYR A 500 0.68 36.96 -5.02
N ARG A 501 1.47 36.82 -6.09
CA ARG A 501 1.96 35.52 -6.51
C ARG A 501 2.82 34.87 -5.45
N ALA A 502 3.79 35.62 -4.94
CA ALA A 502 4.69 35.09 -3.94
C ALA A 502 3.91 34.78 -2.66
N ASP A 503 2.89 35.58 -2.33
CA ASP A 503 2.09 35.34 -1.13
C ASP A 503 1.40 33.99 -1.10
N TRP A 504 0.78 33.56 -2.20
CA TRP A 504 0.15 32.26 -2.19
C TRP A 504 1.17 31.18 -2.53
N GLY A 505 2.05 31.46 -3.47
CA GLY A 505 3.03 30.51 -3.94
C GLY A 505 4.06 30.14 -2.90
N ARG A 506 4.35 31.08 -2.00
CA ARG A 506 5.40 30.90 -0.95
C ARG A 506 6.80 30.74 -1.56
N VAL A 507 6.95 31.17 -2.81
CA VAL A 507 8.21 31.15 -3.52
C VAL A 507 8.20 32.38 -4.37
N GLU A 508 9.38 32.70 -4.87
CA GLU A 508 9.55 33.82 -5.76
C GLU A 508 9.28 33.40 -7.20
N ASP A 509 9.36 32.09 -7.47
CA ASP A 509 9.29 31.56 -8.83
C ASP A 509 7.93 31.96 -9.42
N GLY A 510 7.94 32.56 -10.61
CA GLY A 510 6.72 32.96 -11.29
C GLY A 510 6.08 34.24 -10.79
N LYS A 511 6.73 34.92 -9.85
CA LYS A 511 6.19 36.19 -9.38
C LYS A 511 6.13 37.23 -10.54
N MET A 512 6.96 37.08 -11.56
CA MET A 512 6.92 37.94 -12.76
C MET A 512 5.92 37.48 -13.83
N TYR A 513 4.99 36.60 -13.44
CA TYR A 513 4.07 35.87 -14.35
C TYR A 513 4.81 34.80 -15.08
N THR A 514 5.77 35.25 -15.88
CA THR A 514 6.85 34.39 -16.34
C THR A 514 7.63 33.82 -15.17
N ASN A 515 8.24 32.68 -15.41
CA ASN A 515 8.90 31.95 -14.35
C ASN A 515 10.33 31.70 -14.83
N GLY A 516 10.49 30.83 -15.83
CA GLY A 516 11.80 30.52 -16.37
C GLY A 516 12.63 29.52 -15.61
N ASN A 517 12.20 29.10 -14.43
CA ASN A 517 12.87 28.03 -13.71
C ASN A 517 12.56 26.66 -14.30
N THR A 518 13.40 25.71 -13.93
CA THR A 518 13.25 24.33 -14.34
C THR A 518 12.88 23.47 -13.14
N TYR A 519 11.91 22.57 -13.36
CA TYR A 519 11.43 21.63 -12.33
C TYR A 519 11.35 20.30 -13.00
N TYR A 520 12.02 19.31 -12.42
CA TYR A 520 11.98 17.95 -12.93
C TYR A 520 12.32 17.99 -14.41
N GLY A 521 13.30 18.83 -14.76
CA GLY A 521 13.80 18.92 -16.12
C GLY A 521 12.97 19.67 -17.12
N GLU A 522 11.79 20.15 -16.69
CA GLU A 522 10.89 20.91 -17.53
C GLU A 522 11.05 22.37 -17.21
N ASN A 523 11.47 23.14 -18.21
CA ASN A 523 11.54 24.56 -18.07
C ASN A 523 10.18 25.21 -18.22
N LEU A 524 9.72 25.82 -17.15
CA LEU A 524 8.41 26.39 -17.07
C LEU A 524 8.49 27.86 -17.45
N LYS A 525 7.98 28.22 -18.63
CA LYS A 525 7.99 29.62 -19.05
C LYS A 525 7.10 30.51 -18.19
N VAL A 526 5.94 29.99 -17.82
CA VAL A 526 4.99 30.76 -17.05
C VAL A 526 4.53 29.92 -15.89
N GLY A 527 4.21 30.58 -14.80
CA GLY A 527 3.54 29.92 -13.71
C GLY A 527 4.15 30.26 -12.39
N VAL A 528 3.31 30.40 -11.39
CA VAL A 528 3.74 30.61 -10.04
C VAL A 528 4.29 29.29 -9.56
N SER A 529 5.41 29.37 -8.86
CA SER A 529 6.02 28.18 -8.29
C SER A 529 6.21 27.15 -9.40
N ASN A 530 5.95 25.87 -9.15
CA ASN A 530 6.05 24.87 -10.22
C ASN A 530 4.72 24.56 -10.89
N GLY A 531 3.75 25.46 -10.76
CA GLY A 531 2.49 25.39 -11.50
C GLY A 531 1.24 25.60 -10.67
N GLY A 532 1.37 25.44 -9.35
CA GLY A 532 0.25 25.56 -8.46
C GLY A 532 -0.55 24.27 -8.46
N PRO A 533 -1.73 24.29 -7.81
CA PRO A 533 -2.61 23.15 -7.91
C PRO A 533 -2.86 22.84 -9.35
N LEU A 534 -2.89 21.55 -9.66
CA LEU A 534 -3.02 21.15 -11.06
C LEU A 534 -4.33 21.52 -11.72
N PHE A 535 -5.36 21.84 -10.94
CA PHE A 535 -6.63 22.27 -11.57
C PHE A 535 -6.49 23.58 -12.33
N PHE A 536 -5.42 24.32 -12.07
CA PHE A 536 -5.07 25.49 -12.86
C PHE A 536 -4.97 25.21 -14.36
N ILE A 537 -4.48 24.03 -14.75
CA ILE A 537 -4.44 23.66 -16.16
C ILE A 537 -5.71 23.00 -16.71
N HIS A 538 -6.77 22.97 -15.90
CA HIS A 538 -8.00 22.33 -16.27
C HIS A 538 -9.07 23.37 -16.55
N TYR A 539 -9.45 24.13 -15.53
CA TYR A 539 -10.69 24.89 -15.55
C TYR A 539 -10.79 25.88 -16.69
N SER A 540 -9.72 26.66 -16.89
CA SER A 540 -9.70 27.63 -17.99
C SER A 540 -9.44 27.01 -19.35
N TYR A 541 -9.28 25.70 -19.39
CA TYR A 541 -8.86 24.98 -20.58
C TYR A 541 -9.79 23.83 -20.92
N LEU A 542 -11.02 23.92 -20.42
CA LEU A 542 -12.05 22.96 -20.80
C LEU A 542 -12.57 23.30 -22.17
N GLY A 543 -12.70 24.60 -22.41
CA GLY A 543 -13.26 25.16 -23.65
C GLY A 543 -12.16 25.85 -24.42
N LEU A 544 -11.50 26.80 -23.77
CA LEU A 544 -10.32 27.38 -24.33
C LEU A 544 -9.31 26.28 -24.60
N ASP A 545 -8.98 26.14 -25.88
CA ASP A 545 -8.06 25.11 -26.31
C ASP A 545 -6.67 25.68 -26.13
N PRO A 546 -5.90 25.14 -25.16
CA PRO A 546 -4.61 25.74 -24.86
C PRO A 546 -3.56 25.56 -25.97
N HIS A 547 -3.77 24.59 -26.86
CA HIS A 547 -3.02 24.45 -28.10
C HIS A 547 -3.16 25.72 -28.95
N LYS A 548 -4.28 26.43 -28.84
CA LYS A 548 -4.61 27.50 -29.77
C LYS A 548 -4.61 28.83 -29.08
N PHE A 549 -3.90 28.92 -27.97
CA PHE A 549 -3.66 30.20 -27.38
C PHE A 549 -2.22 30.26 -26.96
N THR A 550 -1.59 31.31 -27.48
CA THR A 550 -0.21 31.60 -27.25
C THR A 550 -0.14 33.08 -27.01
N ASP A 551 0.37 33.47 -25.85
CA ASP A 551 0.62 34.87 -25.53
C ASP A 551 2.10 35.18 -25.83
N LYS A 552 2.60 36.33 -25.39
CA LYS A 552 3.99 36.68 -25.70
C LYS A 552 5.03 35.79 -25.01
N TYR A 553 4.61 35.09 -23.95
CA TYR A 553 5.48 34.23 -23.14
C TYR A 553 5.54 32.76 -23.51
N THR A 554 4.39 32.17 -23.81
CA THR A 554 4.34 30.75 -24.08
C THR A 554 3.07 30.40 -24.80
N ASN A 555 3.11 29.28 -25.50
CA ASN A 555 1.92 28.55 -25.87
C ASN A 555 1.40 27.82 -24.60
N TYR A 556 0.08 27.81 -24.37
CA TYR A 556 -0.45 27.24 -23.12
C TYR A 556 -0.58 25.72 -23.07
N PHE A 557 -0.82 25.05 -24.18
CA PHE A 557 -0.77 23.61 -24.12
C PHE A 557 0.63 23.18 -23.68
N GLU A 558 1.65 23.76 -24.31
CA GLU A 558 3.04 23.45 -24.00
C GLU A 558 3.34 23.67 -22.53
N ASN A 559 2.94 24.83 -22.04
CA ASN A 559 3.24 25.21 -20.67
C ASN A 559 2.42 24.44 -19.63
N ASN A 560 1.11 24.31 -19.90
CA ASN A 560 0.21 23.53 -19.05
C ASN A 560 0.69 22.09 -18.98
N GLN A 561 1.06 21.53 -20.12
CA GLN A 561 1.52 20.14 -20.17
C GLN A 561 2.75 19.95 -19.29
N LYS A 562 3.64 20.94 -19.31
CA LYS A 562 4.78 20.93 -18.42
C LYS A 562 4.37 20.88 -16.96
N MET A 563 3.35 21.66 -16.60
CA MET A 563 2.83 21.60 -15.24
C MET A 563 2.34 20.19 -14.87
N ALA A 564 1.61 19.54 -15.77
CA ALA A 564 1.15 18.19 -15.52
C ALA A 564 2.33 17.26 -15.32
N LYS A 565 3.31 17.32 -16.21
CA LYS A 565 4.48 16.45 -16.10
C LYS A 565 5.27 16.71 -14.83
N ILE A 566 5.39 17.97 -14.45
CA ILE A 566 6.09 18.39 -13.25
C ILE A 566 5.41 17.78 -12.05
N ASN A 567 4.09 17.90 -12.05
CA ASN A 567 3.28 17.36 -10.99
C ASN A 567 3.48 15.83 -10.91
N GLN A 568 3.37 15.14 -12.04
CA GLN A 568 3.61 13.71 -12.03
C GLN A 568 5.01 13.39 -11.51
N ARG A 569 6.00 14.17 -11.94
CA ARG A 569 7.38 13.84 -11.56
C ARG A 569 7.69 14.08 -10.12
N TYR A 570 7.05 15.10 -9.56
CA TYR A 570 7.07 15.33 -8.13
C TYR A 570 6.51 14.11 -7.40
N CYS A 571 5.41 13.61 -7.93
CA CYS A 571 4.66 12.54 -7.29
C CYS A 571 5.45 11.25 -7.39
N ILE A 572 6.10 11.02 -8.51
CA ILE A 572 6.93 9.83 -8.65
C ILE A 572 8.07 9.94 -7.64
N GLU A 573 8.75 11.07 -7.69
CA GLU A 573 9.83 11.34 -6.76
C GLU A 573 9.37 11.14 -5.33
N ASN A 574 8.19 11.68 -4.99
CA ASN A 574 7.54 11.43 -3.69
C ASN A 574 8.43 11.77 -2.50
N GLN A 575 8.94 13.00 -2.50
CA GLN A 575 9.77 13.50 -1.40
C GLN A 575 9.12 13.22 -0.03
N GLY A 576 7.80 13.34 0.05
CA GLY A 576 7.09 13.16 1.31
C GLY A 576 6.95 11.73 1.80
N GLY A 577 7.36 10.75 1.00
CA GLY A 577 7.15 9.34 1.30
C GLY A 577 5.68 8.98 1.44
N TYR A 578 4.77 9.71 0.81
CA TYR A 578 3.35 9.45 0.98
C TYR A 578 3.01 8.15 0.31
N VAL A 579 2.16 7.38 0.96
CA VAL A 579 1.84 6.05 0.49
C VAL A 579 1.10 6.12 -0.85
N GLY A 580 1.51 5.26 -1.78
CA GLY A 580 0.84 5.10 -3.06
C GLY A 580 1.18 6.09 -4.17
N TYR A 581 1.89 7.17 -3.86
CA TYR A 581 2.31 8.15 -4.87
C TYR A 581 3.25 7.51 -5.88
N GLY A 582 3.07 7.80 -7.15
CA GLY A 582 3.96 7.22 -8.14
C GLY A 582 3.50 7.65 -9.50
N GLU A 583 3.94 6.91 -10.49
CA GLU A 583 3.65 7.22 -11.88
C GLU A 583 2.16 7.14 -12.21
N ASP A 584 1.46 6.32 -11.44
CA ASP A 584 0.06 6.06 -11.65
C ASP A 584 -0.79 6.70 -10.54
N CYS A 585 -0.17 7.56 -9.76
CA CYS A 585 -0.87 8.21 -8.67
C CYS A 585 -0.24 9.55 -8.46
N TRP A 586 -0.82 10.53 -9.12
CA TRP A 586 -0.24 11.86 -9.21
C TRP A 586 -1.32 12.84 -9.59
N GLY A 587 -0.99 14.12 -9.53
CA GLY A 587 -1.92 15.19 -9.91
C GLY A 587 -2.41 15.93 -8.69
N LEU A 588 -1.48 16.35 -7.86
CA LEU A 588 -1.81 17.11 -6.69
C LEU A 588 -2.56 18.36 -7.07
N THR A 589 -3.66 18.58 -6.37
CA THR A 589 -4.55 19.70 -6.67
C THR A 589 -5.47 19.92 -5.46
N ALA A 590 -6.34 20.90 -5.61
CA ALA A 590 -7.24 21.30 -4.55
C ALA A 590 -8.32 20.29 -4.33
N SER A 591 -8.63 20.09 -3.04
CA SER A 591 -9.81 19.36 -2.66
C SER A 591 -10.08 19.62 -1.20
N ASP A 592 -11.28 19.23 -0.78
CA ASP A 592 -11.48 19.04 0.66
C ASP A 592 -10.66 17.87 1.16
N PHE A 593 -10.09 18.02 2.35
CA PHE A 593 -9.43 16.93 3.04
C PHE A 593 -10.26 16.68 4.31
N ALA A 594 -9.62 16.25 5.39
CA ALA A 594 -10.31 15.66 6.52
C ALA A 594 -11.14 16.69 7.29
N TRP A 595 -10.55 17.86 7.47
CA TRP A 595 -11.13 18.95 8.25
C TRP A 595 -11.25 20.28 7.54
N ASN A 596 -10.60 20.45 6.40
CA ASN A 596 -10.55 21.74 5.73
C ASN A 596 -10.27 21.58 4.26
N TYR A 597 -10.46 22.66 3.54
CA TYR A 597 -10.07 22.76 2.17
C TYR A 597 -8.55 22.86 2.12
N GLN A 598 -7.98 22.30 1.08
CA GLN A 598 -6.54 22.43 0.85
C GLN A 598 -6.27 22.57 -0.64
N ALA A 599 -5.35 23.44 -0.99
CA ALA A 599 -5.03 23.70 -2.40
C ALA A 599 -3.68 23.05 -2.66
N GLN A 600 -3.66 21.73 -2.85
CA GLN A 600 -2.41 21.00 -2.89
C GLN A 600 -1.66 21.25 -4.17
N GLU A 601 -0.35 21.11 -4.07
CA GLU A 601 0.56 21.34 -5.20
C GLU A 601 1.68 20.34 -5.11
N PRO A 602 2.44 20.14 -6.22
CA PRO A 602 3.65 19.32 -6.14
C PRO A 602 4.79 20.12 -5.48
N MET A 603 4.59 20.41 -4.21
CA MET A 603 5.52 21.15 -3.38
C MET A 603 5.33 20.60 -1.96
N PRO A 604 6.45 20.35 -1.22
CA PRO A 604 6.33 19.77 0.15
C PRO A 604 5.31 20.42 1.05
N HIS A 605 5.24 21.74 1.01
CA HIS A 605 4.35 22.51 1.91
C HIS A 605 2.88 22.49 1.46
N ARG A 606 2.58 21.88 0.32
CA ARG A 606 1.25 21.75 -0.17
C ARG A 606 1.04 20.30 -0.56
N ASP A 607 1.66 19.39 0.19
CA ASP A 607 1.45 17.95 -0.02
C ASP A 607 1.45 17.26 1.33
N ASN A 608 0.39 16.50 1.60
CA ASN A 608 0.28 15.76 2.85
C ASN A 608 -0.21 14.34 2.60
N GLY A 609 -0.05 13.85 1.38
CA GLY A 609 -0.46 12.49 1.01
C GLY A 609 -1.82 12.39 0.35
N THR A 610 -2.48 13.54 0.23
CA THR A 610 -3.81 13.59 -0.30
C THR A 610 -3.77 13.80 -1.78
N MET A 611 -4.41 12.88 -2.50
CA MET A 611 -4.45 12.89 -3.94
C MET A 611 -5.91 12.98 -4.39
N ALA A 612 -6.22 13.99 -5.18
CA ALA A 612 -7.54 14.15 -5.77
C ALA A 612 -7.45 13.57 -7.18
N PRO A 613 -8.20 12.49 -7.46
CA PRO A 613 -8.14 11.89 -8.79
C PRO A 613 -8.34 12.86 -9.95
N THR A 614 -9.08 13.93 -9.73
CA THR A 614 -9.32 14.89 -10.78
C THR A 614 -8.01 15.48 -11.34
N GLY A 615 -6.99 15.59 -10.50
CA GLY A 615 -5.66 16.07 -10.94
C GLY A 615 -5.13 15.36 -12.17
N ALA A 616 -4.92 14.05 -12.06
CA ALA A 616 -4.39 13.26 -13.18
C ALA A 616 -5.42 13.15 -14.30
N LEU A 617 -6.66 12.93 -13.92
CA LEU A 617 -7.65 12.49 -14.89
C LEU A 617 -8.05 13.60 -15.82
N ALA A 618 -8.24 14.80 -15.29
CA ALA A 618 -8.57 15.94 -16.13
C ALA A 618 -7.34 16.50 -16.85
N SER A 619 -6.17 15.93 -16.57
CA SER A 619 -4.96 16.24 -17.29
C SER A 619 -4.78 15.41 -18.54
N PHE A 620 -5.72 14.51 -18.83
CA PHE A 620 -5.65 13.65 -20.01
C PHE A 620 -5.07 14.27 -21.29
N PRO A 621 -5.58 15.41 -21.75
CA PRO A 621 -5.10 15.95 -23.04
C PRO A 621 -3.65 16.30 -23.05
N TYR A 622 -3.11 16.62 -21.87
CA TYR A 622 -1.73 16.96 -21.70
C TYR A 622 -0.82 15.76 -21.57
N THR A 623 -1.22 14.79 -20.75
CA THR A 623 -0.34 13.68 -20.39
C THR A 623 -1.17 12.41 -20.47
N PRO A 624 -1.56 12.03 -21.69
CA PRO A 624 -2.54 10.94 -21.80
C PRO A 624 -2.09 9.63 -21.18
N ASP A 625 -0.85 9.27 -21.40
CA ASP A 625 -0.35 8.02 -20.91
C ASP A 625 -0.31 8.07 -19.38
N ALA A 626 0.22 9.15 -18.82
CA ALA A 626 0.30 9.33 -17.38
C ALA A 626 -1.11 9.34 -16.76
N SER A 627 -2.03 10.01 -17.43
CA SER A 627 -3.39 10.08 -16.93
C SER A 627 -4.07 8.73 -17.07
N MET A 628 -3.79 8.01 -18.14
CA MET A 628 -4.37 6.69 -18.32
C MET A 628 -3.83 5.73 -17.25
N LYS A 629 -2.55 5.87 -16.90
CA LYS A 629 -1.98 5.06 -15.83
C LYS A 629 -2.69 5.31 -14.52
N ALA A 630 -2.92 6.59 -14.21
CA ALA A 630 -3.64 6.99 -13.01
C ALA A 630 -5.03 6.39 -12.99
N LEU A 631 -5.73 6.56 -14.10
CA LEU A 631 -7.07 6.03 -14.23
C LEU A 631 -7.11 4.53 -13.91
N ARG A 632 -6.23 3.78 -14.57
CA ARG A 632 -6.17 2.34 -14.37
C ARG A 632 -5.89 1.93 -12.94
N ASN A 633 -4.95 2.64 -12.32
CA ASN A 633 -4.59 2.44 -10.94
C ASN A 633 -5.75 2.78 -10.01
N TYR A 634 -6.28 3.99 -10.17
CA TYR A 634 -7.38 4.44 -9.31
C TYR A 634 -8.57 3.48 -9.33
N TYR A 635 -8.91 3.03 -10.53
CA TYR A 635 -10.00 2.09 -10.70
C TYR A 635 -9.62 0.70 -10.25
N ARG A 636 -8.59 0.10 -10.87
CA ARG A 636 -8.34 -1.32 -10.65
C ARG A 636 -7.74 -1.61 -9.31
N ASN A 637 -6.86 -0.75 -8.82
CA ASN A 637 -6.16 -1.01 -7.55
C ASN A 637 -6.85 -0.36 -6.38
N HIS A 638 -7.26 0.91 -6.54
CA HIS A 638 -7.95 1.65 -5.46
C HIS A 638 -9.44 1.70 -5.53
N GLY A 639 -10.05 1.01 -6.48
CA GLY A 639 -11.46 1.18 -6.73
C GLY A 639 -12.34 0.76 -5.60
N SER A 640 -11.94 -0.25 -4.83
CA SER A 640 -12.71 -0.70 -3.66
C SER A 640 -13.13 0.43 -2.75
N PHE A 641 -12.26 1.41 -2.56
CA PHE A 641 -12.59 2.63 -1.81
C PHE A 641 -12.70 3.87 -2.65
N LEU A 642 -12.04 3.94 -3.79
CA LEU A 642 -11.93 5.17 -4.56
C LEU A 642 -12.95 5.33 -5.68
N TRP A 643 -13.52 4.23 -6.17
CA TRP A 643 -14.51 4.28 -7.25
C TRP A 643 -15.91 4.25 -6.68
N GLY A 644 -16.72 5.21 -7.08
CA GLY A 644 -18.05 5.36 -6.54
C GLY A 644 -19.04 5.63 -7.66
N GLU A 645 -20.23 6.06 -7.22
CA GLU A 645 -21.42 6.16 -8.04
C GLU A 645 -21.32 7.30 -9.03
N TYR A 646 -20.56 8.33 -8.65
CA TYR A 646 -20.39 9.50 -9.50
C TYR A 646 -18.97 9.66 -10.01
N GLY A 647 -18.27 8.54 -10.15
CA GLY A 647 -16.90 8.53 -10.61
C GLY A 647 -16.03 8.33 -9.40
N PHE A 648 -14.80 8.79 -9.46
CA PHE A 648 -13.90 8.59 -8.35
C PHE A 648 -14.27 9.52 -7.24
N ARG A 649 -14.05 9.07 -6.02
CA ARG A 649 -14.23 9.94 -4.88
C ARG A 649 -13.29 11.12 -4.97
N ASP A 650 -13.66 12.20 -4.33
CA ASP A 650 -12.98 13.47 -4.54
C ASP A 650 -11.48 13.44 -4.29
N ALA A 651 -11.07 12.69 -3.27
CA ALA A 651 -9.70 12.62 -2.86
C ALA A 651 -9.51 11.46 -1.95
N PHE A 652 -8.26 11.07 -1.81
CA PHE A 652 -7.89 10.06 -0.88
C PHE A 652 -6.47 10.27 -0.36
N ASN A 653 -6.23 9.72 0.82
CA ASN A 653 -4.93 9.81 1.44
C ASN A 653 -4.63 8.44 2.00
N LEU A 654 -3.81 7.68 1.27
CA LEU A 654 -3.42 6.35 1.77
C LEU A 654 -2.52 6.45 2.99
N THR A 655 -1.85 7.57 3.16
CA THR A 655 -0.89 7.71 4.26
C THR A 655 -1.61 7.73 5.59
N VAL A 656 -2.73 8.45 5.65
CA VAL A 656 -3.54 8.51 6.86
C VAL A 656 -4.81 7.65 6.78
N ASN A 657 -4.97 6.92 5.67
CA ASN A 657 -6.10 6.01 5.47
C ASN A 657 -7.46 6.74 5.50
N TRP A 658 -7.57 7.68 4.57
CA TRP A 658 -8.71 8.55 4.42
C TRP A 658 -9.15 8.57 2.95
N VAL A 659 -10.45 8.62 2.74
CA VAL A 659 -11.01 8.95 1.44
C VAL A 659 -12.15 9.93 1.66
N SER A 660 -12.32 10.81 0.70
CA SER A 660 -13.32 11.82 0.79
C SER A 660 -14.71 11.20 0.85
N PRO A 661 -15.59 11.77 1.71
CA PRO A 661 -16.98 11.30 1.73
C PRO A 661 -17.85 11.90 0.63
N LEU A 662 -17.28 12.67 -0.30
CA LEU A 662 -18.08 13.41 -1.25
C LEU A 662 -17.58 13.29 -2.68
N PHE A 663 -18.46 13.68 -3.58
CA PHE A 663 -18.12 14.02 -4.92
C PHE A 663 -18.30 15.51 -5.06
N MET A 664 -17.37 16.12 -5.78
CA MET A 664 -17.30 17.57 -5.83
C MET A 664 -17.67 18.01 -7.23
N GLY A 665 -18.58 18.97 -7.32
CA GLY A 665 -19.02 19.54 -8.60
C GLY A 665 -17.87 20.05 -9.44
N LEU A 666 -16.92 20.71 -8.79
CA LEU A 666 -15.76 21.22 -9.49
C LEU A 666 -14.88 20.15 -10.09
N ASN A 667 -14.85 18.97 -9.49
CA ASN A 667 -13.80 17.99 -9.79
C ASN A 667 -14.22 16.87 -10.73
N GLN A 668 -15.51 16.63 -10.87
CA GLN A 668 -15.92 15.47 -11.67
C GLN A 668 -15.99 15.84 -13.14
N ALA A 669 -16.59 16.98 -13.43
CA ALA A 669 -16.82 17.34 -14.85
C ALA A 669 -15.52 17.51 -15.62
N PRO A 670 -14.49 18.13 -14.99
CA PRO A 670 -13.25 18.26 -15.75
C PRO A 670 -12.73 16.94 -16.24
N VAL A 671 -13.03 15.87 -15.51
CA VAL A 671 -12.55 14.56 -15.93
C VAL A 671 -13.26 14.16 -17.23
N THR A 672 -14.58 14.23 -17.21
CA THR A 672 -15.35 13.92 -18.43
C THR A 672 -14.89 14.79 -19.59
N VAL A 673 -14.77 16.08 -19.32
CA VAL A 673 -14.56 17.06 -20.36
C VAL A 673 -13.18 16.93 -20.96
N MET A 674 -12.16 16.84 -20.09
CA MET A 674 -10.79 16.76 -20.59
C MET A 674 -10.49 15.40 -21.17
N ILE A 675 -11.10 14.36 -20.63
CA ILE A 675 -11.04 13.06 -21.33
C ILE A 675 -11.53 13.28 -22.73
N GLU A 676 -12.68 13.95 -22.85
CA GLU A 676 -13.30 14.16 -24.14
C GLU A 676 -12.43 14.97 -25.07
N ASN A 677 -11.77 16.02 -24.55
CA ASN A 677 -10.91 16.84 -25.37
C ASN A 677 -9.72 16.04 -25.84
N TYR A 678 -9.22 15.15 -25.01
CA TYR A 678 -8.16 14.24 -25.44
C TYR A 678 -8.66 13.32 -26.54
N ARG A 679 -9.89 12.87 -26.46
CA ARG A 679 -10.38 11.84 -27.37
C ARG A 679 -10.75 12.40 -28.71
N THR A 680 -11.46 13.53 -28.70
CA THR A 680 -12.03 14.11 -29.90
C THR A 680 -11.82 15.60 -30.07
N ASN A 681 -11.22 16.28 -29.09
CA ASN A 681 -11.18 17.75 -29.07
C ASN A 681 -12.58 18.40 -29.03
N LEU A 682 -13.61 17.68 -28.60
CA LEU A 682 -14.99 18.12 -28.78
C LEU A 682 -15.28 19.49 -28.19
N LEU A 683 -15.06 19.63 -26.89
CA LEU A 683 -15.42 20.85 -26.18
C LEU A 683 -14.56 21.99 -26.63
N TRP A 684 -13.27 21.73 -26.80
CA TRP A 684 -12.37 22.68 -27.38
C TRP A 684 -12.85 23.18 -28.73
N ASN A 685 -13.17 22.25 -29.65
CA ASN A 685 -13.60 22.63 -30.98
C ASN A 685 -14.88 23.45 -30.90
N LEU A 686 -15.78 23.07 -30.00
CA LEU A 686 -17.02 23.82 -29.85
C LEU A 686 -16.73 25.25 -29.39
N PHE A 687 -16.08 25.36 -28.25
CA PHE A 687 -15.77 26.64 -27.68
C PHE A 687 -15.01 27.53 -28.64
N MET A 688 -13.96 26.97 -29.26
CA MET A 688 -13.08 27.72 -30.13
C MET A 688 -13.72 28.15 -31.44
N SER A 689 -14.85 27.54 -31.83
CA SER A 689 -15.62 27.98 -32.99
C SER A 689 -16.51 29.17 -32.71
N HIS A 690 -16.62 29.58 -31.45
CA HIS A 690 -17.53 30.67 -31.13
C HIS A 690 -16.96 31.99 -31.65
N PRO A 691 -17.78 32.78 -32.35
CA PRO A 691 -17.23 33.98 -32.96
C PRO A 691 -16.58 34.93 -31.97
N ASP A 692 -17.22 35.20 -30.84
CA ASP A 692 -16.63 36.07 -29.83
C ASP A 692 -15.34 35.55 -29.26
N VAL A 693 -15.25 34.22 -29.16
CA VAL A 693 -14.03 33.57 -28.68
C VAL A 693 -12.91 33.81 -29.67
N GLN A 694 -13.18 33.54 -30.95
CA GLN A 694 -12.17 33.77 -31.97
C GLN A 694 -11.69 35.21 -31.97
N LYS A 695 -12.61 36.16 -31.94
CA LYS A 695 -12.24 37.59 -31.92
C LYS A 695 -11.34 37.96 -30.74
N GLY A 696 -11.68 37.46 -29.55
CA GLY A 696 -10.94 37.81 -28.34
C GLY A 696 -9.53 37.26 -28.39
N ILE A 697 -9.40 36.03 -28.87
CA ILE A 697 -8.10 35.38 -29.03
C ILE A 697 -7.25 36.16 -30.01
N GLN A 698 -7.84 36.51 -31.16
CA GLN A 698 -7.16 37.33 -32.17
C GLN A 698 -6.63 38.59 -31.51
N LYS A 699 -7.51 39.28 -30.81
CA LYS A 699 -7.15 40.53 -30.17
C LYS A 699 -6.01 40.36 -29.20
N ILE A 700 -6.03 39.28 -28.41
CA ILE A 700 -5.00 39.11 -27.39
C ILE A 700 -3.69 38.78 -28.07
N GLN A 701 -3.74 37.86 -29.01
CA GLN A 701 -2.54 37.42 -29.73
C GLN A 701 -1.94 38.48 -30.65
N SER A 702 -2.70 39.49 -31.04
CA SER A 702 -2.20 40.57 -31.88
C SER A 702 -1.45 41.67 -31.12
N ILE A 703 -1.57 41.73 -29.79
CA ILE A 703 -0.88 42.75 -28.99
C ILE A 703 0.64 42.65 -29.19
N LYS B 4 30.70 -23.30 -5.43
CA LYS B 4 30.48 -22.77 -6.82
C LYS B 4 30.41 -21.24 -6.84
N PRO B 5 30.93 -20.62 -7.90
CA PRO B 5 31.04 -19.17 -7.88
C PRO B 5 29.78 -18.49 -8.37
N TYR B 6 29.40 -17.41 -7.70
CA TYR B 6 28.37 -16.53 -8.21
C TYR B 6 28.95 -15.60 -9.24
N ASP B 7 28.07 -15.07 -10.07
CA ASP B 7 28.38 -13.85 -10.77
C ASP B 7 28.09 -12.71 -9.82
N TYR B 8 28.96 -11.70 -9.86
CA TYR B 8 28.77 -10.51 -9.06
C TYR B 8 27.85 -9.61 -9.89
N VAL B 9 26.58 -9.61 -9.52
CA VAL B 9 25.51 -8.91 -10.25
C VAL B 9 25.13 -7.63 -9.55
N PHE B 10 25.10 -6.53 -10.31
CA PHE B 10 24.54 -5.27 -9.82
C PHE B 10 23.04 -5.18 -10.01
N PHE B 11 22.55 -5.69 -11.13
CA PHE B 11 21.12 -5.79 -11.33
C PHE B 11 20.77 -6.84 -12.35
N GLU B 12 19.82 -7.69 -11.98
CA GLU B 12 19.22 -8.65 -12.89
C GLU B 12 17.72 -8.37 -12.99
N ASN B 13 17.06 -8.32 -11.84
CA ASN B 13 15.62 -8.05 -11.75
C ASN B 13 15.32 -7.48 -10.37
N SER B 14 14.41 -6.53 -10.33
CA SER B 14 13.87 -6.05 -9.07
C SER B 14 12.78 -7.02 -8.66
N LEU B 15 12.87 -7.51 -7.43
CA LEU B 15 11.80 -8.34 -6.86
C LEU B 15 10.57 -7.48 -6.55
N MET B 16 10.78 -6.19 -6.25
CA MET B 16 9.68 -5.23 -6.11
C MET B 16 9.42 -4.45 -7.40
N LYS B 17 8.17 -4.12 -7.63
CA LYS B 17 7.77 -3.26 -8.71
C LYS B 17 8.10 -1.82 -8.37
N GLY B 18 8.13 -0.99 -9.41
CA GLY B 18 8.02 0.45 -9.26
C GLY B 18 9.36 1.14 -9.19
N ASP B 19 10.18 0.73 -8.24
CA ASP B 19 11.46 1.34 -8.03
C ASP B 19 12.41 0.37 -7.34
N TYR B 20 13.70 0.60 -7.51
CA TYR B 20 14.69 -0.39 -7.11
C TYR B 20 15.44 0.07 -5.89
N PHE B 21 15.33 -0.69 -4.81
CA PHE B 21 15.93 -0.29 -3.57
C PHE B 21 17.44 -0.06 -3.66
N TYR B 22 18.14 -0.96 -4.35
CA TYR B 22 19.59 -0.88 -4.46
C TYR B 22 20.02 0.01 -5.62
N SER B 23 19.51 1.24 -5.61
CA SER B 23 19.84 2.22 -6.61
C SER B 23 19.68 3.58 -6.02
N GLN B 24 20.29 4.52 -6.70
CA GLN B 24 20.22 5.89 -6.30
C GLN B 24 20.06 6.68 -7.58
N ALA B 25 19.34 7.78 -7.50
CA ALA B 25 19.12 8.63 -8.63
C ALA B 25 18.77 10.00 -8.07
N LYS B 26 19.66 10.93 -8.30
CA LYS B 26 19.47 12.29 -7.84
C LYS B 26 19.99 13.26 -8.89
N TYR B 27 19.61 14.51 -8.72
CA TYR B 27 19.84 15.51 -9.71
C TYR B 27 19.83 16.87 -9.09
N THR B 28 20.37 17.81 -9.86
CA THR B 28 20.33 19.24 -9.54
C THR B 28 19.72 19.85 -10.79
N SER B 29 18.64 20.62 -10.60
CA SER B 29 18.05 21.38 -11.71
C SER B 29 19.11 22.31 -12.32
N PRO B 30 19.11 22.50 -13.64
CA PRO B 30 17.98 22.14 -14.55
C PRO B 30 17.95 20.73 -15.09
N SER B 31 18.87 19.90 -14.63
CA SER B 31 18.93 18.50 -15.03
C SER B 31 17.91 17.71 -14.23
N TRP B 32 17.68 16.48 -14.66
CA TRP B 32 16.69 15.65 -14.04
C TRP B 32 17.01 14.20 -14.26
N ILE B 33 16.67 13.38 -13.28
CA ILE B 33 16.63 11.93 -13.49
C ILE B 33 15.38 11.41 -12.81
N LYS B 34 14.65 10.56 -13.53
CA LYS B 34 13.42 9.99 -13.04
C LYS B 34 13.77 9.11 -11.88
N ASN B 35 13.07 9.32 -10.76
CA ASN B 35 13.31 8.58 -9.54
C ASN B 35 12.06 8.52 -8.70
N ALA B 36 11.96 7.45 -7.91
CA ALA B 36 10.99 7.36 -6.82
C ALA B 36 11.84 7.34 -5.59
N ARG B 37 11.68 8.33 -4.73
CA ARG B 37 12.44 8.44 -3.46
C ARG B 37 13.93 8.20 -3.70
N HIS B 38 14.44 8.79 -4.77
CA HIS B 38 15.82 8.70 -5.18
C HIS B 38 16.30 7.30 -5.50
N HIS B 39 15.38 6.42 -5.89
CA HIS B 39 15.69 5.13 -6.44
C HIS B 39 15.30 5.18 -7.89
N LEU B 40 16.00 4.38 -8.69
CA LEU B 40 15.69 4.25 -10.09
C LEU B 40 14.35 3.54 -10.27
N PRO B 41 13.59 3.94 -11.28
CA PRO B 41 12.38 3.20 -11.54
C PRO B 41 12.70 1.84 -12.07
N VAL B 42 11.75 0.95 -11.88
CA VAL B 42 11.78 -0.39 -12.41
C VAL B 42 10.82 -0.41 -13.58
N ALA B 43 11.33 -0.73 -14.76
CA ALA B 43 10.50 -0.80 -15.92
C ALA B 43 10.04 -2.25 -16.02
N GLY B 44 8.75 -2.46 -15.81
CA GLY B 44 8.16 -3.79 -15.91
C GLY B 44 7.81 -4.23 -17.32
N SER B 45 7.77 -3.30 -18.27
CA SER B 45 7.35 -3.64 -19.63
C SER B 45 8.51 -3.84 -20.62
N VAL B 46 9.73 -3.50 -20.21
CA VAL B 46 10.90 -3.81 -21.02
C VAL B 46 11.98 -4.45 -20.18
N ALA B 47 12.50 -5.55 -20.68
CA ALA B 47 13.57 -6.25 -19.99
C ALA B 47 14.29 -7.17 -20.93
N PHE B 48 15.57 -7.39 -20.67
CA PHE B 48 16.27 -8.43 -21.36
C PHE B 48 16.05 -9.72 -20.58
N THR B 49 16.50 -9.78 -19.33
CA THR B 49 16.06 -10.87 -18.44
C THR B 49 14.69 -10.45 -17.95
N PRO B 50 13.66 -11.23 -18.30
CA PRO B 50 12.34 -10.85 -17.90
C PRO B 50 12.13 -10.80 -16.38
N GLY B 51 11.00 -10.18 -16.11
CA GLY B 51 10.73 -9.45 -14.96
C GLY B 51 10.83 -8.06 -15.55
N ASN B 52 11.98 -7.45 -15.34
CA ASN B 52 12.06 -6.01 -15.42
C ASN B 52 13.49 -5.55 -15.67
N SER B 53 13.61 -4.25 -15.89
CA SER B 53 14.87 -3.61 -16.08
C SER B 53 14.79 -2.31 -15.33
N LEU B 54 15.90 -1.62 -15.25
CA LEU B 54 15.94 -0.30 -14.67
C LEU B 54 15.75 0.79 -15.71
N GLU B 55 14.91 1.76 -15.36
CA GLU B 55 14.66 2.89 -16.20
C GLU B 55 15.65 3.98 -15.85
N LEU B 56 16.32 4.48 -16.87
CA LEU B 56 17.23 5.59 -16.71
C LEU B 56 16.70 6.67 -17.63
N THR B 57 15.89 7.54 -17.05
CA THR B 57 15.26 8.61 -17.79
C THR B 57 15.77 9.86 -17.18
N TYR B 58 16.39 10.68 -18.03
CA TYR B 58 17.15 11.83 -17.54
C TYR B 58 17.20 12.96 -18.54
N VAL B 59 17.51 14.12 -18.00
CA VAL B 59 17.77 15.32 -18.75
C VAL B 59 19.11 15.80 -18.25
N SER B 60 20.11 15.78 -19.12
CA SER B 60 21.39 16.38 -18.81
C SER B 60 21.34 17.79 -19.38
N ALA B 61 20.97 18.74 -18.54
CA ALA B 61 20.88 20.13 -18.96
C ALA B 61 22.17 20.84 -18.61
N PRO B 62 22.57 21.82 -19.44
CA PRO B 62 23.70 22.68 -19.13
C PRO B 62 23.54 23.25 -17.77
N GLY B 63 24.58 23.13 -16.94
CA GLY B 63 24.59 23.76 -15.60
C GLY B 63 23.85 22.97 -14.52
N GLY B 64 23.19 21.88 -14.92
CA GLY B 64 22.63 20.95 -13.96
C GLY B 64 23.54 19.76 -13.84
N ASP B 65 23.12 18.80 -13.03
CA ASP B 65 23.84 17.56 -12.91
C ASP B 65 22.85 16.47 -12.56
N TRP B 66 23.21 15.23 -12.83
CA TRP B 66 22.52 14.12 -12.24
C TRP B 66 23.45 12.99 -11.95
N TYR B 67 23.02 12.15 -11.01
CA TYR B 67 23.79 11.03 -10.55
C TYR B 67 22.86 9.83 -10.45
N SER B 68 23.31 8.67 -10.89
CA SER B 68 22.64 7.42 -10.58
C SER B 68 23.68 6.38 -10.25
N GLU B 69 23.31 5.44 -9.38
CA GLU B 69 24.10 4.21 -9.24
C GLU B 69 23.19 3.01 -9.01
N ILE B 70 23.70 1.85 -9.39
CA ILE B 70 23.07 0.59 -9.20
C ILE B 70 23.98 -0.13 -8.23
N GLN B 71 23.48 -0.38 -7.03
CA GLN B 71 24.29 -0.92 -5.96
C GLN B 71 24.25 -2.44 -5.97
N TYR B 72 25.42 -3.03 -5.75
CA TYR B 72 25.51 -4.45 -5.51
C TYR B 72 24.70 -4.71 -4.24
N CYS B 73 23.90 -5.77 -4.28
CA CYS B 73 23.01 -6.14 -3.20
C CYS B 73 23.70 -7.28 -2.46
N PRO B 74 24.30 -6.99 -1.29
CA PRO B 74 24.96 -8.06 -0.53
C PRO B 74 23.98 -9.09 -0.05
N VAL B 75 24.38 -10.35 -0.15
CA VAL B 75 23.51 -11.44 0.21
C VAL B 75 24.35 -12.37 1.06
N ARG B 76 23.81 -12.71 2.21
CA ARG B 76 24.49 -13.62 3.13
C ARG B 76 25.05 -14.81 2.38
N GLY B 77 26.33 -15.04 2.61
CA GLY B 77 27.01 -16.19 2.03
C GLY B 77 27.32 -16.12 0.56
N ASN B 78 27.10 -14.96 -0.07
CA ASN B 78 27.48 -14.71 -1.47
C ASN B 78 28.84 -14.08 -1.36
N ASP B 79 29.84 -14.94 -1.44
CA ASP B 79 31.21 -14.61 -1.11
C ASP B 79 32.19 -15.05 -2.17
N PHE B 80 31.83 -16.08 -2.90
CA PHE B 80 32.67 -16.67 -3.89
C PHE B 80 32.11 -16.32 -5.25
N PHE B 81 32.93 -15.66 -6.04
CA PHE B 81 32.52 -15.13 -7.32
C PHE B 81 33.48 -15.59 -8.40
N ARG B 82 32.99 -15.62 -9.63
CA ARG B 82 33.90 -15.73 -10.77
C ARG B 82 34.79 -14.51 -10.74
N GLU B 83 36.05 -14.69 -11.10
CA GLU B 83 36.95 -13.57 -11.24
C GLU B 83 36.57 -12.85 -12.54
N PRO B 84 36.10 -11.61 -12.44
CA PRO B 84 35.60 -10.94 -13.63
C PRO B 84 36.63 -10.07 -14.33
N SER B 85 36.46 -9.90 -15.62
CA SER B 85 37.22 -8.94 -16.41
C SER B 85 36.34 -7.86 -17.03
N THR B 86 35.02 -7.93 -16.81
CA THR B 86 34.07 -7.26 -17.69
C THR B 86 32.87 -6.78 -16.89
N LEU B 87 32.55 -5.49 -17.01
CA LEU B 87 31.24 -5.00 -16.60
C LEU B 87 30.30 -5.17 -17.79
N SER B 88 29.48 -6.20 -17.75
CA SER B 88 28.46 -6.46 -18.78
C SER B 88 27.11 -5.81 -18.40
N MET B 89 26.39 -5.30 -19.40
CA MET B 89 25.03 -4.78 -19.26
C MET B 89 24.26 -5.00 -20.53
N GLN B 90 22.95 -4.96 -20.42
CA GLN B 90 22.05 -4.86 -21.55
C GLN B 90 21.47 -3.43 -21.52
N VAL B 91 21.64 -2.71 -22.63
CA VAL B 91 21.25 -1.31 -22.72
C VAL B 91 20.29 -1.18 -23.88
N ARG B 92 19.17 -0.52 -23.62
CA ARG B 92 18.14 -0.32 -24.60
C ARG B 92 17.76 1.15 -24.63
N LEU B 93 17.89 1.77 -25.79
CA LEU B 93 17.54 3.18 -25.94
C LEU B 93 16.10 3.21 -26.36
N ARG B 94 15.33 4.06 -25.71
CA ARG B 94 13.93 4.20 -26.09
C ARG B 94 13.82 4.88 -27.46
N GLU B 95 14.64 5.91 -27.70
CA GLU B 95 14.61 6.69 -28.93
C GLU B 95 16.00 6.73 -29.53
N SER B 96 16.05 6.96 -30.85
CA SER B 96 17.32 7.30 -31.51
C SER B 96 17.84 8.51 -30.77
N MET B 97 19.14 8.54 -30.56
CA MET B 97 19.74 9.64 -29.82
C MET B 97 21.21 9.78 -30.20
N ASN B 98 21.73 10.97 -29.91
CA ASN B 98 23.14 11.26 -30.03
C ASN B 98 23.85 10.40 -28.98
N ALA B 99 24.66 9.46 -29.43
CA ALA B 99 25.41 8.59 -28.51
C ALA B 99 26.23 9.36 -27.46
N ALA B 100 26.69 10.57 -27.79
CA ALA B 100 27.36 11.44 -26.82
C ALA B 100 26.50 11.85 -25.63
N ALA B 101 25.17 11.84 -25.82
CA ALA B 101 24.23 12.13 -24.75
C ALA B 101 24.02 10.93 -23.81
N LEU B 102 24.50 9.74 -24.20
CA LEU B 102 24.52 8.58 -23.31
C LEU B 102 25.32 8.87 -22.06
N PRO B 103 25.05 8.15 -20.95
CA PRO B 103 25.73 8.46 -19.69
C PRO B 103 27.21 8.16 -19.69
N ASN B 104 27.92 8.81 -18.79
CA ASN B 104 29.23 8.37 -18.39
C ASN B 104 29.06 7.35 -17.28
N ILE B 105 29.94 6.35 -17.27
CA ILE B 105 29.80 5.18 -16.40
C ILE B 105 31.11 4.95 -15.64
N ALA B 106 30.98 4.70 -14.34
CA ALA B 106 32.10 4.41 -13.48
C ALA B 106 31.69 3.29 -12.52
N ILE B 107 32.64 2.81 -11.73
CA ILE B 107 32.32 1.95 -10.60
C ILE B 107 32.55 2.77 -9.36
N ARG B 108 31.61 2.72 -8.42
CA ARG B 108 31.82 3.31 -7.13
C ARG B 108 32.36 2.25 -6.21
N TYR B 109 33.43 2.61 -5.50
CA TYR B 109 34.03 1.73 -4.52
C TYR B 109 33.23 1.76 -3.21
N ALA B 110 33.42 0.72 -2.40
CA ALA B 110 32.84 0.65 -1.06
C ALA B 110 33.20 1.85 -0.17
N ASP B 111 34.40 2.41 -0.35
CA ASP B 111 34.80 3.65 0.37
C ASP B 111 34.26 4.97 -0.24
N SER B 112 33.39 4.87 -1.24
CA SER B 112 32.75 6.03 -1.92
C SER B 112 33.63 6.82 -2.87
N THR B 113 34.84 6.34 -3.13
CA THR B 113 35.65 6.87 -4.21
C THR B 113 35.20 6.17 -5.47
N TYR B 114 35.65 6.68 -6.60
CA TYR B 114 35.22 6.19 -7.89
C TYR B 114 36.39 5.77 -8.71
N THR B 115 36.09 4.97 -9.72
CA THR B 115 36.97 4.78 -10.83
C THR B 115 36.81 5.99 -11.72
N GLN B 116 37.64 6.04 -12.75
CA GLN B 116 37.46 7.00 -13.81
C GLN B 116 36.13 6.72 -14.53
N TYR B 117 35.47 7.77 -14.99
CA TYR B 117 34.26 7.61 -15.80
C TYR B 117 34.59 7.39 -17.25
N LEU B 118 33.85 6.48 -17.88
CA LEU B 118 33.96 6.17 -19.28
C LEU B 118 32.68 6.59 -19.98
N ASN B 119 32.77 6.94 -21.26
CA ASN B 119 31.61 7.28 -22.06
C ASN B 119 31.01 5.96 -22.49
N LEU B 120 29.70 5.84 -22.30
CA LEU B 120 29.01 4.61 -22.60
C LEU B 120 28.93 4.37 -24.12
N ARG B 121 29.04 5.45 -24.90
CA ARG B 121 29.07 5.36 -26.37
C ARG B 121 30.20 4.49 -26.90
N ASN B 122 31.36 4.50 -26.22
CA ASN B 122 32.54 3.73 -26.65
C ASN B 122 32.30 2.21 -26.62
N TYR B 123 31.23 1.77 -25.94
CA TYR B 123 30.89 0.36 -25.82
C TYR B 123 29.56 -0.03 -26.44
N LEU B 124 28.87 0.93 -27.03
CA LEU B 124 27.71 0.66 -27.87
C LEU B 124 28.08 0.92 -29.33
N LYS B 125 28.31 -0.15 -30.09
CA LYS B 125 28.55 -0.03 -31.53
C LYS B 125 27.22 0.33 -32.23
N ASP B 126 26.13 -0.26 -31.74
CA ASP B 126 24.81 -0.07 -32.30
C ASP B 126 23.98 0.72 -31.30
N THR B 127 23.48 1.89 -31.71
CA THR B 127 22.58 2.71 -30.89
C THR B 127 21.15 2.77 -31.46
N ARG B 128 20.78 1.73 -32.21
CA ARG B 128 19.41 1.51 -32.66
C ARG B 128 18.49 1.49 -31.43
N PRO B 129 17.40 2.28 -31.43
CA PRO B 129 16.46 2.22 -30.30
C PRO B 129 15.56 1.00 -30.38
N GLY B 130 14.90 0.69 -29.27
CA GLY B 130 13.92 -0.40 -29.20
C GLY B 130 14.47 -1.81 -29.23
N VAL B 131 15.79 -1.96 -29.04
CA VAL B 131 16.41 -3.29 -28.98
C VAL B 131 17.46 -3.31 -27.88
N TRP B 132 17.71 -4.50 -27.35
CA TRP B 132 18.67 -4.67 -26.28
C TRP B 132 20.06 -4.82 -26.85
N HIS B 133 21.00 -4.01 -26.38
CA HIS B 133 22.38 -4.03 -26.83
C HIS B 133 23.30 -4.53 -25.74
N PRO B 134 24.01 -5.65 -26.00
CA PRO B 134 24.98 -6.06 -25.00
C PRO B 134 26.12 -5.06 -24.94
N VAL B 135 26.58 -4.77 -23.74
CA VAL B 135 27.67 -3.87 -23.52
C VAL B 135 28.64 -4.61 -22.63
N SER B 136 29.90 -4.68 -23.05
CA SER B 136 30.98 -5.23 -22.26
C SER B 136 31.98 -4.12 -22.12
N ILE B 137 32.25 -3.73 -20.88
CA ILE B 137 33.27 -2.75 -20.59
C ILE B 137 34.40 -3.52 -19.91
N PRO B 138 35.57 -3.61 -20.57
CA PRO B 138 36.69 -4.14 -19.83
C PRO B 138 36.84 -3.36 -18.54
N LEU B 139 36.94 -4.07 -17.43
CA LEU B 139 37.21 -3.45 -16.15
C LEU B 139 38.56 -2.77 -16.15
N GLU B 140 39.50 -3.32 -16.91
CA GLU B 140 40.71 -2.59 -17.33
C GLU B 140 40.42 -1.12 -17.60
N ASP B 141 39.44 -0.84 -18.45
CA ASP B 141 39.10 0.55 -18.86
C ASP B 141 38.72 1.47 -17.72
N PHE B 142 38.19 0.92 -16.63
CA PHE B 142 37.97 1.69 -15.38
C PHE B 142 39.24 1.88 -14.54
N GLY B 143 40.39 1.37 -14.98
CA GLY B 143 41.60 1.39 -14.17
C GLY B 143 41.57 0.37 -13.04
N LEU B 144 40.77 -0.68 -13.20
CA LEU B 144 40.74 -1.80 -12.26
C LEU B 144 41.77 -2.82 -12.69
N ASN B 145 42.45 -3.38 -11.70
CA ASN B 145 43.41 -4.45 -11.93
C ASN B 145 42.94 -5.63 -11.09
N ALA B 146 42.96 -6.82 -11.70
CA ALA B 146 42.66 -8.09 -11.03
C ALA B 146 41.62 -8.02 -9.91
N VAL B 147 40.39 -8.36 -10.28
CA VAL B 147 39.30 -8.48 -9.34
C VAL B 147 39.13 -9.97 -9.00
N ASN B 148 39.01 -10.24 -7.71
CA ASN B 148 38.76 -11.61 -7.21
C ASN B 148 38.01 -11.51 -5.89
N ASP B 149 37.75 -12.64 -5.25
CA ASP B 149 36.98 -12.67 -4.02
C ASP B 149 37.47 -11.75 -2.91
N THR B 150 38.78 -11.53 -2.84
CA THR B 150 39.34 -10.72 -1.77
C THR B 150 39.03 -9.23 -1.95
N ASN B 151 38.78 -8.78 -3.18
CA ASN B 151 38.48 -7.35 -3.42
C ASN B 151 37.14 -7.03 -4.12
N ILE B 152 36.47 -8.04 -4.67
CA ILE B 152 35.34 -7.80 -5.57
C ILE B 152 34.20 -7.00 -4.91
N LYS B 153 34.01 -7.19 -3.61
CA LYS B 153 32.97 -6.52 -2.84
C LYS B 153 33.25 -5.07 -2.57
N LYS B 154 34.47 -4.63 -2.85
CA LYS B 154 34.77 -3.21 -2.91
C LYS B 154 34.14 -2.51 -4.14
N LEU B 155 33.68 -3.28 -5.13
CA LEU B 155 32.97 -2.71 -6.29
C LEU B 155 31.51 -2.58 -5.86
N ALA B 156 31.22 -1.48 -5.20
CA ALA B 156 29.97 -1.30 -4.49
C ALA B 156 28.83 -0.96 -5.44
N ALA B 157 29.12 -0.25 -6.53
CA ALA B 157 28.05 0.22 -7.42
C ALA B 157 28.55 0.59 -8.78
N VAL B 158 27.68 0.42 -9.77
CA VAL B 158 27.91 0.98 -11.06
C VAL B 158 27.30 2.38 -11.04
N ALA B 159 28.15 3.39 -11.21
CA ALA B 159 27.78 4.78 -11.18
C ALA B 159 27.54 5.33 -12.58
N LEU B 160 26.57 6.23 -12.69
CA LEU B 160 26.17 6.82 -13.96
C LEU B 160 26.03 8.32 -13.81
N ARG B 161 26.48 9.03 -14.83
CA ARG B 161 26.53 10.50 -14.83
C ARG B 161 26.22 11.01 -16.22
N PRO B 162 25.93 12.31 -16.35
CA PRO B 162 25.65 12.88 -17.67
C PRO B 162 26.71 12.59 -18.74
N GLY B 163 26.23 12.37 -19.96
CA GLY B 163 27.05 12.60 -21.14
C GLY B 163 26.94 14.07 -21.49
N THR B 164 26.86 14.36 -22.78
CA THR B 164 26.65 15.72 -23.25
C THR B 164 25.42 16.30 -22.58
N ALA B 165 25.58 17.49 -22.04
CA ALA B 165 24.50 18.25 -21.44
C ALA B 165 23.70 18.96 -22.53
N ASP B 166 22.99 18.17 -23.33
CA ASP B 166 22.25 18.71 -24.48
C ASP B 166 20.81 19.11 -24.14
N GLY B 167 20.39 18.92 -22.88
CA GLY B 167 19.10 19.41 -22.41
C GLY B 167 17.88 18.62 -22.82
N ASN B 168 18.07 17.49 -23.51
CA ASN B 168 16.95 16.66 -23.99
C ASN B 168 16.65 15.54 -23.02
N GLU B 169 15.41 15.06 -23.06
CA GLU B 169 15.00 13.95 -22.24
C GLU B 169 15.27 12.65 -22.98
N TYR B 170 15.98 11.74 -22.32
CA TYR B 170 16.23 10.42 -22.86
C TYR B 170 15.75 9.37 -21.87
N THR B 171 15.33 8.25 -22.41
CA THR B 171 15.03 7.10 -21.61
C THR B 171 15.86 5.98 -22.16
N ILE B 172 16.68 5.43 -21.28
CA ILE B 172 17.50 4.27 -21.52
C ILE B 172 17.01 3.27 -20.49
N TYR B 173 17.07 2.00 -20.83
CA TYR B 173 16.79 0.94 -19.90
C TYR B 173 18.03 0.10 -19.75
N LEU B 174 18.31 -0.22 -18.49
CA LEU B 174 19.46 -0.97 -18.11
C LEU B 174 19.01 -2.25 -17.45
N ASP B 175 19.54 -3.34 -17.95
CA ASP B 175 19.27 -4.62 -17.39
C ASP B 175 20.56 -5.43 -17.37
N ASP B 176 20.61 -6.42 -16.49
CA ASP B 176 21.66 -7.44 -16.46
C ASP B 176 23.04 -6.85 -16.29
N ILE B 177 23.14 -5.95 -15.33
CA ILE B 177 24.35 -5.23 -15.00
C ILE B 177 25.10 -6.17 -14.11
N GLU B 178 26.24 -6.64 -14.59
CA GLU B 178 26.98 -7.64 -13.86
C GLU B 178 28.44 -7.67 -14.25
N LEU B 179 29.25 -8.20 -13.35
CA LEU B 179 30.62 -8.50 -13.65
C LEU B 179 30.64 -9.90 -14.22
N LEU B 180 31.35 -10.06 -15.34
CA LEU B 180 31.54 -11.34 -15.96
C LEU B 180 33.03 -11.57 -16.25
N PRO B 181 33.45 -12.84 -16.31
CA PRO B 181 34.84 -13.14 -16.69
C PRO B 181 35.06 -12.88 -18.16
N ALA B 182 36.30 -12.56 -18.54
CA ALA B 182 36.66 -12.32 -19.96
C ALA B 182 36.34 -13.56 -20.78
N SER B 183 36.73 -14.71 -20.23
CA SER B 183 36.35 -16.00 -20.77
C SER B 183 34.98 -16.41 -20.18
N LEU B 184 33.93 -16.24 -20.99
CA LEU B 184 32.59 -16.66 -20.60
C LEU B 184 32.54 -18.17 -20.40
N PRO B 185 31.94 -18.65 -19.29
CA PRO B 185 31.76 -20.09 -19.14
C PRO B 185 30.99 -20.66 -20.32
N SER B 186 31.48 -21.77 -20.87
CA SER B 186 30.85 -22.42 -22.01
C SER B 186 30.31 -23.77 -21.59
N VAL B 187 29.52 -24.38 -22.48
CA VAL B 187 28.91 -25.68 -22.25
C VAL B 187 29.12 -26.55 -23.48
N SER B 188 29.46 -27.83 -23.28
CA SER B 188 29.61 -28.78 -24.38
C SER B 188 28.25 -28.93 -25.07
N ALA B 189 27.21 -29.22 -24.28
CA ALA B 189 25.82 -29.24 -24.78
C ALA B 189 24.95 -28.33 -23.93
N LEU B 190 23.86 -27.86 -24.55
CA LEU B 190 22.90 -26.99 -23.91
C LEU B 190 21.54 -27.63 -24.12
N ASN B 191 21.13 -28.38 -23.10
CA ASN B 191 19.91 -29.17 -23.15
C ASN B 191 18.84 -28.43 -22.38
N ALA B 192 17.61 -28.63 -22.82
CA ALA B 192 16.46 -28.18 -22.08
C ALA B 192 16.44 -28.94 -20.77
N PRO B 193 16.13 -28.26 -19.65
CA PRO B 193 15.83 -29.06 -18.48
C PRO B 193 14.54 -29.88 -18.70
N VAL B 194 14.39 -30.94 -17.95
CA VAL B 194 13.16 -31.71 -17.97
C VAL B 194 12.20 -30.95 -17.08
N LEU B 195 11.14 -30.40 -17.66
CA LEU B 195 10.11 -29.70 -16.89
C LEU B 195 9.11 -30.73 -16.40
N GLN B 196 9.00 -30.81 -15.08
CA GLN B 196 8.45 -31.97 -14.39
C GLN B 196 6.92 -31.83 -14.21
N GLU B 197 6.48 -30.64 -13.83
CA GLU B 197 5.08 -30.41 -13.45
C GLU B 197 4.86 -28.96 -13.23
N ALA B 198 3.62 -28.57 -13.40
CA ALA B 198 3.12 -27.32 -12.91
C ALA B 198 2.21 -27.70 -11.76
N LYS B 199 2.39 -27.06 -10.61
CA LYS B 199 1.42 -27.20 -9.49
C LYS B 199 0.78 -25.86 -9.26
N ALA B 200 -0.54 -25.82 -9.40
CA ALA B 200 -1.29 -24.59 -9.22
C ALA B 200 -1.73 -24.53 -7.80
N TYR B 201 -1.80 -23.31 -7.31
CA TYR B 201 -2.41 -23.01 -6.03
C TYR B 201 -3.45 -21.95 -6.33
N GLU B 202 -3.66 -20.97 -5.46
CA GLU B 202 -4.74 -20.04 -5.69
C GLU B 202 -4.30 -18.85 -6.53
N ARG B 203 -3.10 -18.34 -6.25
CA ARG B 203 -2.60 -17.15 -6.87
C ARG B 203 -1.31 -17.38 -7.61
N HIS B 204 -0.82 -18.60 -7.61
CA HIS B 204 0.43 -18.86 -8.29
C HIS B 204 0.47 -20.28 -8.80
N ILE B 205 1.44 -20.50 -9.68
CA ILE B 205 1.73 -21.80 -10.22
C ILE B 205 3.19 -21.98 -9.97
N ASP B 206 3.53 -23.13 -9.39
CA ASP B 206 4.91 -23.52 -9.20
C ASP B 206 5.30 -24.45 -10.29
N ILE B 207 6.39 -24.15 -10.99
CA ILE B 207 6.97 -25.13 -11.88
C ILE B 207 8.34 -25.55 -11.37
N LYS B 208 8.72 -26.79 -11.67
CA LYS B 208 10.02 -27.31 -11.29
C LYS B 208 10.55 -28.24 -12.36
N TRP B 209 11.87 -28.29 -12.45
CA TRP B 209 12.52 -29.01 -13.51
C TRP B 209 13.79 -29.66 -13.00
N ILE B 210 14.30 -30.62 -13.75
CA ILE B 210 15.59 -31.24 -13.46
C ILE B 210 16.59 -30.74 -14.51
N PRO B 211 17.78 -30.28 -14.07
CA PRO B 211 18.85 -29.86 -14.99
C PRO B 211 19.19 -30.86 -16.11
N LYS B 214 24.37 -31.29 -15.55
CA LYS B 214 25.42 -30.47 -14.95
C LYS B 214 25.58 -29.26 -15.86
N GLU B 215 26.80 -28.79 -16.14
CA GLU B 215 27.09 -27.79 -17.19
C GLU B 215 26.83 -26.33 -16.75
N ASP B 216 27.81 -25.48 -17.01
CA ASP B 216 27.86 -24.16 -16.43
C ASP B 216 27.03 -23.15 -17.23
N ILE B 217 25.72 -23.29 -17.13
CA ILE B 217 24.76 -22.41 -17.78
C ILE B 217 24.56 -21.13 -16.98
N LYS B 218 23.99 -20.12 -17.62
CA LYS B 218 23.83 -18.82 -17.00
C LYS B 218 22.56 -18.81 -16.16
N TYR B 219 21.45 -19.18 -16.79
CA TYR B 219 20.15 -19.20 -16.15
C TYR B 219 19.17 -19.96 -16.98
N TYR B 220 18.06 -20.32 -16.34
CA TYR B 220 16.92 -20.90 -17.03
C TYR B 220 15.98 -19.77 -17.39
N ARG B 221 15.38 -19.88 -18.57
CA ARG B 221 14.39 -18.90 -19.00
C ARG B 221 13.06 -19.58 -18.91
N ILE B 222 12.10 -18.94 -18.25
CA ILE B 222 10.77 -19.49 -18.17
C ILE B 222 9.88 -18.71 -19.11
N TYR B 223 9.21 -19.48 -19.96
CA TYR B 223 8.24 -18.97 -20.91
C TYR B 223 6.86 -19.32 -20.44
N ARG B 224 5.94 -18.37 -20.55
CA ARG B 224 4.56 -18.59 -20.18
C ARG B 224 3.61 -18.29 -21.34
N SER B 225 2.54 -19.06 -21.38
CA SER B 225 1.45 -18.80 -22.29
C SER B 225 0.14 -18.92 -21.53
N PHE B 226 -0.78 -18.01 -21.82
CA PHE B 226 -2.17 -18.16 -21.39
C PHE B 226 -3.08 -18.88 -22.41
N ASP B 227 -2.59 -19.16 -23.62
CA ASP B 227 -3.42 -19.90 -24.61
C ASP B 227 -2.84 -21.22 -25.09
N GLY B 228 -1.62 -21.55 -24.66
CA GLY B 228 -0.89 -22.70 -25.21
C GLY B 228 -0.21 -22.47 -26.56
N ILE B 229 -0.35 -21.27 -27.13
CA ILE B 229 0.06 -20.96 -28.51
C ILE B 229 1.21 -19.99 -28.49
N THR B 230 0.97 -18.80 -27.98
CA THR B 230 1.99 -17.76 -27.92
C THR B 230 2.60 -17.71 -26.52
N TYR B 231 3.90 -17.95 -26.45
CA TYR B 231 4.67 -17.87 -25.21
C TYR B 231 5.45 -16.59 -25.16
N GLN B 232 5.60 -16.04 -23.97
CA GLN B 232 6.41 -14.86 -23.75
C GLN B 232 7.34 -15.15 -22.57
N PRO B 233 8.58 -14.64 -22.60
CA PRO B 233 9.48 -14.95 -21.49
C PRO B 233 8.99 -14.19 -20.25
N VAL B 234 8.74 -14.92 -19.17
CA VAL B 234 8.18 -14.32 -17.97
C VAL B 234 9.20 -14.21 -16.82
N ALA B 235 10.27 -15.00 -16.86
CA ALA B 235 11.26 -15.00 -15.77
C ALA B 235 12.54 -15.70 -16.14
N VAL B 236 13.57 -15.42 -15.36
CA VAL B 236 14.78 -16.24 -15.33
C VAL B 236 15.06 -16.75 -13.93
N ARG B 237 15.62 -17.95 -13.89
CA ARG B 237 16.11 -18.51 -12.65
C ARG B 237 17.52 -18.99 -12.85
N ARG B 238 18.36 -18.55 -11.93
CA ARG B 238 19.72 -19.00 -11.87
C ARG B 238 19.74 -20.50 -11.59
N PRO B 239 20.86 -21.19 -11.94
CA PRO B 239 20.99 -22.64 -11.78
C PRO B 239 20.88 -23.18 -10.35
N TRP B 240 21.01 -22.31 -9.34
CA TRP B 240 20.78 -22.68 -7.94
C TRP B 240 19.30 -22.76 -7.56
N MET B 241 18.40 -22.58 -8.52
CA MET B 241 16.97 -22.66 -8.26
C MET B 241 16.32 -23.38 -9.44
N ASN B 242 15.99 -24.66 -9.25
CA ASN B 242 15.38 -25.49 -10.28
C ASN B 242 13.85 -25.45 -10.22
N ARG B 243 13.36 -24.26 -10.00
CA ARG B 243 12.00 -24.05 -9.63
C ARG B 243 11.67 -22.65 -9.99
N TYR B 244 10.42 -22.42 -10.39
CA TYR B 244 9.97 -21.08 -10.56
C TYR B 244 8.52 -20.98 -10.06
N THR B 245 8.24 -19.89 -9.37
CA THR B 245 6.97 -19.60 -8.79
C THR B 245 6.40 -18.44 -9.56
N ASP B 246 5.34 -18.69 -10.29
CA ASP B 246 4.74 -17.66 -11.08
C ASP B 246 3.53 -17.16 -10.36
N PHE B 247 3.61 -15.96 -9.80
CA PHE B 247 2.49 -15.37 -9.11
C PHE B 247 1.57 -14.69 -10.12
N LEU B 248 0.43 -15.34 -10.35
CA LEU B 248 -0.59 -14.84 -11.27
C LEU B 248 -1.51 -13.87 -10.61
N GLY B 249 -1.76 -14.03 -9.32
CA GLY B 249 -2.62 -13.10 -8.60
C GLY B 249 -4.09 -13.27 -8.93
N GLU B 250 -4.44 -14.35 -9.63
CA GLU B 250 -5.76 -14.48 -10.22
C GLU B 250 -6.17 -15.94 -10.09
N VAL B 251 -7.39 -16.13 -9.63
CA VAL B 251 -7.97 -17.44 -9.40
C VAL B 251 -8.69 -17.88 -10.68
N GLY B 252 -8.69 -19.19 -10.95
CA GLY B 252 -9.29 -19.75 -12.17
C GLY B 252 -8.45 -19.50 -13.41
N LYS B 253 -7.18 -19.20 -13.24
CA LYS B 253 -6.35 -18.81 -14.36
C LYS B 253 -5.47 -19.95 -14.78
N LYS B 254 -5.59 -20.32 -16.05
CA LYS B 254 -4.80 -21.38 -16.62
C LYS B 254 -3.53 -20.79 -17.24
N ALA B 255 -2.41 -21.50 -17.06
CA ALA B 255 -1.15 -21.04 -17.64
C ALA B 255 -0.29 -22.21 -18.02
N TYR B 256 0.39 -22.04 -19.15
CA TYR B 256 1.26 -23.01 -19.72
C TYR B 256 2.67 -22.49 -19.56
N TYR B 257 3.61 -23.40 -19.34
CA TYR B 257 5.01 -23.02 -19.12
C TYR B 257 5.94 -23.93 -19.88
N LYS B 258 7.04 -23.35 -20.34
CA LYS B 258 8.15 -24.13 -20.81
C LYS B 258 9.40 -23.40 -20.44
N VAL B 259 10.48 -24.17 -20.35
CA VAL B 259 11.72 -23.67 -19.79
C VAL B 259 12.87 -24.07 -20.70
N THR B 260 13.76 -23.12 -20.93
CA THR B 260 14.99 -23.34 -21.66
C THR B 260 16.16 -23.01 -20.75
N ALA B 261 17.31 -23.62 -21.03
CA ALA B 261 18.58 -23.23 -20.41
C ALA B 261 19.31 -22.30 -21.34
N VAL B 262 19.94 -21.29 -20.77
CA VAL B 262 20.64 -20.26 -21.52
C VAL B 262 22.08 -20.27 -20.99
N ASP B 263 23.06 -20.30 -21.90
CA ASP B 263 24.48 -20.25 -21.51
C ASP B 263 24.92 -18.81 -21.43
N TYR B 264 26.17 -18.61 -21.02
CA TYR B 264 26.70 -17.26 -20.87
C TYR B 264 26.83 -16.47 -22.17
N ALA B 265 26.97 -17.19 -23.28
CA ALA B 265 26.92 -16.62 -24.62
C ALA B 265 25.50 -16.25 -25.04
N LEU B 266 24.52 -16.59 -24.20
CA LEU B 266 23.10 -16.32 -24.43
C LEU B 266 22.53 -17.18 -25.55
N ASN B 267 23.17 -18.32 -25.82
CA ASN B 267 22.55 -19.34 -26.65
C ASN B 267 21.51 -19.96 -25.76
N GLU B 268 20.40 -20.33 -26.36
CA GLU B 268 19.28 -20.85 -25.62
C GLU B 268 19.08 -22.30 -26.02
N SER B 269 18.77 -23.15 -25.05
CA SER B 269 18.46 -24.55 -25.34
C SER B 269 17.18 -24.61 -26.14
N ASN B 270 16.81 -25.81 -26.55
CA ASN B 270 15.49 -25.98 -27.10
C ASN B 270 14.50 -25.97 -25.92
N ASP B 271 13.22 -25.98 -26.27
CA ASP B 271 12.13 -26.03 -25.31
C ASP B 271 12.07 -27.34 -24.52
N SER B 272 11.92 -27.23 -23.19
CA SER B 272 11.42 -28.33 -22.37
C SER B 272 10.00 -28.66 -22.84
N GLN B 273 9.47 -29.77 -22.34
CA GLN B 273 8.04 -30.00 -22.36
C GLN B 273 7.29 -28.75 -21.88
N THR B 274 6.09 -28.61 -22.38
CA THR B 274 5.17 -27.62 -21.91
C THR B 274 4.37 -28.28 -20.81
N VAL B 275 4.23 -27.59 -19.68
CA VAL B 275 3.31 -28.02 -18.60
C VAL B 275 2.35 -26.89 -18.36
N SER B 276 1.23 -27.22 -17.74
CA SER B 276 0.20 -26.24 -17.42
C SER B 276 -0.54 -26.58 -16.15
N ALA B 277 -1.22 -25.58 -15.62
CA ALA B 277 -2.04 -25.75 -14.46
C ALA B 277 -2.98 -24.58 -14.40
N THR B 278 -3.94 -24.68 -13.49
CA THR B 278 -4.98 -23.67 -13.37
C THR B 278 -5.16 -23.39 -11.91
N THR B 279 -5.13 -22.10 -11.58
CA THR B 279 -5.32 -21.70 -10.21
C THR B 279 -6.76 -21.92 -9.81
N TYR B 280 -6.97 -22.08 -8.52
CA TYR B 280 -8.28 -22.45 -8.00
C TYR B 280 -8.36 -21.85 -6.60
N PRO B 281 -9.60 -21.56 -6.14
CA PRO B 281 -9.79 -21.04 -4.80
C PRO B 281 -9.32 -22.02 -3.77
N MET B 282 -8.69 -21.49 -2.72
CA MET B 282 -8.19 -22.32 -1.66
C MET B 282 -8.82 -21.99 -0.32
N THR B 283 -9.06 -23.04 0.43
CA THR B 283 -9.44 -22.91 1.82
C THR B 283 -8.19 -22.54 2.65
N ASP B 284 -8.43 -22.25 3.90
CA ASP B 284 -7.34 -22.02 4.85
C ASP B 284 -6.55 -23.27 5.05
N GLU B 285 -7.23 -24.41 5.07
CA GLU B 285 -6.53 -25.69 5.23
C GLU B 285 -5.54 -25.86 4.09
N GLN B 286 -6.01 -25.62 2.88
CA GLN B 286 -5.18 -25.70 1.70
C GLN B 286 -4.04 -24.69 1.75
N LEU B 287 -4.33 -23.48 2.21
CA LEU B 287 -3.27 -22.48 2.35
C LEU B 287 -2.17 -22.96 3.30
N LEU B 288 -2.58 -23.54 4.41
CA LEU B 288 -1.66 -24.09 5.36
C LEU B 288 -0.84 -25.18 4.75
N ASP B 289 -1.46 -26.07 3.98
CA ASP B 289 -0.73 -27.13 3.34
C ASP B 289 0.35 -26.53 2.45
N MET B 290 -0.04 -25.54 1.67
CA MET B 290 0.84 -24.90 0.71
C MET B 290 2.00 -24.23 1.42
N VAL B 291 1.69 -23.46 2.45
CA VAL B 291 2.75 -22.77 3.18
C VAL B 291 3.70 -23.79 3.81
N GLN B 292 3.15 -24.83 4.44
CA GLN B 292 4.00 -25.88 5.01
C GLN B 292 4.92 -26.48 3.97
N GLU B 293 4.34 -26.79 2.81
CA GLU B 293 5.05 -27.45 1.74
C GLU B 293 6.10 -26.57 1.11
N ALA B 294 5.74 -25.34 0.77
CA ALA B 294 6.71 -24.45 0.16
C ALA B 294 7.93 -24.29 1.07
N ASN B 295 7.67 -24.14 2.37
CA ASN B 295 8.77 -23.97 3.32
C ASN B 295 9.57 -25.25 3.50
N PHE B 296 8.89 -26.39 3.36
CA PHE B 296 9.50 -27.70 3.47
C PHE B 296 10.49 -27.90 2.34
N ARG B 297 10.17 -27.34 1.18
CA ARG B 297 11.05 -27.46 0.01
C ARG B 297 12.47 -27.02 0.29
N TYR B 298 12.61 -25.91 1.00
CA TYR B 298 13.89 -25.42 1.42
C TYR B 298 14.80 -26.52 2.00
N TYR B 299 14.21 -27.37 2.83
CA TYR B 299 14.92 -28.39 3.58
C TYR B 299 14.96 -29.71 2.90
N TRP B 300 14.11 -29.90 1.88
CA TRP B 300 14.08 -31.11 1.11
C TRP B 300 14.90 -30.94 -0.19
N GLU B 301 14.32 -30.44 -1.26
CA GLU B 301 15.10 -30.25 -2.49
C GLU B 301 16.19 -29.18 -2.34
N GLY B 302 15.92 -28.21 -1.48
CA GLY B 302 16.88 -27.17 -1.19
C GLY B 302 17.98 -27.60 -0.25
N ALA B 303 17.92 -28.83 0.27
CA ALA B 303 18.95 -29.30 1.20
C ALA B 303 20.28 -29.38 0.51
N GLU B 304 21.34 -29.12 1.27
CA GLU B 304 22.68 -29.36 0.80
C GLU B 304 22.71 -30.85 0.56
N PRO B 305 23.05 -31.28 -0.68
CA PRO B 305 22.78 -32.70 -1.06
C PRO B 305 23.62 -33.75 -0.37
N ASN B 306 24.83 -33.44 0.06
CA ASN B 306 25.69 -34.47 0.65
C ASN B 306 25.27 -34.78 2.07
N SER B 307 24.95 -33.74 2.83
CA SER B 307 24.55 -33.85 4.22
C SER B 307 23.07 -34.03 4.36
N GLY B 308 22.31 -33.57 3.39
CA GLY B 308 20.86 -33.53 3.50
C GLY B 308 20.33 -32.50 4.50
N LEU B 309 21.18 -31.56 4.89
CA LEU B 309 20.85 -30.58 5.93
C LEU B 309 20.65 -29.20 5.35
N ALA B 310 20.28 -28.28 6.21
CA ALA B 310 19.72 -27.02 5.79
C ALA B 310 20.83 -26.05 5.51
N ARG B 311 20.75 -25.39 4.36
CA ARG B 311 21.67 -24.31 4.09
C ARG B 311 21.33 -23.14 4.96
N GLU B 312 22.34 -22.37 5.31
CA GLU B 312 22.14 -21.17 6.05
C GLU B 312 21.12 -20.31 5.33
N ASN B 313 21.33 -20.11 4.05
CA ASN B 313 20.36 -19.39 3.22
C ASN B 313 20.52 -19.73 1.77
N ILE B 314 19.50 -19.37 0.99
CA ILE B 314 19.48 -19.58 -0.45
C ILE B 314 18.96 -18.31 -1.11
N PRO B 315 19.71 -17.74 -2.05
CA PRO B 315 21.04 -18.14 -2.44
C PRO B 315 22.10 -17.73 -1.41
N GLY B 316 22.91 -18.70 -0.99
CA GLY B 316 24.05 -18.44 -0.14
C GLY B 316 25.20 -19.35 -0.52
N ARG B 317 25.91 -19.85 0.47
CA ARG B 317 26.93 -20.86 0.24
C ARG B 317 26.17 -22.08 -0.23
N ASN B 318 26.77 -22.83 -1.14
CA ASN B 318 26.13 -24.04 -1.68
C ASN B 318 26.37 -25.17 -0.71
N ASP B 319 27.49 -25.09 -0.02
CA ASP B 319 27.99 -26.22 0.77
C ASP B 319 27.76 -26.09 2.25
N MET B 320 27.58 -24.87 2.74
CA MET B 320 27.52 -24.62 4.15
C MET B 320 26.13 -24.84 4.68
N ILE B 321 26.02 -25.77 5.62
CA ILE B 321 24.79 -25.98 6.34
C ILE B 321 24.87 -25.32 7.69
N ALA B 322 23.70 -25.00 8.22
CA ALA B 322 23.56 -24.37 9.50
C ALA B 322 22.86 -25.40 10.38
N THR B 323 23.46 -25.70 11.53
CA THR B 323 22.98 -26.83 12.35
C THR B 323 21.67 -26.54 13.06
N GLY B 324 21.49 -25.31 13.54
CA GLY B 324 20.22 -24.95 14.16
C GLY B 324 19.04 -25.06 13.18
N ALA B 325 19.18 -24.37 12.06
CA ALA B 325 18.24 -24.41 10.96
C ALA B 325 17.97 -25.84 10.51
N SER B 326 19.00 -26.66 10.53
CA SER B 326 18.86 -28.07 10.19
C SER B 326 17.99 -28.83 11.14
N GLY B 327 18.16 -28.54 12.43
CA GLY B 327 17.27 -29.08 13.45
C GLY B 327 15.84 -28.68 13.21
N PHE B 328 15.65 -27.41 12.86
CA PHE B 328 14.29 -26.94 12.50
C PHE B 328 13.81 -27.70 11.26
N GLY B 329 14.68 -27.80 10.28
CA GLY B 329 14.32 -28.44 9.02
C GLY B 329 14.07 -29.92 9.15
N ILE B 330 14.84 -30.56 10.01
CA ILE B 330 14.61 -31.94 10.44
C ILE B 330 13.17 -32.12 10.91
N MET B 331 12.69 -31.18 11.69
CA MET B 331 11.30 -31.17 12.13
C MET B 331 10.31 -30.86 11.02
N ALA B 332 10.69 -29.96 10.12
CA ALA B 332 9.87 -29.66 8.93
C ALA B 332 9.74 -30.89 8.08
N ILE B 333 10.81 -31.68 7.99
CA ILE B 333 10.81 -32.86 7.17
C ILE B 333 9.89 -33.90 7.77
N VAL B 334 10.01 -34.09 9.08
CA VAL B 334 9.11 -34.98 9.76
C VAL B 334 7.66 -34.57 9.48
N ALA B 335 7.34 -33.30 9.67
CA ALA B 335 6.00 -32.80 9.39
C ALA B 335 5.60 -33.07 7.94
N GLY B 336 6.55 -32.87 7.02
CA GLY B 336 6.35 -33.11 5.62
C GLY B 336 6.03 -34.55 5.26
N ILE B 337 6.65 -35.50 5.97
CA ILE B 337 6.34 -36.92 5.79
C ILE B 337 4.90 -37.15 6.24
N GLU B 338 4.59 -36.62 7.42
CA GLU B 338 3.25 -36.74 7.98
C GLU B 338 2.20 -36.07 7.09
N ARG B 339 2.52 -34.93 6.49
CA ARG B 339 1.62 -34.26 5.56
C ARG B 339 1.58 -34.91 4.17
N GLY B 340 2.42 -35.92 3.92
CA GLY B 340 2.45 -36.62 2.64
C GLY B 340 3.09 -35.84 1.50
N PHE B 341 3.92 -34.83 1.83
CA PHE B 341 4.73 -34.13 0.86
C PHE B 341 5.82 -35.04 0.35
N ILE B 342 6.27 -35.97 1.18
CA ILE B 342 7.22 -37.00 0.74
C ILE B 342 6.78 -38.28 1.38
N THR B 343 7.35 -39.40 0.94
CA THR B 343 7.02 -40.67 1.55
C THR B 343 7.90 -40.84 2.78
N ARG B 344 7.45 -41.70 3.69
CA ARG B 344 8.23 -42.09 4.85
C ARG B 344 9.59 -42.65 4.42
N GLU B 345 9.59 -43.48 3.38
CA GLU B 345 10.83 -44.09 2.94
C GLU B 345 11.82 -43.05 2.45
N GLU B 346 11.36 -42.07 1.68
CA GLU B 346 12.23 -40.96 1.29
C GLU B 346 12.80 -40.25 2.51
N GLY B 347 11.93 -39.98 3.48
CA GLY B 347 12.31 -39.43 4.76
C GLY B 347 13.38 -40.25 5.45
N VAL B 348 13.16 -41.55 5.51
CA VAL B 348 14.08 -42.48 6.16
C VAL B 348 15.44 -42.39 5.49
N GLN B 349 15.45 -42.43 4.16
CA GLN B 349 16.70 -42.31 3.38
C GLN B 349 17.42 -41.00 3.70
N ARG B 350 16.65 -39.92 3.76
CA ARG B 350 17.23 -38.64 4.09
C ARG B 350 17.86 -38.67 5.49
N PHE B 351 17.16 -39.25 6.45
CA PHE B 351 17.67 -39.31 7.80
C PHE B 351 18.85 -40.25 7.97
N LEU B 352 18.92 -41.30 7.17
CA LEU B 352 20.15 -42.08 7.11
C LEU B 352 21.32 -41.23 6.66
N LYS B 353 21.11 -40.45 5.60
CA LYS B 353 22.13 -39.52 5.13
C LYS B 353 22.47 -38.47 6.22
N ILE B 354 21.43 -37.91 6.85
CA ILE B 354 21.61 -36.85 7.85
C ILE B 354 22.42 -37.37 9.02
N THR B 355 22.04 -38.55 9.50
CA THR B 355 22.68 -39.16 10.66
C THR B 355 24.09 -39.63 10.34
N SER B 356 24.32 -40.16 9.15
CA SER B 356 25.69 -40.50 8.72
C SER B 356 26.55 -39.27 8.65
N PHE B 357 25.99 -38.18 8.13
CA PHE B 357 26.75 -36.96 8.04
C PHE B 357 27.14 -36.43 9.43
N LEU B 358 26.14 -36.33 10.30
CA LEU B 358 26.34 -35.82 11.64
C LEU B 358 27.27 -36.67 12.46
N GLU B 359 27.24 -37.98 12.24
CA GLU B 359 28.26 -38.87 12.80
C GLU B 359 29.66 -38.50 12.37
N LYS B 360 29.85 -38.18 11.08
CA LYS B 360 31.18 -37.82 10.59
C LYS B 360 31.59 -36.37 10.86
N ALA B 361 30.65 -35.50 11.20
CA ALA B 361 30.94 -34.09 11.36
C ALA B 361 31.82 -33.82 12.58
N ASP B 362 32.60 -32.74 12.51
CA ASP B 362 33.42 -32.28 13.64
C ASP B 362 32.53 -32.15 14.85
N LYS B 363 33.04 -32.60 15.99
CA LYS B 363 32.37 -32.43 17.25
C LYS B 363 33.26 -31.60 18.16
N PHE B 364 32.62 -30.91 19.09
CA PHE B 364 33.32 -30.00 20.01
C PHE B 364 32.78 -30.32 21.38
N HIS B 365 33.43 -31.32 22.00
CA HIS B 365 32.89 -32.01 23.17
C HIS B 365 31.47 -32.47 22.88
N GLY B 366 31.34 -33.17 21.75
CA GLY B 366 30.07 -33.76 21.33
C GLY B 366 29.09 -32.82 20.65
N ALA B 367 29.19 -31.51 20.91
CA ALA B 367 28.37 -30.51 20.23
C ALA B 367 28.88 -30.25 18.83
N VAL B 368 28.02 -29.65 18.04
CA VAL B 368 28.40 -29.26 16.70
C VAL B 368 28.59 -27.75 16.65
N SER B 369 29.24 -27.34 15.57
CA SER B 369 29.38 -25.95 15.25
C SER B 369 28.09 -25.47 14.64
N HIS B 370 28.02 -24.15 14.53
CA HIS B 370 26.91 -23.50 13.88
C HIS B 370 26.89 -23.87 12.43
N PHE B 371 28.05 -23.80 11.80
CA PHE B 371 28.12 -24.04 10.37
C PHE B 371 29.05 -25.15 10.09
N ILE B 372 28.66 -26.00 9.15
CA ILE B 372 29.46 -27.11 8.74
C ILE B 372 29.42 -27.11 7.23
N ASP B 373 30.53 -27.49 6.62
CA ASP B 373 30.58 -27.73 5.20
C ASP B 373 29.99 -29.11 5.00
N GLY B 374 28.86 -29.16 4.31
CA GLY B 374 28.13 -30.40 4.08
C GLY B 374 28.86 -31.46 3.28
N THR B 375 29.89 -31.05 2.56
CA THR B 375 30.67 -31.94 1.74
C THR B 375 31.81 -32.59 2.54
N THR B 376 32.30 -31.92 3.57
CA THR B 376 33.43 -32.45 4.37
C THR B 376 33.13 -32.82 5.82
N GLY B 377 32.02 -32.34 6.37
CA GLY B 377 31.76 -32.43 7.80
C GLY B 377 32.61 -31.47 8.61
N LYS B 378 33.34 -30.57 7.96
CA LYS B 378 34.23 -29.68 8.68
C LYS B 378 33.52 -28.39 8.99
N THR B 379 33.81 -27.85 10.16
CA THR B 379 33.24 -26.62 10.61
C THR B 379 33.64 -25.48 9.69
N VAL B 380 32.71 -24.56 9.52
CA VAL B 380 32.98 -23.36 8.78
C VAL B 380 32.85 -22.25 9.79
N ALA B 381 33.89 -21.45 9.88
CA ALA B 381 33.94 -20.32 10.77
C ALA B 381 33.33 -19.11 10.09
N PHE B 382 32.05 -19.25 9.75
CA PHE B 382 31.33 -18.27 8.98
C PHE B 382 31.13 -16.94 9.72
N PHE B 383 30.93 -16.96 11.03
CA PHE B 383 30.81 -15.73 11.82
C PHE B 383 32.14 -15.14 12.32
N GLY B 384 33.25 -15.67 11.85
CA GLY B 384 34.56 -15.16 12.16
C GLY B 384 35.40 -16.25 12.79
N PRO B 385 36.71 -16.03 12.86
CA PRO B 385 37.62 -17.08 13.27
C PRO B 385 37.51 -17.50 14.73
N LYS B 386 36.87 -16.70 15.58
CA LYS B 386 36.60 -17.16 16.94
C LYS B 386 35.56 -18.27 16.98
N ASP B 387 34.60 -18.24 16.06
CA ASP B 387 33.45 -19.13 16.09
C ASP B 387 33.72 -20.31 15.18
N ASN B 388 34.69 -21.12 15.61
CA ASN B 388 35.23 -22.20 14.81
C ASN B 388 35.15 -23.53 15.52
N GLY B 389 34.33 -23.60 16.54
CA GLY B 389 34.12 -24.81 17.27
C GLY B 389 32.67 -24.95 17.60
N GLY B 390 32.39 -25.45 18.80
CA GLY B 390 31.03 -25.71 19.20
C GLY B 390 30.18 -24.47 19.32
N ASP B 391 28.92 -24.63 18.95
CA ASP B 391 27.89 -23.64 19.22
C ASP B 391 26.77 -24.43 19.88
N LEU B 392 26.65 -24.26 21.18
CA LEU B 392 25.75 -25.06 21.98
C LEU B 392 24.30 -24.80 21.67
N VAL B 393 23.99 -23.56 21.34
CA VAL B 393 22.62 -23.17 21.10
C VAL B 393 22.14 -23.83 19.80
N GLU B 394 22.99 -23.77 18.78
CA GLU B 394 22.73 -24.37 17.49
C GLU B 394 22.63 -25.89 17.64
N THR B 395 23.59 -26.45 18.39
CA THR B 395 23.56 -27.84 18.84
C THR B 395 22.23 -28.18 19.48
N SER B 396 21.75 -27.32 20.34
CA SER B 396 20.44 -27.55 20.97
C SER B 396 19.28 -27.55 19.98
N PHE B 397 19.30 -26.62 19.04
CA PHE B 397 18.26 -26.59 18.03
C PHE B 397 18.32 -27.83 17.17
N LEU B 398 19.54 -28.29 16.84
CA LEU B 398 19.73 -29.50 16.10
C LEU B 398 19.18 -30.71 16.82
N PHE B 399 19.55 -30.84 18.09
CA PHE B 399 19.16 -31.99 18.85
C PHE B 399 17.70 -31.96 19.23
N GLN B 400 17.11 -30.78 19.38
CA GLN B 400 15.67 -30.72 19.46
C GLN B 400 15.03 -31.38 18.25
N GLY B 401 15.59 -31.09 17.08
CA GLY B 401 15.17 -31.69 15.85
C GLY B 401 15.39 -33.18 15.87
N LEU B 402 16.61 -33.58 16.21
CA LEU B 402 16.99 -34.98 16.19
C LEU B 402 16.19 -35.83 17.14
N LEU B 403 16.05 -35.39 18.38
CA LEU B 403 15.24 -36.16 19.31
C LEU B 403 13.80 -36.29 18.80
N THR B 404 13.27 -35.20 18.21
CA THR B 404 11.93 -35.27 17.61
C THR B 404 11.91 -36.36 16.54
N ALA B 405 12.91 -36.38 15.66
CA ALA B 405 12.99 -37.39 14.61
C ALA B 405 13.16 -38.80 15.16
N ARG B 406 13.97 -38.93 16.19
CA ARG B 406 14.19 -40.20 16.88
C ARG B 406 12.89 -40.82 17.34
N GLN B 407 11.98 -39.99 17.84
CA GLN B 407 10.69 -40.47 18.30
C GLN B 407 9.78 -40.81 17.15
N TYR B 408 9.90 -40.04 16.06
CA TYR B 408 9.09 -40.23 14.89
C TYR B 408 9.43 -41.52 14.16
N PHE B 409 10.73 -41.78 13.95
CA PHE B 409 11.20 -42.98 13.27
C PHE B 409 11.27 -44.18 14.23
N ASN B 410 10.10 -44.64 14.66
CA ASN B 410 9.96 -45.64 15.70
C ASN B 410 9.69 -47.07 15.18
N GLN B 411 9.84 -47.31 13.90
CA GLN B 411 9.48 -48.61 13.33
C GLN B 411 10.58 -49.61 13.58
N GLU B 412 10.21 -50.90 13.63
CA GLU B 412 11.14 -51.99 13.85
C GLU B 412 11.63 -52.53 12.53
N ASN B 413 12.47 -51.73 11.89
CA ASN B 413 13.19 -52.14 10.69
C ASN B 413 14.61 -51.64 10.80
N ASP B 414 15.52 -52.15 9.98
CA ASP B 414 16.94 -51.82 10.18
C ASP B 414 17.24 -50.34 10.01
N LYS B 415 16.61 -49.70 9.03
CA LYS B 415 16.93 -48.31 8.71
C LYS B 415 16.52 -47.36 9.82
N GLU B 416 15.31 -47.56 10.35
CA GLU B 416 14.82 -46.70 11.41
C GLU B 416 15.54 -46.97 12.72
N LYS B 417 15.83 -48.25 13.01
CA LYS B 417 16.74 -48.65 14.09
C LYS B 417 18.10 -47.94 13.99
N GLN B 418 18.69 -47.95 12.80
CA GLN B 418 19.94 -47.24 12.54
C GLN B 418 19.83 -45.71 12.78
N ILE B 419 18.73 -45.11 12.34
CA ILE B 419 18.47 -43.68 12.60
C ILE B 419 18.41 -43.43 14.09
N ARG B 420 17.64 -44.27 14.77
CA ARG B 420 17.47 -44.14 16.22
C ARG B 420 18.77 -44.32 16.98
N LYS B 421 19.49 -45.40 16.66
CA LYS B 421 20.79 -45.69 17.28
C LYS B 421 21.77 -44.53 17.10
N SER B 422 21.83 -44.04 15.88
CA SER B 422 22.73 -42.96 15.55
C SER B 422 22.41 -41.69 16.32
N ILE B 423 21.13 -41.36 16.32
CA ILE B 423 20.66 -40.22 17.07
C ILE B 423 20.93 -40.44 18.56
N ASP B 424 20.61 -41.61 19.08
CA ASP B 424 20.80 -41.88 20.52
C ASP B 424 22.25 -41.66 20.91
N ASN B 425 23.16 -42.21 20.11
CA ASN B 425 24.60 -42.08 20.38
C ASN B 425 25.07 -40.62 20.21
N LEU B 426 24.64 -39.94 19.15
CA LEU B 426 24.99 -38.54 18.98
C LEU B 426 24.49 -37.69 20.15
N TRP B 427 23.24 -37.91 20.52
CA TRP B 427 22.62 -37.18 21.63
C TRP B 427 23.32 -37.40 22.96
N LYS B 428 23.61 -38.64 23.30
CA LYS B 428 24.18 -38.90 24.59
C LYS B 428 25.65 -38.44 24.67
N ASN B 429 26.30 -38.26 23.51
CA ASN B 429 27.68 -37.76 23.48
C ASN B 429 27.81 -36.23 23.44
N VAL B 430 26.71 -35.48 23.33
CA VAL B 430 26.83 -34.02 23.45
C VAL B 430 27.17 -33.72 24.90
N GLU B 431 28.35 -33.16 25.13
CA GLU B 431 28.82 -32.90 26.49
C GLU B 431 28.33 -31.55 26.94
N TRP B 432 27.04 -31.48 27.26
CA TRP B 432 26.44 -30.24 27.69
C TRP B 432 27.20 -29.62 28.85
N SER B 433 27.55 -30.44 29.85
CA SER B 433 28.28 -29.98 31.05
C SER B 433 29.61 -29.33 30.71
N TRP B 434 30.25 -29.77 29.64
CA TRP B 434 31.46 -29.13 29.19
C TRP B 434 31.27 -27.65 28.96
N TYR B 435 30.10 -27.29 28.43
CA TYR B 435 29.76 -25.92 28.06
C TYR B 435 29.41 -25.02 29.22
N LYS B 436 29.48 -25.56 30.43
CA LYS B 436 29.47 -24.77 31.63
C LYS B 436 30.75 -23.96 31.78
N GLN B 437 31.84 -24.44 31.17
CA GLN B 437 33.14 -23.80 31.15
C GLN B 437 33.89 -24.13 32.42
N PHE B 438 33.25 -24.05 33.56
CA PHE B 438 33.84 -24.63 34.76
C PHE B 438 32.74 -25.18 35.60
N LYS B 439 33.14 -26.11 36.43
CA LYS B 439 32.23 -26.99 37.15
C LYS B 439 31.16 -26.20 37.87
N ASP B 440 31.56 -25.08 38.45
CA ASP B 440 30.68 -24.29 39.29
C ASP B 440 30.00 -23.13 38.58
N SER B 441 30.13 -23.07 37.24
CA SER B 441 29.40 -22.05 36.48
C SER B 441 27.91 -22.18 36.73
N PRO B 442 27.27 -21.07 37.12
CA PRO B 442 25.83 -21.01 37.09
C PRO B 442 25.24 -21.02 35.66
N TYR B 443 26.09 -20.76 34.66
CA TYR B 443 25.70 -20.58 33.29
C TYR B 443 26.29 -21.63 32.39
N LEU B 444 25.52 -21.96 31.36
CA LEU B 444 26.07 -22.56 30.17
C LEU B 444 26.66 -21.43 29.34
N TYR B 445 27.66 -21.76 28.52
CA TYR B 445 28.19 -20.86 27.50
C TYR B 445 27.81 -21.29 26.09
N TRP B 446 27.72 -20.28 25.23
CA TRP B 446 27.30 -20.42 23.85
C TRP B 446 28.32 -21.20 23.02
N HIS B 447 29.59 -20.88 23.17
CA HIS B 447 30.60 -21.43 22.28
C HIS B 447 31.71 -22.08 23.01
N TRP B 448 32.41 -22.97 22.32
CA TRP B 448 33.75 -23.41 22.71
C TRP B 448 34.54 -23.63 21.44
N SER B 449 35.73 -23.02 21.37
CA SER B 449 36.66 -23.20 20.26
C SER B 449 37.71 -24.27 20.58
N PRO B 450 38.01 -25.16 19.62
CA PRO B 450 39.05 -26.15 19.87
C PRO B 450 40.42 -25.53 20.10
N ASP B 451 40.69 -24.37 19.50
CA ASP B 451 42.00 -23.70 19.59
C ASP B 451 41.98 -22.38 20.36
N GLN B 452 40.80 -21.81 20.55
CA GLN B 452 40.65 -20.54 21.25
C GLN B 452 39.76 -20.66 22.47
N ALA B 453 39.45 -21.89 22.87
CA ALA B 453 38.73 -22.15 24.11
C ALA B 453 37.49 -21.26 24.23
N TRP B 454 37.35 -20.53 25.33
CA TRP B 454 36.13 -19.80 25.68
C TRP B 454 36.19 -18.31 25.33
N VAL B 455 36.95 -17.98 24.28
CA VAL B 455 37.20 -16.59 23.91
C VAL B 455 35.93 -15.81 23.67
N ILE B 456 34.91 -16.41 23.02
CA ILE B 456 33.69 -15.65 22.75
C ILE B 456 32.98 -15.40 24.07
N ASN B 457 32.96 -16.42 24.93
CA ASN B 457 32.60 -16.19 26.32
C ASN B 457 31.20 -15.60 26.50
N HIS B 458 30.23 -16.10 25.74
CA HIS B 458 28.85 -15.58 25.75
C HIS B 458 28.01 -16.54 26.62
N LYS B 459 27.56 -16.05 27.77
CA LYS B 459 26.74 -16.84 28.67
C LYS B 459 25.34 -16.97 28.08
N LEU B 460 24.71 -18.13 28.28
CA LEU B 460 23.32 -18.32 27.93
C LEU B 460 22.40 -17.84 29.06
N ILE B 461 21.75 -16.72 28.78
CA ILE B 461 20.94 -16.02 29.73
C ILE B 461 19.66 -15.62 29.05
N GLY B 462 18.56 -16.10 29.60
CA GLY B 462 17.22 -15.80 29.11
C GLY B 462 16.70 -14.55 29.78
N TRP B 463 15.57 -13.98 29.34
CA TRP B 463 14.78 -14.45 28.22
C TRP B 463 15.53 -14.20 26.94
N ASN B 464 15.71 -15.25 26.17
CA ASN B 464 16.10 -15.15 24.78
C ASN B 464 15.71 -16.47 24.12
N GLU B 465 16.34 -16.82 23.01
CA GLU B 465 15.96 -18.01 22.23
C GLU B 465 16.50 -19.33 22.77
N THR B 466 17.33 -19.26 23.82
CA THR B 466 18.13 -20.39 24.22
C THR B 466 17.51 -21.26 25.32
N MET B 467 16.22 -21.14 25.63
CA MET B 467 15.64 -22.01 26.65
C MET B 467 15.96 -23.49 26.37
N ILE B 468 15.84 -23.88 25.12
CA ILE B 468 15.95 -25.28 24.75
C ILE B 468 17.37 -25.80 24.98
N THR B 469 18.34 -24.88 24.96
CA THR B 469 19.71 -25.23 25.18
C THR B 469 19.90 -25.71 26.61
N TYR B 470 19.31 -24.99 27.54
CA TYR B 470 19.27 -25.44 28.92
C TYR B 470 18.42 -26.67 29.09
N MET B 471 17.27 -26.70 28.43
CA MET B 471 16.40 -27.85 28.51
C MET B 471 17.20 -29.08 28.15
N LEU B 472 17.79 -29.07 26.95
CA LEU B 472 18.50 -30.24 26.47
C LEU B 472 19.73 -30.54 27.32
N ALA B 473 20.45 -29.51 27.77
CA ALA B 473 21.58 -29.73 28.68
C ALA B 473 21.14 -30.48 29.94
N ILE B 474 19.95 -30.18 30.42
CA ILE B 474 19.41 -30.78 31.62
C ILE B 474 18.87 -32.17 31.28
N MET B 475 18.33 -32.33 30.07
CA MET B 475 17.86 -33.62 29.60
C MET B 475 18.96 -34.61 29.25
N GLY B 476 20.15 -34.13 28.93
CA GLY B 476 21.26 -34.98 28.54
C GLY B 476 21.43 -36.13 29.53
N PRO B 477 21.40 -37.39 29.05
CA PRO B 477 21.47 -38.51 29.98
C PRO B 477 22.84 -38.78 30.58
N LYS B 478 23.91 -38.49 29.84
CA LYS B 478 25.26 -38.79 30.28
C LYS B 478 25.96 -37.52 30.75
N TYR B 479 25.93 -36.47 29.94
CA TYR B 479 26.66 -35.26 30.26
C TYR B 479 25.71 -34.14 30.62
N GLY B 480 24.60 -34.49 31.27
CA GLY B 480 23.61 -33.53 31.70
C GLY B 480 24.17 -32.53 32.69
N ILE B 481 23.50 -31.38 32.76
CA ILE B 481 23.77 -30.41 33.77
C ILE B 481 22.60 -30.48 34.75
N SER B 482 22.82 -29.91 35.92
CA SER B 482 21.84 -29.93 36.98
C SER B 482 20.63 -29.07 36.61
N PRO B 483 19.42 -29.50 36.98
CA PRO B 483 18.25 -28.70 36.63
C PRO B 483 18.24 -27.29 37.27
N GLU B 484 18.98 -27.13 38.38
CA GLU B 484 19.19 -25.81 39.00
C GLU B 484 19.78 -24.80 38.05
N MET B 485 20.53 -25.28 37.06
CA MET B 485 21.09 -24.41 36.01
C MET B 485 20.01 -23.65 35.24
N TYR B 486 18.83 -24.21 35.15
CA TYR B 486 17.71 -23.48 34.59
C TYR B 486 17.54 -22.15 35.31
N TYR B 487 17.58 -22.17 36.63
CA TYR B 487 17.42 -20.95 37.41
C TYR B 487 18.69 -20.18 37.62
N SER B 488 19.82 -20.87 37.80
CA SER B 488 21.09 -20.20 38.07
C SER B 488 21.63 -19.55 36.80
N GLY B 489 21.27 -20.11 35.64
CA GLY B 489 21.83 -19.69 34.38
C GLY B 489 20.84 -18.93 33.57
N TRP B 490 20.01 -19.71 32.86
CA TRP B 490 18.92 -19.23 32.02
C TRP B 490 18.15 -18.11 32.69
N ALA B 491 17.65 -18.37 33.91
CA ALA B 491 16.86 -17.36 34.64
C ALA B 491 17.63 -16.72 35.80
N SER B 492 18.94 -16.57 35.62
CA SER B 492 19.84 -16.00 36.63
C SER B 492 19.33 -14.68 37.10
N GLN B 493 19.31 -14.51 38.43
CA GLN B 493 18.95 -13.24 39.06
C GLN B 493 20.17 -12.39 39.33
N GLU B 494 21.37 -12.89 39.04
CA GLU B 494 22.62 -12.12 39.28
C GLU B 494 22.63 -10.80 38.54
N GLU B 495 23.42 -9.88 39.09
CA GLU B 495 23.53 -8.54 38.57
C GLU B 495 24.10 -8.61 37.15
N TYR B 496 25.10 -9.47 36.93
CA TYR B 496 25.64 -9.68 35.59
C TYR B 496 24.54 -10.01 34.58
N ALA B 497 23.64 -10.93 34.94
CA ALA B 497 22.56 -11.37 34.04
C ALA B 497 21.56 -10.26 33.81
N GLN B 498 21.35 -9.45 34.84
CA GLN B 498 20.49 -8.27 34.73
C GLN B 498 21.03 -7.25 33.73
N GLU B 499 22.34 -7.03 33.76
CA GLU B 499 23.02 -6.11 32.84
C GLU B 499 23.06 -6.67 31.42
N TYR B 500 23.19 -7.99 31.30
CA TYR B 500 23.19 -8.65 29.99
C TYR B 500 21.87 -8.38 29.29
N ARG B 501 20.79 -8.57 30.02
CA ARG B 501 19.45 -8.40 29.51
C ARG B 501 19.18 -6.98 29.14
N ALA B 502 19.50 -6.08 30.06
CA ALA B 502 19.37 -4.64 29.82
C ALA B 502 20.29 -4.16 28.70
N ASP B 503 21.46 -4.78 28.55
CA ASP B 503 22.37 -4.39 27.47
C ASP B 503 21.77 -4.63 26.05
N TRP B 504 21.11 -5.76 25.81
CA TRP B 504 20.54 -5.98 24.47
C TRP B 504 19.12 -5.43 24.38
N GLY B 505 18.34 -5.60 25.43
CA GLY B 505 17.00 -5.07 25.45
C GLY B 505 16.90 -3.56 25.43
N ARG B 506 17.93 -2.88 25.94
CA ARG B 506 17.98 -1.42 26.02
C ARG B 506 16.93 -0.86 26.94
N VAL B 507 16.44 -1.69 27.87
CA VAL B 507 15.42 -1.30 28.83
C VAL B 507 15.66 -2.15 30.04
N GLU B 508 15.10 -1.69 31.15
CA GLU B 508 15.21 -2.39 32.44
C GLU B 508 14.23 -3.53 32.49
N ASP B 509 13.18 -3.46 31.68
CA ASP B 509 12.10 -4.44 31.71
C ASP B 509 12.67 -5.82 31.51
N GLY B 510 12.31 -6.74 32.40
CA GLY B 510 12.72 -8.12 32.28
C GLY B 510 14.15 -8.40 32.64
N LYS B 511 14.87 -7.41 33.20
CA LYS B 511 16.26 -7.63 33.60
C LYS B 511 16.37 -8.67 34.72
N MET B 512 15.28 -8.84 35.48
CA MET B 512 15.17 -9.87 36.54
C MET B 512 14.66 -11.24 36.03
N TYR B 513 14.68 -11.43 34.71
CA TYR B 513 14.10 -12.61 34.02
C TYR B 513 12.60 -12.45 33.95
N THR B 514 11.98 -12.50 35.11
CA THR B 514 10.63 -12.03 35.29
C THR B 514 10.57 -10.58 34.84
N ASN B 515 9.39 -10.15 34.43
CA ASN B 515 9.22 -8.82 33.89
C ASN B 515 8.15 -8.11 34.72
N GLY B 516 6.91 -8.54 34.58
CA GLY B 516 5.84 -7.98 35.38
C GLY B 516 5.22 -6.72 34.82
N ASN B 517 5.76 -6.17 33.74
CA ASN B 517 5.14 -5.02 33.08
C ASN B 517 4.05 -5.48 32.15
N THR B 518 3.18 -4.54 31.82
CA THR B 518 2.07 -4.76 30.92
C THR B 518 2.39 -4.02 29.61
N TYR B 519 2.19 -4.72 28.49
CA TYR B 519 2.37 -4.15 27.14
C TYR B 519 1.16 -4.52 26.32
N TYR B 520 0.48 -3.51 25.79
CA TYR B 520 -0.74 -3.71 24.99
C TYR B 520 -1.78 -4.55 25.73
N GLY B 521 -1.90 -4.29 27.02
CA GLY B 521 -2.87 -4.96 27.86
C GLY B 521 -2.47 -6.32 28.38
N GLU B 522 -1.34 -6.85 27.92
CA GLU B 522 -0.88 -8.18 28.28
C GLU B 522 0.20 -8.04 29.34
N ASN B 523 -0.02 -8.67 30.49
CA ASN B 523 0.94 -8.61 31.55
C ASN B 523 1.94 -9.71 31.29
N LEU B 524 3.18 -9.31 31.07
CA LEU B 524 4.25 -10.22 30.69
C LEU B 524 5.00 -10.67 31.93
N LYS B 525 4.74 -11.91 32.33
CA LYS B 525 5.38 -12.47 33.52
C LYS B 525 6.88 -12.61 33.33
N VAL B 526 7.29 -13.05 32.15
CA VAL B 526 8.68 -13.25 31.85
C VAL B 526 9.03 -12.54 30.56
N GLY B 527 10.24 -12.01 30.48
CA GLY B 527 10.80 -11.58 29.20
C GLY B 527 11.49 -10.23 29.26
N VAL B 528 12.58 -10.12 28.52
CA VAL B 528 13.30 -8.89 28.37
C VAL B 528 12.45 -7.99 27.50
N SER B 529 12.36 -6.73 27.91
CA SER B 529 11.60 -5.71 27.18
C SER B 529 10.15 -6.20 27.03
N ASN B 530 9.55 -6.07 25.85
CA ASN B 530 8.22 -6.67 25.62
C ASN B 530 8.25 -8.00 24.88
N GLY B 531 9.39 -8.71 24.94
CA GLY B 531 9.51 -10.08 24.43
C GLY B 531 10.72 -10.36 23.59
N GLY B 532 11.32 -9.29 23.06
CA GLY B 532 12.41 -9.42 22.12
C GLY B 532 11.89 -9.80 20.74
N PRO B 533 12.81 -10.13 19.83
CA PRO B 533 12.39 -10.62 18.54
C PRO B 533 11.49 -11.81 18.70
N LEU B 534 10.48 -11.89 17.85
CA LEU B 534 9.46 -12.89 18.02
C LEU B 534 9.95 -14.34 17.84
N PHE B 535 11.06 -14.54 17.12
CA PHE B 535 11.60 -15.90 16.99
C PHE B 535 11.93 -16.52 18.34
N PHE B 536 12.08 -15.69 19.38
CA PHE B 536 12.27 -16.21 20.74
C PHE B 536 11.17 -17.21 21.18
N ILE B 537 9.93 -16.97 20.77
CA ILE B 537 8.84 -17.90 21.05
C ILE B 537 8.70 -19.07 20.04
N HIS B 538 9.66 -19.20 19.14
CA HIS B 538 9.61 -20.22 18.12
C HIS B 538 10.65 -21.29 18.33
N TYR B 539 11.93 -20.91 18.36
CA TYR B 539 12.99 -21.88 18.14
C TYR B 539 13.03 -22.96 19.21
N SER B 540 12.92 -22.51 20.46
CA SER B 540 12.93 -23.41 21.63
C SER B 540 11.61 -24.13 21.84
N TYR B 541 10.64 -23.85 20.99
CA TYR B 541 9.27 -24.27 21.19
C TYR B 541 8.73 -24.99 19.95
N LEU B 542 9.64 -25.49 19.12
CA LEU B 542 9.27 -26.30 17.98
C LEU B 542 8.97 -27.68 18.46
N GLY B 543 9.76 -28.12 19.44
CA GLY B 543 9.72 -29.48 19.95
C GLY B 543 9.25 -29.43 21.37
N LEU B 544 9.92 -28.62 22.19
CA LEU B 544 9.45 -28.35 23.51
C LEU B 544 8.07 -27.71 23.38
N ASP B 545 7.09 -28.37 23.97
CA ASP B 545 5.73 -27.89 23.95
C ASP B 545 5.58 -26.86 25.06
N PRO B 546 5.38 -25.58 24.70
CA PRO B 546 5.34 -24.57 25.74
C PRO B 546 4.12 -24.70 26.67
N HIS B 547 3.07 -25.40 26.21
CA HIS B 547 1.93 -25.74 27.05
C HIS B 547 2.36 -26.61 28.22
N LYS B 548 3.40 -27.41 28.04
CA LYS B 548 3.75 -28.44 28.99
C LYS B 548 5.03 -28.12 29.70
N PHE B 549 5.39 -26.85 29.75
CA PHE B 549 6.48 -26.44 30.59
C PHE B 549 6.11 -25.17 31.31
N THR B 550 6.17 -25.26 32.63
CA THR B 550 5.83 -24.19 33.55
C THR B 550 6.96 -24.14 34.55
N ASP B 551 7.59 -22.97 34.69
CA ASP B 551 8.62 -22.78 35.70
C ASP B 551 7.97 -22.09 36.91
N LYS B 552 8.75 -21.65 37.88
CA LYS B 552 8.15 -21.00 39.05
C LYS B 552 7.50 -19.68 38.68
N TYR B 553 7.84 -19.15 37.51
CA TYR B 553 7.36 -17.83 37.08
C TYR B 553 6.16 -17.85 36.17
N THR B 554 6.11 -18.78 35.23
CA THR B 554 5.01 -18.83 34.28
C THR B 554 4.94 -20.14 33.56
N ASN B 555 3.78 -20.40 33.00
CA ASN B 555 3.64 -21.38 31.94
C ASN B 555 4.10 -20.68 30.64
N TYR B 556 4.83 -21.39 29.79
CA TYR B 556 5.43 -20.77 28.61
C TYR B 556 4.53 -20.63 27.40
N PHE B 557 3.52 -21.48 27.23
CA PHE B 557 2.55 -21.17 26.21
C PHE B 557 1.88 -19.84 26.57
N GLU B 558 1.40 -19.74 27.81
CA GLU B 558 0.77 -18.49 28.27
C GLU B 558 1.68 -17.29 27.97
N ASN B 559 2.95 -17.40 28.36
CA ASN B 559 3.86 -16.26 28.28
C ASN B 559 4.29 -15.94 26.84
N ASN B 560 4.65 -16.97 26.10
CA ASN B 560 4.98 -16.85 24.69
C ASN B 560 3.80 -16.27 23.92
N GLN B 561 2.61 -16.80 24.17
CA GLN B 561 1.40 -16.29 23.50
C GLN B 561 1.20 -14.77 23.72
N LYS B 562 1.53 -14.28 24.90
CA LYS B 562 1.49 -12.85 25.15
C LYS B 562 2.48 -12.07 24.34
N MET B 563 3.68 -12.62 24.14
CA MET B 563 4.65 -12.00 23.27
C MET B 563 4.15 -11.89 21.85
N ALA B 564 3.52 -12.96 21.36
CA ALA B 564 2.92 -12.91 20.06
C ALA B 564 1.88 -11.80 20.00
N LYS B 565 1.01 -11.77 20.99
CA LYS B 565 -0.09 -10.81 20.99
C LYS B 565 0.46 -9.39 21.12
N ILE B 566 1.49 -9.22 21.94
CA ILE B 566 2.11 -7.93 22.14
C ILE B 566 2.68 -7.42 20.83
N ASN B 567 3.39 -8.32 20.14
CA ASN B 567 3.98 -8.03 18.86
C ASN B 567 2.90 -7.65 17.82
N GLN B 568 1.86 -8.46 17.70
CA GLN B 568 0.80 -8.09 16.80
C GLN B 568 0.26 -6.71 17.15
N ARG B 569 0.06 -6.45 18.44
CA ARG B 569 -0.62 -5.24 18.84
C ARG B 569 0.26 -4.02 18.61
N TYR B 570 1.55 -4.16 18.85
CA TYR B 570 2.51 -3.17 18.44
C TYR B 570 2.34 -2.84 16.95
N CYS B 571 2.27 -3.89 16.16
CA CYS B 571 2.22 -3.76 14.71
C CYS B 571 0.90 -3.17 14.22
N ILE B 572 -0.21 -3.52 14.86
CA ILE B 572 -1.48 -2.87 14.52
C ILE B 572 -1.37 -1.39 14.84
N GLU B 573 -0.96 -1.09 16.07
CA GLU B 573 -0.78 0.28 16.50
C GLU B 573 0.13 1.06 15.56
N ASN B 574 1.23 0.42 15.15
CA ASN B 574 2.14 0.95 14.14
C ASN B 574 2.63 2.36 14.43
N GLN B 575 3.21 2.53 15.60
CA GLN B 575 3.81 3.80 15.96
C GLN B 575 4.71 4.40 14.87
N GLY B 576 5.49 3.57 14.19
CA GLY B 576 6.42 4.09 13.18
C GLY B 576 5.77 4.48 11.85
N GLY B 577 4.46 4.25 11.71
CA GLY B 577 3.71 4.53 10.51
C GLY B 577 4.20 3.71 9.33
N TYR B 578 4.76 2.53 9.59
CA TYR B 578 5.37 1.76 8.54
C TYR B 578 4.30 1.19 7.64
N VAL B 579 4.60 1.16 6.35
CA VAL B 579 3.59 0.80 5.36
C VAL B 579 3.25 -0.70 5.50
N GLY B 580 1.95 -0.98 5.57
CA GLY B 580 1.41 -2.32 5.49
C GLY B 580 1.28 -3.02 6.83
N TYR B 581 1.76 -2.42 7.92
CA TYR B 581 1.66 -3.03 9.25
C TYR B 581 0.20 -3.03 9.70
N GLY B 582 -0.20 -4.12 10.33
CA GLY B 582 -1.56 -4.20 10.80
C GLY B 582 -1.82 -5.55 11.37
N GLU B 583 -3.10 -5.81 11.55
CA GLU B 583 -3.56 -7.05 12.11
C GLU B 583 -3.09 -8.31 11.36
N ASP B 584 -2.88 -8.15 10.05
CA ASP B 584 -2.49 -9.18 9.15
C ASP B 584 -1.07 -9.04 8.67
N CYS B 585 -0.29 -8.21 9.35
CA CYS B 585 1.07 -7.97 8.96
C CYS B 585 1.82 -7.56 10.19
N TRP B 586 2.40 -8.56 10.83
CA TRP B 586 2.88 -8.40 12.16
C TRP B 586 3.85 -9.52 12.42
N GLY B 587 4.63 -9.39 13.48
CA GLY B 587 5.57 -10.45 13.84
C GLY B 587 6.99 -10.03 13.63
N LEU B 588 7.32 -8.86 14.14
CA LEU B 588 8.65 -8.35 14.08
C LEU B 588 9.64 -9.30 14.73
N THR B 589 10.71 -9.57 14.01
CA THR B 589 11.69 -10.54 14.43
C THR B 589 12.95 -10.36 13.60
N ALA B 590 13.92 -11.22 13.84
CA ALA B 590 15.20 -11.09 13.17
C ALA B 590 15.16 -11.56 11.73
N SER B 591 15.87 -10.80 10.90
CA SER B 591 16.21 -11.20 9.53
C SER B 591 17.33 -10.34 9.01
N ASP B 592 17.95 -10.77 7.93
CA ASP B 592 18.76 -9.83 7.17
C ASP B 592 17.81 -8.79 6.59
N PHE B 593 18.26 -7.54 6.63
CA PHE B 593 17.63 -6.47 5.90
C PHE B 593 18.57 -6.10 4.76
N ALA B 594 18.62 -4.86 4.32
CA ALA B 594 19.19 -4.53 3.03
C ALA B 594 20.72 -4.58 3.04
N TRP B 595 21.30 -4.13 4.15
CA TRP B 595 22.76 -4.03 4.31
C TRP B 595 23.33 -4.80 5.51
N ASN B 596 22.49 -5.22 6.45
CA ASN B 596 22.96 -5.92 7.66
C ASN B 596 21.85 -6.77 8.22
N TYR B 597 22.25 -7.64 9.13
CA TYR B 597 21.34 -8.37 9.98
C TYR B 597 20.72 -7.43 10.95
N GLN B 598 19.45 -7.68 11.26
CA GLN B 598 18.75 -6.91 12.31
C GLN B 598 17.85 -7.83 13.13
N ALA B 599 17.82 -7.60 14.43
CA ALA B 599 17.01 -8.38 15.34
C ALA B 599 15.81 -7.54 15.74
N GLN B 600 14.80 -7.49 14.88
CA GLN B 600 13.69 -6.55 15.08
C GLN B 600 12.79 -7.01 16.21
N GLU B 601 12.12 -6.04 16.83
CA GLU B 601 11.25 -6.28 17.97
C GLU B 601 10.10 -5.32 17.84
N PRO B 602 8.99 -5.57 18.58
CA PRO B 602 7.93 -4.59 18.66
C PRO B 602 8.33 -3.46 19.64
N MET B 603 9.37 -2.75 19.24
CA MET B 603 9.90 -1.60 19.95
C MET B 603 10.38 -0.63 18.87
N PRO B 604 10.13 0.69 19.04
CA PRO B 604 10.54 1.69 18.05
C PRO B 604 11.99 1.56 17.57
N HIS B 605 12.91 1.38 18.50
CA HIS B 605 14.34 1.32 18.21
C HIS B 605 14.77 -0.01 17.53
N ARG B 606 13.86 -0.95 17.37
CA ARG B 606 14.12 -2.22 16.64
C ARG B 606 13.02 -2.48 15.62
N ASP B 607 12.56 -1.42 14.98
CA ASP B 607 11.53 -1.54 13.96
C ASP B 607 11.81 -0.43 12.98
N ASN B 608 11.90 -0.80 11.71
CA ASN B 608 12.18 0.13 10.61
C ASN B 608 11.30 -0.18 9.41
N GLY B 609 10.17 -0.85 9.60
CA GLY B 609 9.29 -1.23 8.51
C GLY B 609 9.49 -2.61 7.94
N THR B 610 10.49 -3.33 8.44
CA THR B 610 10.84 -4.63 7.91
C THR B 610 10.09 -5.69 8.69
N MET B 611 9.39 -6.54 7.93
CA MET B 611 8.58 -7.60 8.49
C MET B 611 9.05 -8.89 7.88
N ALA B 612 9.37 -9.84 8.76
CA ALA B 612 9.83 -11.14 8.37
C ALA B 612 8.65 -12.05 8.55
N PRO B 613 8.13 -12.58 7.45
CA PRO B 613 6.95 -13.42 7.52
C PRO B 613 7.01 -14.52 8.56
N THR B 614 8.19 -15.07 8.80
CA THR B 614 8.32 -16.14 9.80
C THR B 614 7.80 -15.73 11.18
N GLY B 615 7.88 -14.43 11.51
CA GLY B 615 7.36 -13.87 12.74
C GLY B 615 5.93 -14.24 13.04
N ALA B 616 5.01 -13.86 12.18
CA ALA B 616 3.59 -14.22 12.36
C ALA B 616 3.34 -15.71 12.13
N LEU B 617 3.97 -16.27 11.10
CA LEU B 617 3.59 -17.60 10.64
C LEU B 617 4.04 -18.69 11.58
N ALA B 618 5.26 -18.59 12.09
CA ALA B 618 5.72 -19.55 13.09
C ALA B 618 5.06 -19.36 14.48
N SER B 619 4.27 -18.29 14.63
CA SER B 619 3.50 -18.02 15.83
C SER B 619 2.13 -18.66 15.81
N PHE B 620 1.83 -19.36 14.71
CA PHE B 620 0.57 -20.07 14.57
C PHE B 620 -0.04 -20.71 15.81
N PRO B 621 0.70 -21.56 16.52
CA PRO B 621 0.09 -22.22 17.68
C PRO B 621 -0.34 -21.29 18.79
N TYR B 622 0.32 -20.14 18.89
CA TYR B 622 -0.03 -19.13 19.86
C TYR B 622 -1.21 -18.25 19.44
N THR B 623 -1.19 -17.80 18.21
CA THR B 623 -2.13 -16.80 17.74
C THR B 623 -2.68 -17.25 16.37
N PRO B 624 -3.42 -18.36 16.37
CA PRO B 624 -3.79 -18.96 15.09
C PRO B 624 -4.55 -18.04 14.17
N ASP B 625 -5.56 -17.34 14.68
CA ASP B 625 -6.30 -16.39 13.88
C ASP B 625 -5.40 -15.28 13.30
N ALA B 626 -4.65 -14.60 14.18
CA ALA B 626 -3.75 -13.53 13.75
C ALA B 626 -2.69 -14.04 12.76
N SER B 627 -2.19 -15.25 13.00
CA SER B 627 -1.20 -15.83 12.13
C SER B 627 -1.84 -16.20 10.76
N MET B 628 -3.08 -16.64 10.77
CA MET B 628 -3.77 -17.02 9.53
C MET B 628 -4.08 -15.78 8.74
N LYS B 629 -4.38 -14.69 9.43
CA LYS B 629 -4.55 -13.39 8.75
C LYS B 629 -3.28 -12.94 8.04
N ALA B 630 -2.16 -13.02 8.72
CA ALA B 630 -0.88 -12.74 8.09
C ALA B 630 -0.69 -13.61 6.89
N LEU B 631 -0.86 -14.91 7.07
CA LEU B 631 -0.64 -15.81 5.96
C LEU B 631 -1.48 -15.37 4.76
N ARG B 632 -2.77 -15.16 4.97
CA ARG B 632 -3.67 -14.80 3.86
C ARG B 632 -3.21 -13.53 3.17
N ASN B 633 -2.83 -12.55 3.98
CA ASN B 633 -2.36 -11.27 3.50
C ASN B 633 -1.03 -11.43 2.73
N TYR B 634 -0.07 -12.08 3.37
CA TYR B 634 1.24 -12.25 2.77
C TYR B 634 1.11 -12.92 1.42
N TYR B 635 0.28 -13.95 1.33
CA TYR B 635 0.11 -14.67 0.09
C TYR B 635 -0.75 -13.91 -0.93
N ARG B 636 -1.99 -13.60 -0.55
CA ARG B 636 -2.96 -13.07 -1.52
C ARG B 636 -2.71 -11.64 -1.89
N ASN B 637 -2.25 -10.83 -0.94
CA ASN B 637 -2.04 -9.42 -1.23
C ASN B 637 -0.61 -9.09 -1.59
N HIS B 638 0.34 -9.71 -0.90
CA HIS B 638 1.77 -9.42 -1.09
C HIS B 638 2.50 -10.51 -1.84
N GLY B 639 1.78 -11.53 -2.29
CA GLY B 639 2.41 -12.69 -2.88
C GLY B 639 3.22 -12.43 -4.11
N SER B 640 2.84 -11.41 -4.88
CA SER B 640 3.53 -11.05 -6.13
C SER B 640 5.01 -10.83 -5.92
N PHE B 641 5.39 -10.24 -4.79
CA PHE B 641 6.78 -10.07 -4.42
C PHE B 641 7.24 -10.98 -3.29
N LEU B 642 6.33 -11.35 -2.39
CA LEU B 642 6.66 -12.02 -1.13
C LEU B 642 6.60 -13.56 -1.15
N TRP B 643 5.79 -14.11 -2.06
CA TRP B 643 5.66 -15.57 -2.20
C TRP B 643 6.63 -16.12 -3.23
N GLY B 644 7.48 -17.02 -2.80
CA GLY B 644 8.51 -17.56 -3.63
C GLY B 644 8.48 -19.07 -3.63
N GLU B 645 9.54 -19.61 -4.20
CA GLU B 645 9.70 -21.02 -4.45
C GLU B 645 9.86 -21.81 -3.16
N TYR B 646 10.47 -21.19 -2.15
CA TYR B 646 10.67 -21.84 -0.87
C TYR B 646 9.82 -21.25 0.25
N GLY B 647 8.68 -20.71 -0.12
CA GLY B 647 7.73 -20.14 0.81
C GLY B 647 7.79 -18.64 0.69
N PHE B 648 7.44 -17.96 1.76
CA PHE B 648 7.53 -16.52 1.78
C PHE B 648 8.98 -16.14 1.84
N ARG B 649 9.29 -15.08 1.12
CA ARG B 649 10.61 -14.51 1.17
C ARG B 649 10.90 -14.07 2.61
N ASP B 650 12.17 -13.98 2.93
CA ASP B 650 12.59 -13.88 4.31
C ASP B 650 12.03 -12.66 5.03
N ALA B 651 11.91 -11.55 4.32
CA ALA B 651 11.55 -10.28 4.93
C ALA B 651 11.16 -9.33 3.82
N PHE B 652 10.36 -8.35 4.19
CA PHE B 652 10.01 -7.31 3.24
C PHE B 652 9.81 -6.02 3.98
N ASN B 653 9.94 -4.93 3.24
CA ASN B 653 9.77 -3.62 3.82
C ASN B 653 9.08 -2.76 2.78
N LEU B 654 7.78 -2.62 2.95
CA LEU B 654 6.97 -1.82 2.03
C LEU B 654 7.28 -0.36 2.16
N THR B 655 7.78 0.09 3.30
CA THR B 655 8.11 1.50 3.43
C THR B 655 9.21 1.92 2.49
N VAL B 656 10.29 1.15 2.43
CA VAL B 656 11.40 1.45 1.53
C VAL B 656 11.37 0.62 0.25
N ASN B 657 10.33 -0.21 0.11
CA ASN B 657 10.07 -0.95 -1.13
C ASN B 657 11.17 -1.96 -1.39
N TRP B 658 11.40 -2.80 -0.40
CA TRP B 658 12.46 -3.77 -0.40
C TRP B 658 11.87 -5.12 -0.03
N VAL B 659 12.43 -6.17 -0.62
CA VAL B 659 12.13 -7.52 -0.17
C VAL B 659 13.41 -8.30 -0.21
N SER B 660 13.53 -9.25 0.70
CA SER B 660 14.74 -10.04 0.85
C SER B 660 15.03 -10.82 -0.41
N PRO B 661 16.30 -10.83 -0.86
CA PRO B 661 16.65 -11.70 -1.97
C PRO B 661 16.89 -13.15 -1.61
N LEU B 662 16.60 -13.55 -0.37
CA LEU B 662 16.93 -14.91 0.07
C LEU B 662 15.81 -15.53 0.84
N PHE B 663 15.99 -16.82 1.03
CA PHE B 663 15.26 -17.62 1.99
C PHE B 663 16.28 -18.07 2.96
N MET B 664 15.86 -18.15 4.21
CA MET B 664 16.75 -18.34 5.33
C MET B 664 16.42 -19.65 6.01
N GLY B 665 17.45 -20.45 6.26
CA GLY B 665 17.29 -21.74 6.89
C GLY B 665 16.56 -21.64 8.20
N LEU B 666 16.83 -20.58 8.94
CA LEU B 666 16.25 -20.40 10.25
C LEU B 666 14.77 -20.08 10.21
N ASN B 667 14.32 -19.42 9.16
CA ASN B 667 13.00 -18.80 9.17
C ASN B 667 11.90 -19.63 8.50
N GLN B 668 12.26 -20.57 7.65
CA GLN B 668 11.26 -21.29 6.85
C GLN B 668 10.76 -22.43 7.65
N ALA B 669 11.65 -23.27 8.15
CA ALA B 669 11.21 -24.48 8.88
C ALA B 669 10.24 -24.19 10.02
N PRO B 670 10.51 -23.14 10.84
CA PRO B 670 9.59 -22.91 11.95
C PRO B 670 8.20 -22.61 11.48
N VAL B 671 8.08 -22.12 10.25
CA VAL B 671 6.74 -21.93 9.72
C VAL B 671 6.05 -23.29 9.52
N THR B 672 6.73 -24.18 8.84
CA THR B 672 6.18 -25.54 8.61
C THR B 672 5.86 -26.22 9.91
N VAL B 673 6.80 -26.11 10.85
CA VAL B 673 6.75 -26.88 12.05
C VAL B 673 5.67 -26.37 12.99
N MET B 674 5.65 -25.05 13.20
CA MET B 674 4.68 -24.44 14.10
C MET B 674 3.28 -24.45 13.51
N ILE B 675 3.17 -24.34 12.20
CA ILE B 675 1.86 -24.63 11.59
C ILE B 675 1.46 -26.04 11.96
N GLU B 676 2.39 -26.99 11.85
CA GLU B 676 2.08 -28.37 12.19
C GLU B 676 1.71 -28.55 13.65
N ASN B 677 2.44 -27.87 14.55
CA ASN B 677 2.12 -27.95 15.96
C ASN B 677 0.74 -27.40 16.21
N TYR B 678 0.38 -26.34 15.52
CA TYR B 678 -1.00 -25.82 15.63
C TYR B 678 -2.02 -26.85 15.13
N ARG B 679 -1.75 -27.50 14.02
CA ARG B 679 -2.75 -28.38 13.37
C ARG B 679 -2.96 -29.70 14.08
N THR B 680 -1.85 -30.30 14.51
CA THR B 680 -1.88 -31.64 15.08
C THR B 680 -1.02 -31.83 16.33
N ASN B 681 -0.31 -30.81 16.82
CA ASN B 681 0.69 -30.98 17.90
C ASN B 681 1.79 -31.99 17.59
N LEU B 682 2.03 -32.29 16.32
CA LEU B 682 2.88 -33.40 15.96
C LEU B 682 4.29 -33.32 16.56
N LEU B 683 4.98 -32.22 16.30
CA LEU B 683 6.38 -32.11 16.67
C LEU B 683 6.51 -32.03 18.18
N TRP B 684 5.62 -31.27 18.79
CA TRP B 684 5.48 -31.25 20.22
C TRP B 684 5.33 -32.64 20.79
N ASN B 685 4.34 -33.37 20.29
CA ASN B 685 4.01 -34.68 20.85
C ASN B 685 5.17 -35.65 20.70
N LEU B 686 5.88 -35.57 19.57
CA LEU B 686 7.08 -36.38 19.39
C LEU B 686 8.20 -36.01 20.37
N PHE B 687 8.63 -34.76 20.35
CA PHE B 687 9.68 -34.32 21.24
C PHE B 687 9.35 -34.69 22.68
N MET B 688 8.15 -34.31 23.09
CA MET B 688 7.69 -34.47 24.45
C MET B 688 7.54 -35.92 24.88
N SER B 689 7.38 -36.85 23.93
CA SER B 689 7.42 -38.28 24.23
C SER B 689 8.80 -38.83 24.52
N HIS B 690 9.86 -38.05 24.28
CA HIS B 690 11.20 -38.59 24.49
C HIS B 690 11.47 -38.72 26.01
N PRO B 691 11.91 -39.91 26.47
CA PRO B 691 12.11 -40.15 27.91
C PRO B 691 13.07 -39.16 28.56
N ASP B 692 14.16 -38.84 27.89
CA ASP B 692 15.13 -37.87 28.42
C ASP B 692 14.48 -36.50 28.54
N VAL B 693 13.63 -36.16 27.56
CA VAL B 693 12.90 -34.89 27.60
C VAL B 693 11.94 -34.87 28.76
N GLN B 694 11.18 -35.93 28.95
CA GLN B 694 10.25 -35.99 30.06
C GLN B 694 10.96 -35.87 31.41
N LYS B 695 12.08 -36.56 31.52
CA LYS B 695 12.83 -36.59 32.75
C LYS B 695 13.37 -35.21 33.08
N GLY B 696 13.89 -34.49 32.08
CA GLY B 696 14.42 -33.15 32.26
C GLY B 696 13.36 -32.14 32.68
N ILE B 697 12.18 -32.25 32.07
CA ILE B 697 11.05 -31.36 32.40
C ILE B 697 10.63 -31.55 33.84
N GLN B 698 10.43 -32.81 34.21
CA GLN B 698 10.03 -33.19 35.55
C GLN B 698 11.03 -32.66 36.59
N LYS B 699 12.31 -32.84 36.34
CA LYS B 699 13.37 -32.35 37.23
C LYS B 699 13.35 -30.86 37.40
N ILE B 700 13.22 -30.12 36.29
CA ILE B 700 13.20 -28.65 36.34
C ILE B 700 11.96 -28.17 37.10
N GLN B 701 10.80 -28.72 36.72
CA GLN B 701 9.51 -28.38 37.35
C GLN B 701 9.42 -28.79 38.83
N SER B 702 10.22 -29.78 39.25
CA SER B 702 10.27 -30.28 40.63
C SER B 702 11.11 -29.44 41.58
N ILE B 703 11.83 -28.44 41.08
CA ILE B 703 12.72 -27.64 41.93
C ILE B 703 11.94 -26.86 42.99
#